data_7XKZ
#
_entry.id   7XKZ
#
_entity_poly.entity_id   1
_entity_poly.type   'polypeptide(L)'
_entity_poly.pdbx_seq_one_letter_code
;MHHHHHHSEIDVEIVAVEREIWSGKATFVFTRTTSGEIGILPHHIPLVAQLVDDAAVKIEREGSDDLWWAIDGGFLSITD
TKVSILAESAQARADIDEAKAKTDSGSEDPRVAAQGRARLRALGQTV
;
_entity_poly.pdbx_strand_id   A
#
# COMPACT_ATOMS: atom_id res chain seq x y z
N SER A 8 14.78 -15.81 -5.36
CA SER A 8 13.84 -14.96 -6.13
C SER A 8 13.30 -13.82 -5.28
N GLU A 9 12.75 -12.81 -5.94
CA GLU A 9 12.21 -11.64 -5.25
C GLU A 9 10.90 -11.19 -5.89
N ILE A 10 10.23 -10.22 -5.27
CA ILE A 10 8.98 -9.70 -5.77
C ILE A 10 9.13 -8.30 -6.32
N ASP A 11 8.85 -8.12 -7.61
CA ASP A 11 8.95 -6.82 -8.25
C ASP A 11 7.74 -5.96 -7.88
N VAL A 12 7.96 -4.99 -7.00
CA VAL A 12 6.89 -4.10 -6.57
C VAL A 12 7.12 -2.67 -7.06
N GLU A 13 6.12 -2.12 -7.73
CA GLU A 13 6.23 -0.75 -8.25
C GLU A 13 4.99 0.06 -7.89
N ILE A 14 5.17 1.05 -7.02
CA ILE A 14 4.08 1.91 -6.60
C ILE A 14 3.94 3.10 -7.54
N VAL A 15 2.92 3.06 -8.40
CA VAL A 15 2.69 4.13 -9.35
C VAL A 15 1.40 4.89 -9.05
N ALA A 16 1.43 6.20 -9.25
CA ALA A 16 0.26 7.03 -9.00
C ALA A 16 -0.25 7.65 -10.31
N VAL A 17 -1.54 7.95 -10.35
CA VAL A 17 -2.15 8.54 -11.53
C VAL A 17 -1.43 9.80 -11.97
N GLU A 18 -0.74 10.44 -11.04
CA GLU A 18 -0.01 11.67 -11.34
C GLU A 18 1.49 11.42 -11.51
N ARG A 19 2.01 10.44 -10.78
CA ARG A 19 3.44 10.13 -10.85
C ARG A 19 3.77 8.84 -10.12
N GLU A 20 4.97 8.32 -10.36
CA GLU A 20 5.42 7.10 -9.72
C GLU A 20 6.12 7.42 -8.40
N ILE A 21 5.97 6.54 -7.42
CA ILE A 21 6.56 6.75 -6.10
C ILE A 21 7.77 5.84 -5.87
N TRP A 22 7.56 4.53 -5.98
CA TRP A 22 8.64 3.57 -5.76
C TRP A 22 8.59 2.44 -6.78
N SER A 23 9.72 1.72 -6.90
CA SER A 23 9.82 0.61 -7.83
C SER A 23 11.08 -0.21 -7.56
N GLY A 24 10.89 -1.47 -7.19
CA GLY A 24 12.02 -2.34 -6.91
C GLY A 24 11.61 -3.76 -6.59
N LYS A 25 12.51 -4.51 -5.96
CA LYS A 25 12.23 -5.90 -5.59
C LYS A 25 12.05 -6.03 -4.07
N ALA A 26 11.30 -7.05 -3.66
CA ALA A 26 11.06 -7.28 -2.24
C ALA A 26 11.11 -8.76 -1.90
N THR A 27 11.08 -9.07 -0.61
CA THR A 27 11.11 -10.45 -0.15
C THR A 27 9.70 -10.93 0.18
N PHE A 28 8.88 -10.02 0.67
CA PHE A 28 7.50 -10.32 1.02
C PHE A 28 6.66 -9.04 1.03
N VAL A 29 5.43 -9.14 0.53
CA VAL A 29 4.54 -7.98 0.49
C VAL A 29 3.12 -8.34 0.88
N PHE A 30 2.46 -7.45 1.60
CA PHE A 30 1.09 -7.66 2.03
C PHE A 30 0.21 -6.47 1.66
N THR A 31 -1.02 -6.74 1.24
CA THR A 31 -1.95 -5.69 0.85
C THR A 31 -3.36 -6.00 1.34
N ARG A 32 -4.23 -4.99 1.28
CA ARG A 32 -5.61 -5.15 1.72
C ARG A 32 -6.58 -4.77 0.61
N THR A 33 -7.50 -5.67 0.29
CA THR A 33 -8.49 -5.43 -0.75
C THR A 33 -9.90 -5.66 -0.22
N THR A 34 -10.89 -5.54 -1.11
CA THR A 34 -12.28 -5.72 -0.73
C THR A 34 -12.50 -7.10 -0.11
N SER A 35 -11.61 -8.04 -0.43
CA SER A 35 -11.71 -9.39 0.11
C SER A 35 -10.82 -9.58 1.33
N GLY A 36 -10.52 -8.48 2.01
CA GLY A 36 -9.68 -8.54 3.20
C GLY A 36 -8.20 -8.41 2.87
N GLU A 37 -7.35 -8.76 3.82
CA GLU A 37 -5.90 -8.68 3.63
C GLU A 37 -5.37 -9.97 2.99
N ILE A 38 -4.26 -9.84 2.27
CA ILE A 38 -3.65 -10.99 1.60
C ILE A 38 -2.14 -10.80 1.47
N GLY A 39 -1.40 -11.91 1.56
CA GLY A 39 0.04 -11.85 1.44
C GLY A 39 0.54 -12.41 0.12
N ILE A 40 1.59 -11.79 -0.42
CA ILE A 40 2.15 -12.24 -1.68
C ILE A 40 3.62 -12.62 -1.53
N LEU A 41 4.00 -13.73 -2.15
CA LEU A 41 5.38 -14.20 -2.08
C LEU A 41 6.01 -14.26 -3.48
N PRO A 42 7.34 -14.25 -3.57
CA PRO A 42 8.05 -14.30 -4.84
C PRO A 42 8.09 -15.72 -5.43
N HIS A 43 6.92 -16.31 -5.62
CA HIS A 43 6.81 -17.65 -6.17
C HIS A 43 5.35 -18.10 -6.25
N HIS A 44 4.48 -17.17 -6.63
CA HIS A 44 3.06 -17.47 -6.75
C HIS A 44 2.55 -17.16 -8.15
N ILE A 45 1.25 -17.34 -8.37
CA ILE A 45 0.64 -17.10 -9.66
C ILE A 45 0.04 -15.69 -9.73
N PRO A 46 -0.18 -15.17 -10.94
CA PRO A 46 -0.75 -13.84 -11.14
C PRO A 46 -2.02 -13.62 -10.34
N LEU A 47 -2.47 -12.37 -10.25
CA LEU A 47 -3.67 -12.04 -9.50
C LEU A 47 -4.04 -10.57 -9.69
N VAL A 48 -5.33 -10.27 -9.60
CA VAL A 48 -5.82 -8.91 -9.76
C VAL A 48 -6.90 -8.59 -8.72
N ALA A 49 -6.57 -7.71 -7.78
CA ALA A 49 -7.52 -7.33 -6.73
C ALA A 49 -7.54 -5.82 -6.54
N GLN A 50 -8.67 -5.31 -6.04
CA GLN A 50 -8.83 -3.88 -5.79
C GLN A 50 -8.62 -3.55 -4.32
N LEU A 51 -7.66 -2.68 -4.04
CA LEU A 51 -7.36 -2.29 -2.67
C LEU A 51 -8.49 -1.42 -2.11
N VAL A 52 -8.60 -1.41 -0.78
CA VAL A 52 -9.64 -0.62 -0.11
C VAL A 52 -9.26 0.85 -0.07
N ASP A 53 -10.13 1.67 0.50
CA ASP A 53 -9.89 3.11 0.60
C ASP A 53 -8.72 3.40 1.53
N ASP A 54 -8.70 2.74 2.69
CA ASP A 54 -7.64 2.92 3.67
C ASP A 54 -6.66 1.76 3.64
N ALA A 55 -6.41 1.23 2.44
CA ALA A 55 -5.51 0.10 2.28
C ALA A 55 -4.06 0.51 2.57
N ALA A 56 -3.29 -0.43 3.12
CA ALA A 56 -1.89 -0.17 3.45
C ALA A 56 -1.01 -1.32 2.96
N VAL A 57 -0.01 -0.98 2.15
CA VAL A 57 0.90 -1.98 1.60
C VAL A 57 2.21 -2.02 2.40
N LYS A 58 2.67 -3.23 2.70
CA LYS A 58 3.91 -3.42 3.43
C LYS A 58 4.92 -4.20 2.61
N ILE A 59 5.92 -3.49 2.10
CA ILE A 59 6.95 -4.11 1.27
C ILE A 59 8.20 -4.45 2.09
N GLU A 60 8.42 -5.74 2.33
CA GLU A 60 9.57 -6.19 3.09
C GLU A 60 10.81 -6.27 2.20
N ARG A 61 11.97 -5.97 2.79
CA ARG A 61 13.23 -6.01 2.06
C ARG A 61 14.20 -7.00 2.70
N GLU A 62 14.75 -7.89 1.86
CA GLU A 62 15.70 -8.87 2.35
C GLU A 62 16.94 -8.20 2.90
N GLY A 63 17.09 -8.22 4.23
CA GLY A 63 18.23 -7.60 4.86
C GLY A 63 18.00 -6.16 5.23
N SER A 64 16.96 -5.56 4.65
CA SER A 64 16.62 -4.17 4.94
C SER A 64 15.24 -4.06 5.57
N ASP A 65 15.00 -2.94 6.27
CA ASP A 65 13.72 -2.72 6.92
C ASP A 65 12.60 -2.54 5.90
N ASP A 66 11.44 -3.11 6.20
CA ASP A 66 10.29 -3.02 5.30
C ASP A 66 9.90 -1.56 5.09
N LEU A 67 9.07 -1.32 4.07
CA LEU A 67 8.61 0.02 3.74
C LEU A 67 7.10 0.14 3.92
N TRP A 68 6.68 0.92 4.92
CA TRP A 68 5.26 1.12 5.18
C TRP A 68 4.72 2.30 4.39
N TRP A 69 3.92 2.01 3.37
CA TRP A 69 3.33 3.05 2.53
C TRP A 69 1.82 2.93 2.50
N ALA A 70 1.14 4.07 2.38
CA ALA A 70 -0.31 4.10 2.34
C ALA A 70 -0.82 4.32 0.92
N ILE A 71 -1.76 3.50 0.49
CA ILE A 71 -2.33 3.60 -0.86
C ILE A 71 -3.72 4.21 -0.82
N ASP A 72 -4.02 5.07 -1.79
CA ASP A 72 -5.33 5.71 -1.86
C ASP A 72 -6.16 5.10 -2.97
N GLY A 73 -6.96 4.08 -2.63
CA GLY A 73 -7.80 3.42 -3.61
C GLY A 73 -7.00 2.88 -4.79
N GLY A 74 -5.98 2.09 -4.49
CA GLY A 74 -5.15 1.52 -5.54
C GLY A 74 -5.57 0.12 -5.92
N PHE A 75 -4.86 -0.45 -6.89
CA PHE A 75 -5.15 -1.81 -7.36
C PHE A 75 -3.88 -2.64 -7.44
N LEU A 76 -3.96 -3.89 -6.98
CA LEU A 76 -2.80 -4.78 -7.01
C LEU A 76 -2.88 -5.73 -8.20
N SER A 77 -1.80 -5.78 -8.96
CA SER A 77 -1.73 -6.66 -10.13
C SER A 77 -0.47 -7.50 -10.11
N ILE A 78 -0.63 -8.77 -9.76
CA ILE A 78 0.51 -9.70 -9.70
C ILE A 78 0.62 -10.51 -10.98
N THR A 79 1.85 -10.70 -11.45
CA THR A 79 2.09 -11.47 -12.67
C THR A 79 3.06 -12.62 -12.41
N ASP A 80 3.52 -13.26 -13.47
CA ASP A 80 4.44 -14.38 -13.36
C ASP A 80 5.67 -14.00 -12.53
N THR A 81 6.18 -12.78 -12.76
CA THR A 81 7.35 -12.31 -12.04
C THR A 81 7.36 -10.78 -11.97
N LYS A 82 6.20 -10.19 -11.71
CA LYS A 82 6.08 -8.74 -11.63
C LYS A 82 4.82 -8.34 -10.85
N VAL A 83 4.95 -7.30 -10.03
CA VAL A 83 3.83 -6.81 -9.24
C VAL A 83 3.74 -5.29 -9.31
N SER A 84 2.72 -4.80 -9.99
CA SER A 84 2.51 -3.36 -10.14
C SER A 84 1.28 -2.90 -9.37
N ILE A 85 1.41 -1.79 -8.65
CA ILE A 85 0.31 -1.24 -7.88
C ILE A 85 -0.05 0.16 -8.34
N LEU A 86 -1.21 0.30 -8.95
CA LEU A 86 -1.67 1.60 -9.45
C LEU A 86 -2.74 2.18 -8.53
N ALA A 87 -2.53 3.41 -8.08
CA ALA A 87 -3.48 4.08 -7.20
C ALA A 87 -3.47 5.58 -7.42
N GLU A 88 -4.38 6.28 -6.72
CA GLU A 88 -4.47 7.73 -6.84
C GLU A 88 -3.20 8.40 -6.35
N SER A 89 -2.67 7.90 -5.25
CA SER A 89 -1.44 8.45 -4.67
C SER A 89 -0.91 7.55 -3.56
N ALA A 90 0.30 7.83 -3.10
CA ALA A 90 0.93 7.04 -2.05
C ALA A 90 1.55 7.95 -0.98
N GLN A 91 1.81 7.38 0.19
CA GLN A 91 2.40 8.14 1.29
C GLN A 91 3.31 7.25 2.13
N ALA A 92 4.46 7.79 2.52
CA ALA A 92 5.42 7.05 3.33
C ALA A 92 5.14 7.24 4.82
N ARG A 93 5.37 6.19 5.60
CA ARG A 93 5.15 6.25 7.04
C ARG A 93 6.01 7.33 7.68
N ALA A 94 7.17 7.58 7.10
CA ALA A 94 8.09 8.59 7.61
C ALA A 94 7.60 10.00 7.26
N ASP A 95 6.79 10.09 6.21
CA ASP A 95 6.26 11.39 5.78
C ASP A 95 4.93 11.69 6.45
N ILE A 96 4.24 10.64 6.91
CA ILE A 96 2.95 10.80 7.57
C ILE A 96 3.13 11.39 8.96
N ASP A 97 2.12 12.15 9.40
CA ASP A 97 2.15 12.77 10.72
C ASP A 97 0.99 12.27 11.58
N GLU A 98 1.30 11.75 12.76
CA GLU A 98 0.28 11.22 13.66
C GLU A 98 -0.88 12.21 13.81
N ALA A 99 -0.58 13.50 13.71
CA ALA A 99 -1.59 14.53 13.83
C ALA A 99 -2.44 14.62 12.57
N LYS A 100 -1.78 14.77 11.43
CA LYS A 100 -2.47 14.87 10.15
C LYS A 100 -3.31 13.62 9.89
N ALA A 101 -2.79 12.47 10.28
CA ALA A 101 -3.48 11.20 10.10
C ALA A 101 -4.76 11.15 10.91
N LYS A 102 -4.67 11.56 12.18
CA LYS A 102 -5.81 11.55 13.07
C LYS A 102 -6.89 12.51 12.56
N THR A 103 -6.47 13.71 12.16
CA THR A 103 -7.39 14.71 11.64
C THR A 103 -8.02 14.24 10.33
N ASP A 104 -7.19 13.70 9.44
CA ASP A 104 -7.67 13.21 8.15
C ASP A 104 -8.73 12.13 8.36
N SER A 105 -8.51 11.28 9.36
CA SER A 105 -9.46 10.21 9.66
C SER A 105 -10.69 10.77 10.38
N GLY A 106 -10.51 11.90 11.06
CA GLY A 106 -11.60 12.52 11.77
C GLY A 106 -12.60 13.18 10.83
N SER A 107 -12.13 13.58 9.65
CA SER A 107 -12.98 14.24 8.66
C SER A 107 -14.19 13.38 8.34
N GLU A 108 -15.26 14.01 7.89
CA GLU A 108 -16.50 13.31 7.53
C GLU A 108 -16.48 12.87 6.07
N ASP A 109 -15.75 13.62 5.25
CA ASP A 109 -15.65 13.31 3.83
C ASP A 109 -15.13 11.89 3.61
N PRO A 110 -15.56 11.23 2.52
CA PRO A 110 -15.12 9.87 2.20
C PRO A 110 -13.66 9.81 1.77
N ARG A 111 -13.26 10.76 0.93
CA ARG A 111 -11.89 10.81 0.44
C ARG A 111 -10.92 11.12 1.57
N VAL A 112 -11.21 12.17 2.33
CA VAL A 112 -10.36 12.56 3.45
C VAL A 112 -10.27 11.46 4.49
N ALA A 113 -11.42 10.89 4.84
CA ALA A 113 -11.47 9.81 5.83
C ALA A 113 -10.65 8.61 5.38
N ALA A 114 -10.61 8.39 4.07
CA ALA A 114 -9.86 7.28 3.50
C ALA A 114 -8.36 7.52 3.62
N GLN A 115 -7.92 8.71 3.22
CA GLN A 115 -6.51 9.06 3.27
C GLN A 115 -6.00 9.00 4.71
N GLY A 116 -6.72 9.63 5.62
CA GLY A 116 -6.32 9.63 7.02
C GLY A 116 -6.26 8.23 7.60
N ARG A 117 -7.21 7.40 7.20
CA ARG A 117 -7.27 6.02 7.68
C ARG A 117 -6.11 5.21 7.11
N ALA A 118 -5.82 5.43 5.84
CA ALA A 118 -4.73 4.72 5.19
C ALA A 118 -3.38 5.10 5.79
N ARG A 119 -3.20 6.40 6.02
CA ARG A 119 -1.95 6.89 6.60
C ARG A 119 -1.80 6.40 8.03
N LEU A 120 -2.91 6.37 8.76
CA LEU A 120 -2.90 5.92 10.15
C LEU A 120 -2.44 4.47 10.24
N ARG A 121 -2.95 3.63 9.33
CA ARG A 121 -2.58 2.22 9.32
C ARG A 121 -1.08 2.06 9.13
N ALA A 122 -0.53 2.76 8.15
CA ALA A 122 0.90 2.70 7.87
C ALA A 122 1.71 3.13 9.09
N LEU A 123 1.11 4.01 9.89
CA LEU A 123 1.77 4.51 11.10
C LEU A 123 1.78 3.45 12.20
N GLY A 124 0.77 2.58 12.17
CA GLY A 124 0.68 1.53 13.19
C GLY A 124 -0.76 1.22 13.59
N GLN A 125 -1.69 2.08 13.21
CA GLN A 125 -3.10 1.88 13.54
C GLN A 125 -3.65 0.65 12.83
N THR A 126 -4.83 0.20 13.27
CA THR A 126 -5.46 -0.97 12.67
C THR A 126 -6.98 -0.76 12.54
N VAL A 127 -7.49 -0.95 11.34
CA VAL A 127 -8.92 -0.78 11.07
C VAL A 127 -9.37 0.63 11.43
N SER A 8 14.26 -16.09 -4.89
CA SER A 8 13.47 -15.19 -5.77
C SER A 8 12.86 -14.04 -4.98
N GLU A 9 12.75 -12.88 -5.61
CA GLU A 9 12.18 -11.71 -4.97
C GLU A 9 10.89 -11.26 -5.67
N ILE A 10 10.22 -10.28 -5.09
CA ILE A 10 8.98 -9.76 -5.65
C ILE A 10 9.16 -8.35 -6.21
N ASP A 11 8.92 -8.20 -7.51
CA ASP A 11 9.05 -6.91 -8.15
C ASP A 11 7.85 -6.01 -7.81
N VAL A 12 8.07 -5.03 -6.95
CA VAL A 12 7.01 -4.13 -6.54
C VAL A 12 7.26 -2.72 -7.05
N GLU A 13 6.28 -2.16 -7.75
CA GLU A 13 6.40 -0.82 -8.30
C GLU A 13 5.15 0.00 -8.01
N ILE A 14 5.29 1.02 -7.17
CA ILE A 14 4.19 1.88 -6.81
C ILE A 14 4.07 3.04 -7.79
N VAL A 15 3.07 2.96 -8.68
CA VAL A 15 2.87 4.00 -9.68
C VAL A 15 1.57 4.77 -9.42
N ALA A 16 1.65 6.09 -9.56
CA ALA A 16 0.48 6.94 -9.35
C ALA A 16 0.03 7.57 -10.66
N VAL A 17 -1.24 7.95 -10.72
CA VAL A 17 -1.79 8.56 -11.93
C VAL A 17 -0.99 9.79 -12.35
N GLU A 18 -0.30 10.40 -11.38
CA GLU A 18 0.50 11.59 -11.67
C GLU A 18 1.99 11.27 -11.77
N ARG A 19 2.44 10.29 -11.00
CA ARG A 19 3.84 9.92 -11.02
C ARG A 19 4.10 8.63 -10.23
N GLU A 20 5.31 8.11 -10.35
CA GLU A 20 5.70 6.90 -9.64
C GLU A 20 6.34 7.24 -8.30
N ILE A 21 6.13 6.39 -7.30
CA ILE A 21 6.67 6.62 -5.97
C ILE A 21 7.77 5.62 -5.62
N TRP A 22 7.55 4.35 -5.94
CA TRP A 22 8.53 3.31 -5.64
C TRP A 22 8.66 2.31 -6.78
N SER A 23 9.77 1.57 -6.78
CA SER A 23 10.02 0.56 -7.82
C SER A 23 11.25 -0.27 -7.47
N GLY A 24 11.05 -1.57 -7.27
CA GLY A 24 12.15 -2.46 -6.94
C GLY A 24 11.70 -3.86 -6.58
N LYS A 25 12.56 -4.60 -5.88
CA LYS A 25 12.24 -5.96 -5.48
C LYS A 25 11.98 -6.04 -3.98
N ALA A 26 11.23 -7.06 -3.56
CA ALA A 26 10.91 -7.23 -2.14
C ALA A 26 10.94 -8.70 -1.75
N THR A 27 10.83 -8.96 -0.45
CA THR A 27 10.83 -10.33 0.06
C THR A 27 9.41 -10.78 0.36
N PHE A 28 8.57 -9.83 0.74
CA PHE A 28 7.17 -10.10 1.05
C PHE A 28 6.34 -8.83 0.88
N VAL A 29 5.13 -8.98 0.35
CA VAL A 29 4.26 -7.83 0.14
C VAL A 29 2.84 -8.11 0.61
N PHE A 30 2.29 -7.18 1.39
CA PHE A 30 0.94 -7.32 1.91
C PHE A 30 0.10 -6.10 1.57
N THR A 31 -1.16 -6.31 1.20
CA THR A 31 -2.06 -5.22 0.84
C THR A 31 -3.48 -5.51 1.28
N ARG A 32 -4.33 -4.49 1.25
CA ARG A 32 -5.73 -4.65 1.65
C ARG A 32 -6.65 -4.30 0.50
N THR A 33 -7.59 -5.20 0.22
CA THR A 33 -8.55 -5.01 -0.85
C THR A 33 -9.98 -5.24 -0.37
N THR A 34 -10.95 -4.98 -1.24
CA THR A 34 -12.36 -5.16 -0.90
C THR A 34 -12.62 -6.57 -0.36
N SER A 35 -11.76 -7.51 -0.73
CA SER A 35 -11.91 -8.89 -0.28
C SER A 35 -11.04 -9.17 0.94
N GLY A 36 -10.72 -8.12 1.70
CA GLY A 36 -9.91 -8.27 2.89
C GLY A 36 -8.43 -8.16 2.59
N GLU A 37 -7.60 -8.31 3.63
CA GLU A 37 -6.16 -8.23 3.47
C GLU A 37 -5.61 -9.50 2.85
N ILE A 38 -4.50 -9.37 2.11
CA ILE A 38 -3.88 -10.52 1.46
C ILE A 38 -2.38 -10.32 1.30
N GLY A 39 -1.63 -11.41 1.40
CA GLY A 39 -0.19 -11.34 1.26
C GLY A 39 0.32 -12.13 0.06
N ILE A 40 1.35 -11.61 -0.59
CA ILE A 40 1.92 -12.28 -1.76
C ILE A 40 3.40 -12.60 -1.55
N LEU A 41 3.83 -13.73 -2.09
CA LEU A 41 5.22 -14.16 -1.97
C LEU A 41 5.87 -14.27 -3.35
N PRO A 42 7.21 -14.24 -3.41
CA PRO A 42 7.94 -14.33 -4.68
C PRO A 42 7.99 -15.75 -5.23
N HIS A 43 6.82 -16.39 -5.36
CA HIS A 43 6.74 -17.74 -5.87
C HIS A 43 5.29 -18.22 -5.90
N HIS A 44 4.37 -17.32 -6.26
CA HIS A 44 2.96 -17.65 -6.33
C HIS A 44 2.38 -17.33 -7.70
N ILE A 45 1.09 -17.58 -7.86
CA ILE A 45 0.41 -17.32 -9.13
C ILE A 45 -0.08 -15.87 -9.21
N PRO A 46 -0.24 -15.34 -10.42
CA PRO A 46 -0.70 -13.97 -10.63
C PRO A 46 -2.06 -13.69 -9.98
N LEU A 47 -2.43 -12.43 -9.90
CA LEU A 47 -3.70 -12.04 -9.29
C LEU A 47 -3.97 -10.56 -9.48
N VAL A 48 -5.25 -10.20 -9.53
CA VAL A 48 -5.64 -8.80 -9.71
C VAL A 48 -6.75 -8.43 -8.75
N ALA A 49 -6.43 -7.56 -7.78
CA ALA A 49 -7.40 -7.13 -6.79
C ALA A 49 -7.40 -5.61 -6.64
N GLN A 50 -8.52 -5.06 -6.17
CA GLN A 50 -8.65 -3.63 -5.98
C GLN A 50 -8.49 -3.27 -4.51
N LEU A 51 -7.51 -2.41 -4.21
CA LEU A 51 -7.25 -1.99 -2.84
C LEU A 51 -8.35 -1.06 -2.34
N VAL A 52 -8.59 -1.09 -1.03
CA VAL A 52 -9.61 -0.24 -0.43
C VAL A 52 -9.19 1.23 -0.44
N ASP A 53 -10.11 2.11 -0.05
CA ASP A 53 -9.83 3.53 -0.01
C ASP A 53 -8.68 3.85 0.95
N ASP A 54 -8.70 3.20 2.11
CA ASP A 54 -7.67 3.42 3.12
C ASP A 54 -6.71 2.22 3.18
N ALA A 55 -6.44 1.62 2.03
CA ALA A 55 -5.56 0.46 1.95
C ALA A 55 -4.13 0.83 2.33
N ALA A 56 -3.41 -0.13 2.88
CA ALA A 56 -2.02 0.07 3.28
C ALA A 56 -1.12 -1.01 2.71
N VAL A 57 -0.09 -0.61 1.98
CA VAL A 57 0.83 -1.57 1.38
C VAL A 57 2.12 -1.70 2.18
N LYS A 58 2.43 -2.92 2.59
CA LYS A 58 3.64 -3.18 3.36
C LYS A 58 4.61 -4.03 2.56
N ILE A 59 5.62 -3.38 1.99
CA ILE A 59 6.62 -4.07 1.18
C ILE A 59 7.88 -4.38 1.98
N GLU A 60 8.04 -5.64 2.35
CA GLU A 60 9.21 -6.07 3.12
C GLU A 60 10.46 -6.06 2.24
N ARG A 61 11.62 -5.97 2.86
CA ARG A 61 12.88 -5.95 2.13
C ARG A 61 13.86 -6.96 2.71
N GLU A 62 14.52 -7.71 1.82
CA GLU A 62 15.48 -8.72 2.25
C GLU A 62 16.60 -8.09 3.07
N GLY A 63 16.58 -8.35 4.37
CA GLY A 63 17.58 -7.79 5.25
C GLY A 63 17.40 -6.31 5.47
N SER A 64 16.29 -5.75 4.99
CA SER A 64 16.01 -4.34 5.15
C SER A 64 14.62 -4.12 5.75
N ASP A 65 14.42 -2.96 6.37
CA ASP A 65 13.14 -2.63 6.98
C ASP A 65 12.04 -2.54 5.92
N ASP A 66 10.86 -3.03 6.26
CA ASP A 66 9.73 -3.01 5.34
C ASP A 66 9.38 -1.58 4.94
N LEU A 67 8.58 -1.43 3.89
CA LEU A 67 8.19 -0.12 3.41
C LEU A 67 6.72 0.17 3.75
N TRP A 68 6.52 0.99 4.78
CA TRP A 68 5.17 1.34 5.21
C TRP A 68 4.63 2.53 4.41
N TRP A 69 3.90 2.22 3.33
CA TRP A 69 3.33 3.26 2.49
C TRP A 69 1.81 3.11 2.38
N ALA A 70 1.13 4.23 2.16
CA ALA A 70 -0.32 4.22 2.04
C ALA A 70 -0.75 4.39 0.59
N ILE A 71 -1.79 3.68 0.19
CA ILE A 71 -2.31 3.77 -1.18
C ILE A 71 -3.71 4.34 -1.21
N ASP A 72 -3.98 5.19 -2.20
CA ASP A 72 -5.29 5.80 -2.34
C ASP A 72 -6.09 5.14 -3.46
N GLY A 73 -6.88 4.14 -3.10
CA GLY A 73 -7.68 3.44 -4.09
C GLY A 73 -6.85 2.86 -5.22
N GLY A 74 -5.82 2.09 -4.88
CA GLY A 74 -4.97 1.50 -5.89
C GLY A 74 -5.33 0.07 -6.19
N PHE A 75 -4.79 -0.45 -7.28
CA PHE A 75 -5.05 -1.82 -7.71
C PHE A 75 -3.77 -2.66 -7.66
N LEU A 76 -3.88 -3.86 -7.10
CA LEU A 76 -2.72 -4.75 -7.00
C LEU A 76 -2.75 -5.80 -8.10
N SER A 77 -1.65 -5.89 -8.83
CA SER A 77 -1.53 -6.86 -9.92
C SER A 77 -0.26 -7.68 -9.78
N ILE A 78 -0.40 -8.97 -9.52
CA ILE A 78 0.74 -9.86 -9.37
C ILE A 78 0.95 -10.71 -10.62
N THR A 79 2.21 -10.89 -11.01
CA THR A 79 2.54 -11.68 -12.19
C THR A 79 3.55 -12.76 -11.84
N ASP A 80 3.86 -13.61 -12.81
CA ASP A 80 4.80 -14.70 -12.62
C ASP A 80 6.08 -14.23 -11.93
N THR A 81 6.49 -13.00 -12.25
CA THR A 81 7.70 -12.44 -11.66
C THR A 81 7.68 -10.91 -11.74
N LYS A 82 6.51 -10.33 -11.49
CA LYS A 82 6.35 -8.88 -11.52
C LYS A 82 5.07 -8.44 -10.83
N VAL A 83 5.18 -7.42 -9.99
CA VAL A 83 4.02 -6.90 -9.26
C VAL A 83 3.96 -5.38 -9.34
N SER A 84 2.93 -4.87 -9.99
CA SER A 84 2.77 -3.42 -10.13
C SER A 84 1.49 -2.95 -9.42
N ILE A 85 1.58 -1.77 -8.81
CA ILE A 85 0.44 -1.20 -8.09
C ILE A 85 0.08 0.17 -8.65
N LEU A 86 -1.11 0.27 -9.24
CA LEU A 86 -1.57 1.53 -9.82
C LEU A 86 -2.66 2.15 -8.95
N ALA A 87 -2.38 3.34 -8.42
CA ALA A 87 -3.33 4.05 -7.57
C ALA A 87 -3.32 5.54 -7.85
N GLU A 88 -4.24 6.26 -7.22
CA GLU A 88 -4.35 7.71 -7.40
C GLU A 88 -3.12 8.41 -6.83
N SER A 89 -2.62 7.89 -5.71
CA SER A 89 -1.44 8.46 -5.06
C SER A 89 -1.03 7.63 -3.85
N ALA A 90 0.14 7.95 -3.29
CA ALA A 90 0.64 7.22 -2.13
C ALA A 90 1.54 8.12 -1.29
N GLN A 91 1.76 7.71 -0.04
CA GLN A 91 2.60 8.47 0.87
C GLN A 91 3.46 7.53 1.73
N ALA A 92 4.59 8.05 2.19
CA ALA A 92 5.51 7.26 3.01
C ALA A 92 5.21 7.46 4.50
N ARG A 93 5.55 6.45 5.30
CA ARG A 93 5.32 6.51 6.73
C ARG A 93 6.09 7.67 7.36
N ALA A 94 7.23 8.00 6.76
CA ALA A 94 8.06 9.10 7.25
C ALA A 94 7.48 10.45 6.86
N ASP A 95 6.68 10.46 5.81
CA ASP A 95 6.06 11.69 5.33
C ASP A 95 4.73 11.96 6.05
N ILE A 96 4.13 10.91 6.58
CA ILE A 96 2.86 11.03 7.29
C ILE A 96 3.06 11.66 8.67
N ASP A 97 2.04 12.37 9.14
CA ASP A 97 2.09 13.02 10.45
C ASP A 97 1.07 12.41 11.39
N GLU A 98 1.54 11.95 12.55
CA GLU A 98 0.66 11.33 13.54
C GLU A 98 -0.59 12.17 13.77
N ALA A 99 -0.41 13.49 13.83
CA ALA A 99 -1.52 14.40 14.06
C ALA A 99 -2.41 14.49 12.82
N LYS A 100 -1.80 14.63 11.66
CA LYS A 100 -2.54 14.72 10.40
C LYS A 100 -3.40 13.47 10.18
N ALA A 101 -2.79 12.30 10.37
CA ALA A 101 -3.51 11.04 10.20
C ALA A 101 -4.71 10.95 11.11
N LYS A 102 -4.53 11.34 12.38
CA LYS A 102 -5.61 11.31 13.35
C LYS A 102 -6.76 12.21 12.92
N THR A 103 -6.42 13.43 12.52
CA THR A 103 -7.42 14.39 12.08
C THR A 103 -8.12 13.89 10.81
N ASP A 104 -7.33 13.42 9.85
CA ASP A 104 -7.88 12.91 8.61
C ASP A 104 -8.84 11.76 8.87
N SER A 105 -8.49 10.92 9.84
CA SER A 105 -9.34 9.78 10.19
C SER A 105 -10.54 10.25 11.01
N GLY A 106 -10.37 11.37 11.71
CA GLY A 106 -11.45 11.91 12.52
C GLY A 106 -12.55 12.53 11.68
N SER A 107 -12.20 12.98 10.48
CA SER A 107 -13.16 13.59 9.57
C SER A 107 -14.32 12.65 9.29
N GLU A 108 -15.50 13.22 9.04
CA GLU A 108 -16.69 12.42 8.75
C GLU A 108 -16.75 12.05 7.27
N ASP A 109 -16.13 12.87 6.44
CA ASP A 109 -16.12 12.63 5.00
C ASP A 109 -15.54 11.25 4.68
N PRO A 110 -16.03 10.60 3.61
CA PRO A 110 -15.55 9.28 3.20
C PRO A 110 -14.15 9.32 2.60
N ARG A 111 -13.90 10.33 1.77
CA ARG A 111 -12.60 10.49 1.13
C ARG A 111 -11.53 10.82 2.17
N VAL A 112 -11.80 11.83 2.99
CA VAL A 112 -10.85 12.24 4.02
C VAL A 112 -10.62 11.12 5.03
N ALA A 113 -11.70 10.48 5.45
CA ALA A 113 -11.61 9.39 6.41
C ALA A 113 -10.76 8.24 5.87
N ALA A 114 -10.78 8.08 4.55
CA ALA A 114 -10.02 7.02 3.90
C ALA A 114 -8.53 7.33 3.93
N GLN A 115 -8.17 8.54 3.51
CA GLN A 115 -6.77 8.96 3.49
C GLN A 115 -6.17 8.90 4.89
N GLY A 116 -6.90 9.44 5.86
CA GLY A 116 -6.42 9.44 7.23
C GLY A 116 -6.24 8.03 7.77
N ARG A 117 -7.17 7.15 7.43
CA ARG A 117 -7.11 5.76 7.88
C ARG A 117 -5.95 5.04 7.21
N ALA A 118 -5.73 5.31 5.93
CA ALA A 118 -4.65 4.69 5.20
C ALA A 118 -3.29 5.13 5.73
N ARG A 119 -3.16 6.44 5.99
CA ARG A 119 -1.92 6.98 6.51
C ARG A 119 -1.65 6.46 7.91
N LEU A 120 -2.70 6.32 8.71
CA LEU A 120 -2.58 5.83 10.06
C LEU A 120 -2.02 4.40 10.07
N ARG A 121 -2.54 3.57 9.18
CA ARG A 121 -2.08 2.19 9.07
C ARG A 121 -0.59 2.13 8.80
N ALA A 122 -0.14 2.89 7.82
CA ALA A 122 1.28 2.93 7.46
C ALA A 122 2.12 3.37 8.66
N LEU A 123 1.53 4.19 9.51
CA LEU A 123 2.22 4.69 10.70
C LEU A 123 2.35 3.59 11.76
N GLY A 124 1.40 2.65 11.75
CA GLY A 124 1.43 1.57 12.71
C GLY A 124 0.04 1.11 13.13
N GLN A 125 -0.96 1.93 12.84
CA GLN A 125 -2.34 1.59 13.21
C GLN A 125 -2.84 0.41 12.38
N THR A 126 -4.02 -0.10 12.76
CA THR A 126 -4.60 -1.24 12.05
C THR A 126 -6.08 -0.99 11.76
N VAL A 127 -6.57 -1.55 10.67
CA VAL A 127 -7.97 -1.39 10.28
C VAL A 127 -8.31 0.08 10.07
N SER A 8 15.08 -15.59 -5.19
CA SER A 8 14.24 -14.69 -6.03
C SER A 8 13.63 -13.57 -5.19
N GLU A 9 13.04 -12.58 -5.87
CA GLU A 9 12.41 -11.46 -5.19
C GLU A 9 11.13 -11.04 -5.90
N ILE A 10 10.41 -10.11 -5.29
CA ILE A 10 9.15 -9.63 -5.86
C ILE A 10 9.29 -8.20 -6.38
N ASP A 11 8.98 -8.02 -7.65
CA ASP A 11 9.05 -6.69 -8.26
C ASP A 11 7.80 -5.89 -7.93
N VAL A 12 7.95 -4.92 -7.03
CA VAL A 12 6.82 -4.08 -6.62
C VAL A 12 7.02 -2.64 -7.06
N GLU A 13 6.11 -2.15 -7.90
CA GLU A 13 6.18 -0.79 -8.40
C GLU A 13 4.94 0.01 -7.99
N ILE A 14 5.14 0.98 -7.11
CA ILE A 14 4.05 1.82 -6.64
C ILE A 14 3.87 3.03 -7.55
N VAL A 15 2.84 3.01 -8.37
CA VAL A 15 2.57 4.10 -9.30
C VAL A 15 1.27 4.81 -8.96
N ALA A 16 1.28 6.13 -9.11
CA ALA A 16 0.09 6.94 -8.84
C ALA A 16 -0.49 7.50 -10.14
N VAL A 17 -1.79 7.75 -10.13
CA VAL A 17 -2.47 8.28 -11.32
C VAL A 17 -1.81 9.57 -11.79
N GLU A 18 -1.12 10.26 -10.88
CA GLU A 18 -0.46 11.52 -11.21
C GLU A 18 1.04 11.33 -11.42
N ARG A 19 1.63 10.36 -10.72
CA ARG A 19 3.07 10.11 -10.84
C ARG A 19 3.47 8.82 -10.12
N GLU A 20 4.68 8.34 -10.44
CA GLU A 20 5.21 7.14 -9.82
C GLU A 20 5.89 7.47 -8.49
N ILE A 21 5.77 6.56 -7.52
CA ILE A 21 6.36 6.78 -6.21
C ILE A 21 7.61 5.92 -6.00
N TRP A 22 7.43 4.61 -6.00
CA TRP A 22 8.55 3.70 -5.78
C TRP A 22 8.48 2.48 -6.71
N SER A 23 9.60 1.79 -6.84
CA SER A 23 9.68 0.60 -7.69
C SER A 23 10.98 -0.17 -7.43
N GLY A 24 10.84 -1.41 -6.97
CA GLY A 24 12.00 -2.23 -6.69
C GLY A 24 11.63 -3.66 -6.34
N LYS A 25 12.62 -4.42 -5.89
CA LYS A 25 12.39 -5.82 -5.52
C LYS A 25 12.15 -5.96 -4.02
N ALA A 26 11.32 -6.93 -3.64
CA ALA A 26 11.01 -7.16 -2.23
C ALA A 26 11.07 -8.64 -1.88
N THR A 27 10.97 -8.93 -0.59
CA THR A 27 11.00 -10.32 -0.13
C THR A 27 9.58 -10.83 0.10
N PHE A 28 8.73 -9.95 0.62
CA PHE A 28 7.34 -10.28 0.89
C PHE A 28 6.49 -9.01 0.97
N VAL A 29 5.30 -9.06 0.42
CA VAL A 29 4.41 -7.90 0.43
C VAL A 29 3.02 -8.27 0.92
N PHE A 30 2.36 -7.32 1.58
CA PHE A 30 1.01 -7.53 2.12
C PHE A 30 0.15 -6.30 1.87
N THR A 31 -1.11 -6.53 1.50
CA THR A 31 -2.04 -5.44 1.24
C THR A 31 -3.47 -5.84 1.60
N ARG A 32 -4.33 -4.84 1.77
CA ARG A 32 -5.73 -5.09 2.12
C ARG A 32 -6.64 -4.78 0.93
N THR A 33 -7.62 -5.64 0.70
CA THR A 33 -8.55 -5.47 -0.40
C THR A 33 -10.00 -5.62 0.09
N THR A 34 -10.94 -5.34 -0.79
CA THR A 34 -12.36 -5.45 -0.46
C THR A 34 -12.70 -6.85 0.05
N SER A 35 -11.94 -7.84 -0.41
CA SER A 35 -12.17 -9.22 0.01
C SER A 35 -11.21 -9.62 1.13
N GLY A 36 -10.74 -8.64 1.89
CA GLY A 36 -9.83 -8.92 2.97
C GLY A 36 -8.38 -8.68 2.60
N GLU A 37 -7.47 -9.05 3.49
CA GLU A 37 -6.04 -8.88 3.25
C GLU A 37 -5.44 -10.11 2.58
N ILE A 38 -4.33 -9.93 1.87
CA ILE A 38 -3.68 -11.02 1.18
C ILE A 38 -2.18 -10.78 1.06
N GLY A 39 -1.39 -11.85 1.13
CA GLY A 39 0.05 -11.74 1.02
C GLY A 39 0.59 -12.33 -0.26
N ILE A 40 1.62 -11.71 -0.82
CA ILE A 40 2.22 -12.18 -2.06
C ILE A 40 3.69 -12.51 -1.87
N LEU A 41 4.11 -13.65 -2.42
CA LEU A 41 5.51 -14.08 -2.33
C LEU A 41 6.14 -14.17 -3.71
N PRO A 42 7.48 -14.14 -3.78
CA PRO A 42 8.20 -14.22 -5.06
C PRO A 42 8.24 -15.64 -5.61
N HIS A 43 7.06 -16.22 -5.81
CA HIS A 43 6.95 -17.58 -6.34
C HIS A 43 5.50 -18.04 -6.35
N HIS A 44 4.60 -17.14 -6.72
CA HIS A 44 3.18 -17.46 -6.76
C HIS A 44 2.61 -17.22 -8.17
N ILE A 45 1.37 -17.67 -8.39
CA ILE A 45 0.72 -17.50 -9.68
C ILE A 45 0.09 -16.12 -9.80
N PRO A 46 -0.18 -15.67 -11.04
CA PRO A 46 -0.77 -14.36 -11.30
C PRO A 46 -2.03 -14.12 -10.47
N LEU A 47 -2.23 -12.87 -10.07
CA LEU A 47 -3.40 -12.51 -9.27
C LEU A 47 -3.74 -11.03 -9.42
N VAL A 48 -5.01 -10.70 -9.26
CA VAL A 48 -5.47 -9.31 -9.39
C VAL A 48 -6.53 -9.00 -8.35
N ALA A 49 -6.21 -8.11 -7.43
CA ALA A 49 -7.14 -7.72 -6.38
C ALA A 49 -7.23 -6.20 -6.23
N GLN A 50 -8.36 -5.72 -5.73
CA GLN A 50 -8.56 -4.29 -5.54
C GLN A 50 -8.37 -3.90 -4.08
N LEU A 51 -7.47 -2.96 -3.83
CA LEU A 51 -7.19 -2.50 -2.48
C LEU A 51 -8.27 -1.53 -1.99
N VAL A 52 -8.49 -1.50 -0.69
CA VAL A 52 -9.49 -0.62 -0.10
C VAL A 52 -9.03 0.83 -0.15
N ASP A 53 -9.93 1.74 0.22
CA ASP A 53 -9.61 3.17 0.22
C ASP A 53 -8.44 3.47 1.14
N ASP A 54 -8.47 2.91 2.34
CA ASP A 54 -7.41 3.12 3.32
C ASP A 54 -6.48 1.91 3.39
N ALA A 55 -6.24 1.28 2.25
CA ALA A 55 -5.38 0.11 2.19
C ALA A 55 -3.92 0.49 2.43
N ALA A 56 -3.21 -0.35 3.17
CA ALA A 56 -1.81 -0.12 3.48
C ALA A 56 -0.92 -1.20 2.88
N VAL A 57 0.09 -0.79 2.13
CA VAL A 57 1.00 -1.73 1.49
C VAL A 57 2.29 -1.89 2.29
N LYS A 58 2.55 -3.12 2.73
CA LYS A 58 3.76 -3.41 3.50
C LYS A 58 4.74 -4.23 2.67
N ILE A 59 5.75 -3.56 2.13
CA ILE A 59 6.75 -4.21 1.31
C ILE A 59 8.02 -4.51 2.10
N GLU A 60 8.21 -5.78 2.44
CA GLU A 60 9.39 -6.20 3.19
C GLU A 60 10.62 -6.22 2.30
N ARG A 61 11.77 -5.90 2.89
CA ARG A 61 13.03 -5.87 2.14
C ARG A 61 14.05 -6.81 2.78
N GLU A 62 14.61 -7.71 1.97
CA GLU A 62 15.60 -8.65 2.46
C GLU A 62 16.82 -7.92 2.98
N GLY A 63 16.97 -7.92 4.31
CA GLY A 63 18.10 -7.25 4.92
C GLY A 63 17.79 -5.82 5.32
N SER A 64 16.72 -5.27 4.76
CA SER A 64 16.32 -3.90 5.05
C SER A 64 14.94 -3.86 5.69
N ASP A 65 14.64 -2.76 6.38
CA ASP A 65 13.34 -2.60 7.04
C ASP A 65 12.21 -2.53 6.02
N ASP A 66 11.08 -3.14 6.33
CA ASP A 66 9.92 -3.14 5.45
C ASP A 66 9.49 -1.71 5.12
N LEU A 67 8.65 -1.58 4.10
CA LEU A 67 8.16 -0.27 3.70
C LEU A 67 6.68 -0.11 4.07
N TRP A 68 6.42 0.76 5.05
CA TRP A 68 5.05 1.01 5.50
C TRP A 68 4.47 2.24 4.81
N TRP A 69 3.80 2.01 3.69
CA TRP A 69 3.19 3.10 2.94
C TRP A 69 1.67 2.98 2.94
N ALA A 70 0.99 4.11 2.70
CA ALA A 70 -0.46 4.12 2.68
C ALA A 70 -0.99 4.33 1.26
N ILE A 71 -1.74 3.34 0.77
CA ILE A 71 -2.30 3.41 -0.57
C ILE A 71 -3.74 3.90 -0.54
N ASP A 72 -4.08 4.76 -1.49
CA ASP A 72 -5.44 5.31 -1.58
C ASP A 72 -6.19 4.72 -2.77
N GLY A 73 -7.04 3.75 -2.50
CA GLY A 73 -7.81 3.11 -3.56
C GLY A 73 -6.92 2.55 -4.66
N GLY A 74 -5.96 1.73 -4.28
CA GLY A 74 -5.05 1.15 -5.25
C GLY A 74 -5.44 -0.26 -5.66
N PHE A 75 -4.85 -0.74 -6.74
CA PHE A 75 -5.13 -2.09 -7.24
C PHE A 75 -3.85 -2.91 -7.31
N LEU A 76 -3.90 -4.11 -6.76
CA LEU A 76 -2.73 -5.00 -6.77
C LEU A 76 -2.84 -6.03 -7.88
N SER A 77 -1.84 -6.04 -8.75
CA SER A 77 -1.81 -6.97 -9.87
C SER A 77 -0.47 -7.71 -9.93
N ILE A 78 -0.48 -8.98 -9.53
CA ILE A 78 0.73 -9.79 -9.55
C ILE A 78 0.84 -10.59 -10.84
N THR A 79 1.93 -10.41 -11.57
CA THR A 79 2.14 -11.12 -12.82
C THR A 79 3.29 -12.12 -12.68
N ASP A 80 3.52 -12.88 -13.73
CA ASP A 80 4.58 -13.88 -13.74
C ASP A 80 5.95 -13.25 -13.96
N THR A 81 5.98 -11.93 -14.15
CA THR A 81 7.23 -11.22 -14.38
C THR A 81 7.49 -10.20 -13.28
N LYS A 82 6.46 -9.46 -12.90
CA LYS A 82 6.59 -8.45 -11.85
C LYS A 82 5.22 -8.03 -11.32
N VAL A 83 5.22 -7.44 -10.13
CA VAL A 83 3.98 -6.98 -9.50
C VAL A 83 3.87 -5.46 -9.56
N SER A 84 2.77 -4.97 -10.09
CA SER A 84 2.55 -3.53 -10.20
C SER A 84 1.33 -3.08 -9.40
N ILE A 85 1.48 -1.97 -8.68
CA ILE A 85 0.40 -1.44 -7.87
C ILE A 85 0.01 -0.04 -8.32
N LEU A 86 -1.20 0.10 -8.85
CA LEU A 86 -1.69 1.39 -9.32
C LEU A 86 -2.76 1.93 -8.39
N ALA A 87 -2.53 3.12 -7.85
CA ALA A 87 -3.49 3.75 -6.93
C ALA A 87 -3.53 5.25 -7.13
N GLU A 88 -4.46 5.91 -6.44
CA GLU A 88 -4.62 7.35 -6.54
C GLU A 88 -3.36 8.07 -6.04
N SER A 89 -2.82 7.58 -4.93
CA SER A 89 -1.61 8.17 -4.35
C SER A 89 -1.02 7.26 -3.29
N ALA A 90 0.16 7.62 -2.80
CA ALA A 90 0.84 6.83 -1.78
C ALA A 90 1.57 7.74 -0.78
N GLN A 91 1.70 7.26 0.45
CA GLN A 91 2.38 8.03 1.49
C GLN A 91 3.16 7.11 2.43
N ALA A 92 4.47 7.28 2.47
CA ALA A 92 5.33 6.48 3.32
C ALA A 92 5.11 6.81 4.80
N ARG A 93 5.39 5.85 5.66
CA ARG A 93 5.23 6.04 7.10
C ARG A 93 6.09 7.19 7.60
N ALA A 94 7.24 7.40 6.94
CA ALA A 94 8.15 8.47 7.32
C ALA A 94 7.57 9.83 6.96
N ASP A 95 6.72 9.86 5.96
CA ASP A 95 6.09 11.10 5.52
C ASP A 95 4.77 11.35 6.24
N ILE A 96 4.17 10.28 6.76
CA ILE A 96 2.90 10.39 7.47
C ILE A 96 3.10 11.03 8.83
N ASP A 97 2.11 11.80 9.27
CA ASP A 97 2.17 12.47 10.56
C ASP A 97 1.06 11.96 11.48
N GLU A 98 1.45 11.49 12.66
CA GLU A 98 0.49 10.96 13.64
C GLU A 98 -0.67 11.93 13.84
N ALA A 99 -0.38 13.22 13.82
CA ALA A 99 -1.40 14.25 13.99
C ALA A 99 -2.30 14.36 12.76
N LYS A 100 -1.67 14.60 11.60
CA LYS A 100 -2.40 14.73 10.36
C LYS A 100 -3.21 13.48 10.06
N ALA A 101 -2.71 12.34 10.53
CA ALA A 101 -3.39 11.06 10.31
C ALA A 101 -4.70 11.00 11.10
N LYS A 102 -4.62 11.32 12.38
CA LYS A 102 -5.80 11.29 13.25
C LYS A 102 -6.83 12.31 12.77
N THR A 103 -6.36 13.50 12.41
CA THR A 103 -7.25 14.55 11.93
C THR A 103 -7.88 14.18 10.60
N ASP A 104 -7.08 13.60 9.71
CA ASP A 104 -7.58 13.18 8.40
C ASP A 104 -8.71 12.17 8.55
N SER A 105 -8.57 11.27 9.51
CA SER A 105 -9.59 10.26 9.77
C SER A 105 -10.80 10.89 10.44
N GLY A 106 -10.57 11.97 11.17
CA GLY A 106 -11.64 12.66 11.86
C GLY A 106 -12.58 13.37 10.91
N SER A 107 -12.07 13.75 9.74
CA SER A 107 -12.86 14.45 8.75
C SER A 107 -14.09 13.62 8.35
N GLU A 108 -15.08 14.29 7.77
CA GLU A 108 -16.31 13.62 7.35
C GLU A 108 -16.23 13.24 5.87
N ASP A 109 -15.46 13.99 5.10
CA ASP A 109 -15.31 13.73 3.67
C ASP A 109 -14.81 12.30 3.43
N PRO A 110 -15.22 11.70 2.30
CA PRO A 110 -14.81 10.33 1.95
C PRO A 110 -13.34 10.24 1.56
N ARG A 111 -12.88 11.22 0.79
CA ARG A 111 -11.50 11.26 0.34
C ARG A 111 -10.55 11.47 1.52
N VAL A 112 -10.88 12.44 2.38
CA VAL A 112 -10.06 12.73 3.55
C VAL A 112 -10.06 11.56 4.53
N ALA A 113 -11.22 10.95 4.71
CA ALA A 113 -11.36 9.81 5.61
C ALA A 113 -10.49 8.65 5.16
N ALA A 114 -10.41 8.46 3.84
CA ALA A 114 -9.61 7.38 3.28
C ALA A 114 -8.12 7.63 3.47
N GLN A 115 -7.68 8.84 3.16
CA GLN A 115 -6.28 9.21 3.31
C GLN A 115 -5.85 9.11 4.76
N GLY A 116 -6.69 9.61 5.66
CA GLY A 116 -6.38 9.57 7.08
C GLY A 116 -6.27 8.15 7.60
N ARG A 117 -7.21 7.30 7.18
CA ARG A 117 -7.22 5.91 7.60
C ARG A 117 -6.03 5.15 7.00
N ALA A 118 -5.69 5.50 5.77
CA ALA A 118 -4.56 4.86 5.09
C ALA A 118 -3.25 5.26 5.74
N ARG A 119 -3.11 6.54 6.02
CA ARG A 119 -1.89 7.06 6.65
C ARG A 119 -1.73 6.49 8.05
N LEU A 120 -2.85 6.32 8.75
CA LEU A 120 -2.84 5.77 10.10
C LEU A 120 -2.36 4.31 10.08
N ARG A 121 -2.81 3.56 9.09
CA ARG A 121 -2.43 2.17 8.95
C ARG A 121 -0.92 2.03 8.83
N ALA A 122 -0.33 2.83 7.96
CA ALA A 122 1.12 2.80 7.75
C ALA A 122 1.86 3.19 9.03
N LEU A 123 1.24 4.06 9.82
CA LEU A 123 1.84 4.52 11.08
C LEU A 123 1.80 3.41 12.13
N GLY A 124 0.82 2.51 11.99
CA GLY A 124 0.69 1.41 12.94
C GLY A 124 -0.67 1.37 13.61
N GLN A 125 -1.69 1.88 12.91
CA GLN A 125 -3.04 1.90 13.44
C GLN A 125 -3.96 0.98 12.64
N THR A 126 -5.18 0.80 13.13
CA THR A 126 -6.15 -0.05 12.45
C THR A 126 -7.47 0.66 12.27
N VAL A 127 -7.95 0.70 11.02
CA VAL A 127 -9.22 1.37 10.69
C VAL A 127 -9.36 2.71 11.41
N SER A 8 14.46 -16.13 -5.27
CA SER A 8 13.72 -15.17 -6.12
C SER A 8 13.16 -14.02 -5.29
N GLU A 9 12.84 -12.92 -5.96
CA GLU A 9 12.28 -11.74 -5.29
C GLU A 9 11.00 -11.28 -5.96
N ILE A 10 10.34 -10.30 -5.35
CA ILE A 10 9.10 -9.77 -5.88
C ILE A 10 9.28 -8.36 -6.43
N ASP A 11 8.96 -8.18 -7.71
CA ASP A 11 9.08 -6.88 -8.33
C ASP A 11 7.87 -6.02 -8.00
N VAL A 12 8.05 -5.04 -7.13
CA VAL A 12 6.97 -4.16 -6.72
C VAL A 12 7.22 -2.73 -7.18
N GLU A 13 6.26 -2.17 -7.91
CA GLU A 13 6.37 -0.81 -8.40
C GLU A 13 5.17 0.03 -7.98
N ILE A 14 5.40 1.01 -7.12
CA ILE A 14 4.35 1.88 -6.65
C ILE A 14 4.20 3.09 -7.56
N VAL A 15 3.16 3.09 -8.38
CA VAL A 15 2.91 4.19 -9.30
C VAL A 15 1.63 4.94 -8.98
N ALA A 16 1.61 6.22 -9.27
CA ALA A 16 0.44 7.06 -9.02
C ALA A 16 -0.07 7.68 -10.31
N VAL A 17 -1.36 7.98 -10.35
CA VAL A 17 -1.98 8.58 -11.52
C VAL A 17 -1.26 9.86 -11.93
N GLU A 18 -0.58 10.50 -10.99
CA GLU A 18 0.13 11.74 -11.26
C GLU A 18 1.63 11.50 -11.41
N ARG A 19 2.16 10.52 -10.70
CA ARG A 19 3.59 10.22 -10.77
C ARG A 19 3.95 8.93 -10.06
N GLU A 20 5.14 8.41 -10.34
CA GLU A 20 5.61 7.18 -9.71
C GLU A 20 6.28 7.50 -8.37
N ILE A 21 6.11 6.59 -7.41
CA ILE A 21 6.68 6.79 -6.09
C ILE A 21 7.90 5.90 -5.86
N TRP A 22 7.71 4.59 -5.90
CA TRP A 22 8.81 3.65 -5.68
C TRP A 22 8.73 2.46 -6.64
N SER A 23 9.84 1.73 -6.77
CA SER A 23 9.90 0.58 -7.65
C SER A 23 11.17 -0.24 -7.41
N GLY A 24 11.00 -1.51 -7.06
CA GLY A 24 12.15 -2.37 -6.82
C GLY A 24 11.73 -3.79 -6.46
N LYS A 25 12.70 -4.59 -6.03
CA LYS A 25 12.44 -5.97 -5.67
C LYS A 25 12.21 -6.10 -4.16
N ALA A 26 11.39 -7.07 -3.76
CA ALA A 26 11.08 -7.29 -2.35
C ALA A 26 11.15 -8.76 -1.99
N THR A 27 11.07 -9.06 -0.70
CA THR A 27 11.10 -10.43 -0.22
C THR A 27 9.69 -10.91 0.13
N PHE A 28 8.89 -9.99 0.66
CA PHE A 28 7.51 -10.28 1.04
C PHE A 28 6.69 -9.00 1.12
N VAL A 29 5.46 -9.06 0.66
CA VAL A 29 4.58 -7.89 0.67
C VAL A 29 3.15 -8.28 1.02
N PHE A 30 2.44 -7.34 1.64
CA PHE A 30 1.05 -7.55 2.03
C PHE A 30 0.19 -6.34 1.68
N THR A 31 -1.01 -6.60 1.19
CA THR A 31 -1.92 -5.52 0.81
C THR A 31 -3.34 -5.83 1.25
N ARG A 32 -4.19 -4.79 1.29
CA ARG A 32 -5.58 -4.95 1.70
C ARG A 32 -6.52 -4.62 0.54
N THR A 33 -7.39 -5.57 0.22
CA THR A 33 -8.35 -5.39 -0.86
C THR A 33 -9.77 -5.59 -0.36
N THR A 34 -10.74 -5.35 -1.24
CA THR A 34 -12.15 -5.49 -0.90
C THR A 34 -12.43 -6.87 -0.29
N SER A 35 -11.60 -7.85 -0.64
CA SER A 35 -11.76 -9.21 -0.12
C SER A 35 -10.87 -9.44 1.09
N GLY A 36 -10.53 -8.37 1.80
CA GLY A 36 -9.68 -8.50 2.97
C GLY A 36 -8.21 -8.36 2.65
N GLU A 37 -7.36 -8.66 3.63
CA GLU A 37 -5.92 -8.57 3.44
C GLU A 37 -5.38 -9.84 2.80
N ILE A 38 -4.25 -9.71 2.10
CA ILE A 38 -3.63 -10.86 1.44
C ILE A 38 -2.12 -10.68 1.33
N GLY A 39 -1.40 -11.78 1.41
CA GLY A 39 0.06 -11.72 1.32
C GLY A 39 0.57 -12.23 -0.02
N ILE A 40 1.63 -11.61 -0.52
CA ILE A 40 2.21 -12.00 -1.80
C ILE A 40 3.67 -12.40 -1.63
N LEU A 41 4.02 -13.57 -2.17
CA LEU A 41 5.38 -14.08 -2.10
C LEU A 41 5.98 -14.22 -3.50
N PRO A 42 7.32 -14.20 -3.61
CA PRO A 42 8.00 -14.32 -4.90
C PRO A 42 7.99 -15.75 -5.44
N HIS A 43 6.79 -16.28 -5.63
CA HIS A 43 6.63 -17.64 -6.14
C HIS A 43 5.15 -18.03 -6.21
N HIS A 44 4.31 -17.08 -6.61
CA HIS A 44 2.87 -17.33 -6.70
C HIS A 44 2.37 -17.04 -8.12
N ILE A 45 1.06 -17.20 -8.31
CA ILE A 45 0.44 -16.95 -9.61
C ILE A 45 -0.12 -15.53 -9.69
N PRO A 46 -0.32 -15.02 -10.93
CA PRO A 46 -0.85 -13.67 -11.14
C PRO A 46 -2.14 -13.43 -10.36
N LEU A 47 -2.52 -12.16 -10.24
CA LEU A 47 -3.74 -11.80 -9.52
C LEU A 47 -4.03 -10.30 -9.65
N VAL A 48 -5.29 -9.96 -9.86
CA VAL A 48 -5.70 -8.57 -9.98
C VAL A 48 -6.83 -8.24 -9.02
N ALA A 49 -6.54 -7.42 -8.03
CA ALA A 49 -7.55 -7.03 -7.03
C ALA A 49 -7.51 -5.53 -6.79
N GLN A 50 -8.62 -4.99 -6.28
CA GLN A 50 -8.72 -3.57 -5.99
C GLN A 50 -8.53 -3.30 -4.50
N LEU A 51 -7.54 -2.48 -4.17
CA LEU A 51 -7.26 -2.15 -2.78
C LEU A 51 -8.35 -1.25 -2.20
N VAL A 52 -8.59 -1.39 -0.90
CA VAL A 52 -9.61 -0.59 -0.23
C VAL A 52 -9.22 0.88 -0.18
N ASP A 53 -10.14 1.72 0.29
CA ASP A 53 -9.89 3.15 0.38
C ASP A 53 -8.74 3.45 1.34
N ASP A 54 -8.75 2.78 2.49
CA ASP A 54 -7.70 2.97 3.49
C ASP A 54 -6.71 1.81 3.48
N ALA A 55 -6.44 1.28 2.30
CA ALA A 55 -5.51 0.17 2.14
C ALA A 55 -4.11 0.55 2.57
N ALA A 56 -3.36 -0.43 3.08
CA ALA A 56 -1.99 -0.20 3.53
C ALA A 56 -1.08 -1.32 3.05
N VAL A 57 -0.09 -0.97 2.23
CA VAL A 57 0.85 -1.96 1.71
C VAL A 57 2.15 -1.96 2.50
N LYS A 58 2.65 -3.15 2.81
CA LYS A 58 3.90 -3.30 3.55
C LYS A 58 4.87 -4.19 2.78
N ILE A 59 5.89 -3.56 2.20
CA ILE A 59 6.89 -4.30 1.43
C ILE A 59 8.09 -4.65 2.28
N GLU A 60 8.61 -5.87 2.10
CA GLU A 60 9.77 -6.33 2.85
C GLU A 60 10.99 -6.41 1.95
N ARG A 61 12.18 -6.32 2.55
CA ARG A 61 13.43 -6.38 1.79
C ARG A 61 14.44 -7.26 2.50
N GLU A 62 15.02 -8.20 1.77
CA GLU A 62 16.02 -9.10 2.33
C GLU A 62 17.19 -8.31 2.90
N GLY A 63 17.28 -8.28 4.22
CA GLY A 63 18.35 -7.56 4.87
C GLY A 63 17.98 -6.13 5.20
N SER A 64 16.91 -5.63 4.58
CA SER A 64 16.45 -4.27 4.82
C SER A 64 15.10 -4.26 5.54
N ASP A 65 14.81 -3.17 6.23
CA ASP A 65 13.56 -3.04 6.96
C ASP A 65 12.39 -2.79 6.01
N ASP A 66 11.26 -3.41 6.30
CA ASP A 66 10.07 -3.26 5.47
C ASP A 66 9.69 -1.78 5.32
N LEU A 67 8.82 -1.50 4.36
CA LEU A 67 8.38 -0.13 4.11
C LEU A 67 6.87 -0.01 4.27
N TRP A 68 6.44 0.89 5.16
CA TRP A 68 5.03 1.09 5.41
C TRP A 68 4.51 2.29 4.61
N TRP A 69 3.79 1.99 3.53
CA TRP A 69 3.24 3.04 2.68
C TRP A 69 1.73 2.89 2.54
N ALA A 70 1.02 4.02 2.52
CA ALA A 70 -0.43 4.01 2.38
C ALA A 70 -0.86 4.21 0.94
N ILE A 71 -1.92 3.53 0.55
CA ILE A 71 -2.43 3.62 -0.82
C ILE A 71 -3.84 4.22 -0.84
N ASP A 72 -4.09 5.09 -1.82
CA ASP A 72 -5.41 5.72 -1.94
C ASP A 72 -6.20 5.11 -3.09
N GLY A 73 -6.99 4.09 -2.79
CA GLY A 73 -7.78 3.44 -3.80
C GLY A 73 -6.94 2.91 -4.94
N GLY A 74 -5.94 2.11 -4.61
CA GLY A 74 -5.06 1.55 -5.63
C GLY A 74 -5.44 0.12 -6.00
N PHE A 75 -4.89 -0.35 -7.12
CA PHE A 75 -5.16 -1.70 -7.58
C PHE A 75 -3.88 -2.54 -7.58
N LEU A 76 -3.99 -3.77 -7.11
CA LEU A 76 -2.84 -4.67 -7.05
C LEU A 76 -2.85 -5.65 -8.23
N SER A 77 -1.72 -5.73 -8.91
CA SER A 77 -1.58 -6.62 -10.06
C SER A 77 -0.34 -7.50 -9.92
N ILE A 78 -0.54 -8.81 -9.97
CA ILE A 78 0.57 -9.76 -9.86
C ILE A 78 0.76 -10.55 -11.15
N THR A 79 2.01 -10.84 -11.47
CA THR A 79 2.33 -11.59 -12.68
C THR A 79 3.29 -12.73 -12.37
N ASP A 80 3.59 -13.53 -13.38
CA ASP A 80 4.49 -14.68 -13.23
C ASP A 80 5.78 -14.27 -12.52
N THR A 81 6.17 -13.00 -12.68
CA THR A 81 7.38 -12.50 -12.05
C THR A 81 7.42 -10.98 -12.07
N LYS A 82 6.28 -10.36 -11.77
CA LYS A 82 6.18 -8.90 -11.75
C LYS A 82 4.93 -8.44 -11.00
N VAL A 83 5.09 -7.42 -10.17
CA VAL A 83 3.96 -6.88 -9.40
C VAL A 83 3.94 -5.36 -9.47
N SER A 84 2.84 -4.81 -9.97
CA SER A 84 2.69 -3.36 -10.09
C SER A 84 1.46 -2.88 -9.35
N ILE A 85 1.60 -1.72 -8.68
CA ILE A 85 0.49 -1.15 -7.93
C ILE A 85 0.16 0.25 -8.43
N LEU A 86 -1.04 0.43 -8.95
CA LEU A 86 -1.48 1.72 -9.46
C LEU A 86 -2.60 2.30 -8.59
N ALA A 87 -2.35 3.48 -8.02
CA ALA A 87 -3.33 4.13 -7.17
C ALA A 87 -3.33 5.64 -7.38
N GLU A 88 -4.28 6.32 -6.75
CA GLU A 88 -4.38 7.77 -6.86
C GLU A 88 -3.12 8.45 -6.33
N SER A 89 -2.61 7.94 -5.21
CA SER A 89 -1.41 8.49 -4.59
C SER A 89 -0.93 7.59 -3.46
N ALA A 90 0.31 7.81 -3.03
CA ALA A 90 0.90 7.03 -1.95
C ALA A 90 1.68 7.91 -0.99
N GLN A 91 1.74 7.49 0.28
CA GLN A 91 2.45 8.25 1.31
C GLN A 91 3.27 7.32 2.19
N ALA A 92 4.52 7.70 2.42
CA ALA A 92 5.42 6.90 3.26
C ALA A 92 5.13 7.13 4.74
N ARG A 93 5.27 6.07 5.53
CA ARG A 93 5.03 6.16 6.97
C ARG A 93 5.91 7.22 7.61
N ALA A 94 7.10 7.42 7.04
CA ALA A 94 8.04 8.40 7.55
C ALA A 94 7.64 9.82 7.15
N ASP A 95 6.85 9.93 6.07
CA ASP A 95 6.41 11.22 5.58
C ASP A 95 5.06 11.62 6.20
N ILE A 96 4.32 10.63 6.68
CA ILE A 96 3.02 10.88 7.30
C ILE A 96 3.18 11.50 8.68
N ASP A 97 2.29 12.43 9.02
CA ASP A 97 2.32 13.09 10.31
C ASP A 97 1.20 12.60 11.20
N GLU A 98 1.54 12.12 12.39
CA GLU A 98 0.56 11.60 13.35
C GLU A 98 -0.66 12.52 13.43
N ALA A 99 -0.42 13.82 13.35
CA ALA A 99 -1.50 14.80 13.41
C ALA A 99 -2.28 14.85 12.11
N LYS A 100 -1.56 14.86 10.99
CA LYS A 100 -2.19 14.91 9.68
C LYS A 100 -3.05 13.67 9.45
N ALA A 101 -2.47 12.49 9.66
CA ALA A 101 -3.17 11.23 9.47
C ALA A 101 -4.38 11.16 10.41
N LYS A 102 -4.22 11.64 11.63
CA LYS A 102 -5.30 11.63 12.61
C LYS A 102 -6.44 12.54 12.17
N THR A 103 -6.09 13.75 11.75
CA THR A 103 -7.09 14.71 11.29
C THR A 103 -7.84 14.19 10.07
N ASP A 104 -7.10 13.60 9.14
CA ASP A 104 -7.69 13.05 7.93
C ASP A 104 -8.76 12.01 8.27
N SER A 105 -8.46 11.17 9.25
CA SER A 105 -9.40 10.13 9.68
C SER A 105 -10.56 10.76 10.44
N GLY A 106 -10.31 11.91 11.07
CA GLY A 106 -11.34 12.60 11.81
C GLY A 106 -12.41 13.21 10.92
N SER A 107 -12.03 13.49 9.67
CA SER A 107 -12.95 14.10 8.71
C SER A 107 -14.22 13.25 8.58
N GLU A 108 -15.35 13.93 8.39
CA GLU A 108 -16.64 13.25 8.25
C GLU A 108 -16.77 12.63 6.86
N ASP A 109 -16.14 13.25 5.87
CA ASP A 109 -16.19 12.76 4.50
C ASP A 109 -15.69 11.32 4.42
N PRO A 110 -16.27 10.51 3.50
CA PRO A 110 -15.87 9.11 3.33
C PRO A 110 -14.49 8.97 2.70
N ARG A 111 -14.24 9.79 1.69
CA ARG A 111 -12.95 9.77 1.00
C ARG A 111 -11.82 10.20 1.93
N VAL A 112 -12.02 11.32 2.62
CA VAL A 112 -11.02 11.83 3.55
C VAL A 112 -10.79 10.86 4.70
N ALA A 113 -11.87 10.26 5.18
CA ALA A 113 -11.79 9.31 6.28
C ALA A 113 -10.92 8.12 5.91
N ALA A 114 -10.99 7.70 4.65
CA ALA A 114 -10.21 6.57 4.17
C ALA A 114 -8.74 6.94 4.05
N GLN A 115 -8.47 8.12 3.50
CA GLN A 115 -7.11 8.60 3.34
C GLN A 115 -6.39 8.66 4.68
N GLY A 116 -7.02 9.31 5.65
CA GLY A 116 -6.41 9.41 6.97
C GLY A 116 -6.25 8.06 7.63
N ARG A 117 -7.18 7.15 7.36
CA ARG A 117 -7.12 5.81 7.92
C ARG A 117 -5.97 5.02 7.30
N ALA A 118 -5.77 5.21 6.00
CA ALA A 118 -4.70 4.52 5.29
C ALA A 118 -3.34 4.94 5.83
N ARG A 119 -3.14 6.24 5.97
CA ARG A 119 -1.88 6.78 6.48
C ARG A 119 -1.68 6.38 7.94
N LEU A 120 -2.76 6.44 8.71
CA LEU A 120 -2.71 6.07 10.12
C LEU A 120 -2.34 4.59 10.29
N ARG A 121 -2.89 3.75 9.42
CA ARG A 121 -2.61 2.32 9.47
C ARG A 121 -1.13 2.06 9.31
N ALA A 122 -0.52 2.66 8.30
CA ALA A 122 0.91 2.49 8.04
C ALA A 122 1.73 2.97 9.24
N LEU A 123 1.22 3.99 9.94
CA LEU A 123 1.89 4.53 11.10
C LEU A 123 1.83 3.56 12.28
N GLY A 124 0.81 2.72 12.29
CA GLY A 124 0.66 1.75 13.37
C GLY A 124 -0.75 1.70 13.93
N GLN A 125 -1.64 2.55 13.40
CA GLN A 125 -3.02 2.58 13.87
C GLN A 125 -3.85 1.48 13.21
N THR A 126 -5.08 1.31 13.67
CA THR A 126 -5.97 0.30 13.12
C THR A 126 -7.33 0.90 12.77
N VAL A 127 -7.87 0.47 11.64
CA VAL A 127 -9.17 0.96 11.18
C VAL A 127 -10.25 0.70 12.23
N SER A 8 15.27 -15.47 -5.61
CA SER A 8 14.01 -14.94 -6.15
C SER A 8 13.47 -13.80 -5.29
N GLU A 9 12.88 -12.79 -5.94
CA GLU A 9 12.34 -11.64 -5.23
C GLU A 9 11.04 -11.18 -5.88
N ILE A 10 10.38 -10.22 -5.23
CA ILE A 10 9.12 -9.69 -5.73
C ILE A 10 9.28 -8.26 -6.25
N ASP A 11 9.00 -8.07 -7.54
CA ASP A 11 9.11 -6.75 -8.14
C ASP A 11 7.90 -5.90 -7.77
N VAL A 12 8.12 -4.94 -6.87
CA VAL A 12 7.05 -4.06 -6.42
C VAL A 12 7.27 -2.63 -6.91
N GLU A 13 6.25 -2.08 -7.55
CA GLU A 13 6.33 -0.72 -8.07
C GLU A 13 5.04 0.05 -7.79
N ILE A 14 5.13 1.05 -6.93
CA ILE A 14 3.97 1.87 -6.58
C ILE A 14 3.83 3.04 -7.55
N VAL A 15 2.86 2.93 -8.46
CA VAL A 15 2.62 3.98 -9.45
C VAL A 15 1.34 4.75 -9.16
N ALA A 16 1.41 6.07 -9.31
CA ALA A 16 0.25 6.92 -9.07
C ALA A 16 -0.22 7.55 -10.38
N VAL A 17 -1.51 7.88 -10.44
CA VAL A 17 -2.08 8.49 -11.62
C VAL A 17 -1.33 9.76 -12.03
N GLU A 18 -0.64 10.36 -11.06
CA GLU A 18 0.11 11.59 -11.32
C GLU A 18 1.61 11.32 -11.45
N ARG A 19 2.10 10.32 -10.72
CA ARG A 19 3.52 9.99 -10.76
C ARG A 19 3.83 8.69 -10.04
N GLU A 20 5.07 8.22 -10.18
CA GLU A 20 5.51 7.00 -9.53
C GLU A 20 6.13 7.31 -8.17
N ILE A 21 5.99 6.38 -7.23
CA ILE A 21 6.53 6.57 -5.89
C ILE A 21 7.65 5.58 -5.58
N TRP A 22 7.42 4.30 -5.88
CA TRP A 22 8.43 3.28 -5.61
C TRP A 22 8.52 2.27 -6.75
N SER A 23 9.64 1.55 -6.79
CA SER A 23 9.88 0.55 -7.83
C SER A 23 11.14 -0.24 -7.52
N GLY A 24 10.99 -1.55 -7.31
CA GLY A 24 12.14 -2.39 -7.01
C GLY A 24 11.74 -3.82 -6.66
N LYS A 25 12.63 -4.53 -5.98
CA LYS A 25 12.37 -5.91 -5.58
C LYS A 25 12.16 -6.02 -4.08
N ALA A 26 11.43 -7.04 -3.65
CA ALA A 26 11.15 -7.25 -2.23
C ALA A 26 11.19 -8.73 -1.87
N THR A 27 11.13 -9.01 -0.58
CA THR A 27 11.15 -10.38 -0.10
C THR A 27 9.72 -10.89 0.13
N PHE A 28 8.89 -10.00 0.66
CA PHE A 28 7.49 -10.32 0.92
C PHE A 28 6.65 -9.05 0.97
N VAL A 29 5.45 -9.10 0.42
CA VAL A 29 4.58 -7.94 0.39
C VAL A 29 3.17 -8.30 0.85
N PHE A 30 2.48 -7.33 1.44
CA PHE A 30 1.12 -7.53 1.92
C PHE A 30 0.24 -6.34 1.58
N THR A 31 -1.00 -6.59 1.20
CA THR A 31 -1.93 -5.53 0.84
C THR A 31 -3.34 -5.86 1.30
N ARG A 32 -4.20 -4.83 1.35
CA ARG A 32 -5.58 -5.02 1.78
C ARG A 32 -6.55 -4.67 0.65
N THR A 33 -7.52 -5.55 0.42
CA THR A 33 -8.51 -5.34 -0.62
C THR A 33 -9.92 -5.61 -0.10
N THR A 34 -10.91 -5.34 -0.95
CA THR A 34 -12.31 -5.55 -0.58
C THR A 34 -12.54 -6.98 -0.06
N SER A 35 -11.68 -7.90 -0.47
CA SER A 35 -11.79 -9.29 -0.05
C SER A 35 -10.87 -9.59 1.13
N GLY A 36 -10.54 -8.54 1.90
CA GLY A 36 -9.66 -8.72 3.05
C GLY A 36 -8.20 -8.53 2.70
N GLU A 37 -7.33 -8.81 3.66
CA GLU A 37 -5.90 -8.67 3.46
C GLU A 37 -5.31 -9.94 2.84
N ILE A 38 -4.23 -9.78 2.08
CA ILE A 38 -3.59 -10.91 1.43
C ILE A 38 -2.09 -10.66 1.24
N GLY A 39 -1.29 -11.71 1.33
CA GLY A 39 0.13 -11.58 1.16
C GLY A 39 0.62 -12.21 -0.13
N ILE A 40 1.67 -11.63 -0.72
CA ILE A 40 2.22 -12.15 -1.96
C ILE A 40 3.69 -12.53 -1.79
N LEU A 41 4.05 -13.72 -2.27
CA LEU A 41 5.42 -14.19 -2.18
C LEU A 41 6.06 -14.26 -3.58
N PRO A 42 7.39 -14.21 -3.65
CA PRO A 42 8.12 -14.26 -4.93
C PRO A 42 8.14 -15.67 -5.51
N HIS A 43 6.95 -16.22 -5.76
CA HIS A 43 6.83 -17.56 -6.33
C HIS A 43 5.38 -18.01 -6.35
N HIS A 44 4.48 -17.09 -6.70
CA HIS A 44 3.06 -17.40 -6.75
C HIS A 44 2.49 -17.13 -8.15
N ILE A 45 1.17 -17.27 -8.28
CA ILE A 45 0.51 -17.04 -9.56
C ILE A 45 -0.05 -15.62 -9.63
N PRO A 46 -0.30 -15.12 -10.85
CA PRO A 46 -0.83 -13.77 -11.07
C PRO A 46 -2.17 -13.56 -10.37
N LEU A 47 -2.55 -12.30 -10.19
CA LEU A 47 -3.82 -11.98 -9.54
C LEU A 47 -4.11 -10.48 -9.63
N VAL A 48 -5.39 -10.13 -9.64
CA VAL A 48 -5.79 -8.73 -9.71
C VAL A 48 -6.90 -8.42 -8.72
N ALA A 49 -6.57 -7.62 -7.71
CA ALA A 49 -7.54 -7.25 -6.68
C ALA A 49 -7.55 -5.74 -6.45
N GLN A 50 -8.69 -5.23 -6.01
CA GLN A 50 -8.82 -3.80 -5.74
C GLN A 50 -8.62 -3.50 -4.26
N LEU A 51 -7.64 -2.63 -3.98
CA LEU A 51 -7.35 -2.25 -2.61
C LEU A 51 -8.44 -1.37 -2.02
N VAL A 52 -8.59 -1.40 -0.70
CA VAL A 52 -9.61 -0.60 -0.03
C VAL A 52 -9.20 0.87 0.01
N ASP A 53 -10.11 1.71 0.48
CA ASP A 53 -9.85 3.15 0.57
C ASP A 53 -8.68 3.44 1.51
N ASP A 54 -8.67 2.78 2.66
CA ASP A 54 -7.61 2.97 3.64
C ASP A 54 -6.64 1.79 3.63
N ALA A 55 -6.39 1.26 2.42
CA ALA A 55 -5.48 0.13 2.28
C ALA A 55 -4.04 0.54 2.53
N ALA A 56 -3.28 -0.37 3.13
CA ALA A 56 -1.87 -0.12 3.43
C ALA A 56 -0.99 -1.28 2.96
N VAL A 57 0.00 -0.98 2.15
CA VAL A 57 0.91 -2.01 1.63
C VAL A 57 2.21 -2.06 2.41
N LYS A 58 2.65 -3.27 2.73
CA LYS A 58 3.89 -3.46 3.48
C LYS A 58 4.88 -4.27 2.65
N ILE A 59 5.88 -3.59 2.09
CA ILE A 59 6.89 -4.24 1.27
C ILE A 59 8.16 -4.54 2.07
N GLU A 60 8.35 -5.80 2.43
CA GLU A 60 9.52 -6.21 3.19
C GLU A 60 10.76 -6.27 2.29
N ARG A 61 11.91 -5.92 2.87
CA ARG A 61 13.17 -5.93 2.12
C ARG A 61 14.17 -6.88 2.75
N GLU A 62 14.75 -7.74 1.92
CA GLU A 62 15.73 -8.71 2.39
C GLU A 62 16.94 -8.00 2.97
N GLY A 63 17.07 -8.05 4.29
CA GLY A 63 18.18 -7.41 4.96
C GLY A 63 17.88 -5.97 5.35
N SER A 64 16.83 -5.40 4.77
CA SER A 64 16.44 -4.03 5.08
C SER A 64 15.06 -3.98 5.72
N ASP A 65 14.76 -2.87 6.39
CA ASP A 65 13.47 -2.70 7.05
C ASP A 65 12.34 -2.61 6.01
N ASP A 66 11.20 -3.20 6.35
CA ASP A 66 10.04 -3.19 5.46
C ASP A 66 9.62 -1.76 5.13
N LEU A 67 8.80 -1.62 4.10
CA LEU A 67 8.32 -0.30 3.67
C LEU A 67 6.84 -0.14 4.01
N TRP A 68 6.51 0.98 4.65
CA TRP A 68 5.13 1.28 5.03
C TRP A 68 4.57 2.41 4.19
N TRP A 69 3.82 2.06 3.15
CA TRP A 69 3.22 3.04 2.26
C TRP A 69 1.69 2.92 2.27
N ALA A 70 1.02 4.07 2.31
CA ALA A 70 -0.44 4.10 2.32
C ALA A 70 -0.99 4.34 0.92
N ILE A 71 -1.77 3.39 0.42
CA ILE A 71 -2.35 3.50 -0.91
C ILE A 71 -3.76 4.10 -0.85
N ASP A 72 -4.06 4.97 -1.81
CA ASP A 72 -5.37 5.60 -1.87
C ASP A 72 -6.21 5.03 -3.00
N GLY A 73 -7.02 4.02 -2.68
CA GLY A 73 -7.86 3.39 -3.68
C GLY A 73 -7.07 2.85 -4.85
N GLY A 74 -6.06 2.02 -4.55
CA GLY A 74 -5.24 1.45 -5.58
C GLY A 74 -5.60 0.01 -5.91
N PHE A 75 -5.03 -0.51 -6.99
CA PHE A 75 -5.29 -1.89 -7.40
C PHE A 75 -4.00 -2.69 -7.43
N LEU A 76 -4.07 -3.92 -6.91
CA LEU A 76 -2.90 -4.79 -6.88
C LEU A 76 -2.93 -5.79 -8.03
N SER A 77 -1.83 -5.86 -8.76
CA SER A 77 -1.71 -6.77 -9.89
C SER A 77 -0.42 -7.58 -9.78
N ILE A 78 -0.56 -8.90 -9.87
CA ILE A 78 0.59 -9.80 -9.77
C ILE A 78 0.78 -10.58 -11.07
N THR A 79 2.04 -10.77 -11.46
CA THR A 79 2.36 -11.51 -12.68
C THR A 79 3.37 -12.61 -12.41
N ASP A 80 3.70 -13.36 -13.45
CA ASP A 80 4.64 -14.47 -13.33
C ASP A 80 5.91 -14.04 -12.61
N THR A 81 6.25 -12.75 -12.69
CA THR A 81 7.44 -12.23 -12.03
C THR A 81 7.43 -10.71 -11.95
N LYS A 82 6.26 -10.14 -11.63
CA LYS A 82 6.14 -8.69 -11.53
C LYS A 82 4.89 -8.31 -10.73
N VAL A 83 5.04 -7.27 -9.90
CA VAL A 83 3.92 -6.80 -9.08
C VAL A 83 3.82 -5.27 -9.14
N SER A 84 2.79 -4.78 -9.83
CA SER A 84 2.59 -3.35 -9.97
C SER A 84 1.32 -2.91 -9.24
N ILE A 85 1.39 -1.73 -8.62
CA ILE A 85 0.25 -1.18 -7.88
C ILE A 85 -0.14 0.19 -8.41
N LEU A 86 -1.34 0.27 -8.99
CA LEU A 86 -1.84 1.53 -9.53
C LEU A 86 -2.89 2.14 -8.62
N ALA A 87 -2.61 3.34 -8.10
CA ALA A 87 -3.54 4.02 -7.21
C ALA A 87 -3.51 5.52 -7.44
N GLU A 88 -4.41 6.23 -6.75
CA GLU A 88 -4.50 7.68 -6.87
C GLU A 88 -3.21 8.34 -6.36
N SER A 89 -2.70 7.84 -5.24
CA SER A 89 -1.49 8.38 -4.65
C SER A 89 -0.99 7.49 -3.52
N ALA A 90 0.28 7.68 -3.14
CA ALA A 90 0.88 6.90 -2.06
C ALA A 90 1.69 7.77 -1.13
N GLN A 91 1.72 7.39 0.14
CA GLN A 91 2.47 8.15 1.15
C GLN A 91 3.20 7.22 2.10
N ALA A 92 4.51 7.45 2.26
CA ALA A 92 5.32 6.63 3.14
C ALA A 92 5.11 7.00 4.60
N ARG A 93 5.42 6.08 5.50
CA ARG A 93 5.26 6.32 6.93
C ARG A 93 6.12 7.49 7.39
N ALA A 94 7.25 7.68 6.72
CA ALA A 94 8.15 8.77 7.06
C ALA A 94 7.55 10.12 6.72
N ASP A 95 6.67 10.13 5.72
CA ASP A 95 6.02 11.36 5.29
C ASP A 95 4.70 11.58 6.05
N ILE A 96 4.14 10.49 6.58
CA ILE A 96 2.89 10.58 7.33
C ILE A 96 3.11 11.21 8.69
N ASP A 97 2.06 11.82 9.23
CA ASP A 97 2.13 12.46 10.53
C ASP A 97 0.99 11.99 11.43
N GLU A 98 1.34 11.47 12.61
CA GLU A 98 0.34 10.98 13.55
C GLU A 98 -0.78 11.98 13.76
N ALA A 99 -0.45 13.26 13.68
CA ALA A 99 -1.43 14.33 13.85
C ALA A 99 -2.32 14.46 12.63
N LYS A 100 -1.70 14.73 11.48
CA LYS A 100 -2.44 14.88 10.23
C LYS A 100 -3.23 13.61 9.91
N ALA A 101 -2.74 12.48 10.38
CA ALA A 101 -3.41 11.20 10.14
C ALA A 101 -4.71 11.10 10.94
N LYS A 102 -4.63 11.44 12.23
CA LYS A 102 -5.81 11.38 13.09
C LYS A 102 -6.87 12.38 12.62
N THR A 103 -6.43 13.57 12.24
CA THR A 103 -7.35 14.60 11.77
C THR A 103 -8.02 14.19 10.47
N ASP A 104 -7.23 13.61 9.56
CA ASP A 104 -7.74 13.17 8.27
C ASP A 104 -8.86 12.15 8.47
N SER A 105 -8.67 11.25 9.43
CA SER A 105 -9.66 10.23 9.72
C SER A 105 -10.86 10.84 10.46
N GLY A 106 -10.61 11.94 11.16
CA GLY A 106 -11.67 12.60 11.90
C GLY A 106 -12.64 13.34 10.99
N SER A 107 -12.14 13.74 9.81
CA SER A 107 -12.97 14.46 8.84
C SER A 107 -14.23 13.66 8.50
N GLU A 108 -15.25 14.36 8.02
CA GLU A 108 -16.51 13.72 7.66
C GLU A 108 -16.48 13.26 6.20
N ASP A 109 -15.71 13.97 5.37
CA ASP A 109 -15.61 13.64 3.95
C ASP A 109 -15.11 12.20 3.77
N PRO A 110 -15.57 11.53 2.70
CA PRO A 110 -15.18 10.14 2.41
C PRO A 110 -13.73 10.04 1.96
N ARG A 111 -13.31 10.96 1.10
CA ARG A 111 -11.95 10.96 0.59
C ARG A 111 -10.95 11.22 1.72
N VAL A 112 -11.24 12.24 2.53
CA VAL A 112 -10.36 12.59 3.65
C VAL A 112 -10.31 11.47 4.68
N ALA A 113 -11.46 10.85 4.94
CA ALA A 113 -11.54 9.77 5.90
C ALA A 113 -10.68 8.59 5.47
N ALA A 114 -10.66 8.33 4.17
CA ALA A 114 -9.89 7.22 3.62
C ALA A 114 -8.39 7.49 3.75
N GLN A 115 -7.98 8.70 3.37
CA GLN A 115 -6.57 9.08 3.45
C GLN A 115 -6.06 9.00 4.89
N GLY A 116 -6.83 9.56 5.81
CA GLY A 116 -6.44 9.53 7.22
C GLY A 116 -6.31 8.12 7.74
N ARG A 117 -7.26 7.26 7.37
CA ARG A 117 -7.25 5.87 7.82
C ARG A 117 -6.08 5.12 7.18
N ALA A 118 -5.80 5.41 5.92
CA ALA A 118 -4.71 4.77 5.21
C ALA A 118 -3.36 5.19 5.78
N ARG A 119 -3.22 6.48 6.06
CA ARG A 119 -1.99 7.02 6.63
C ARG A 119 -1.79 6.50 8.05
N LEU A 120 -2.88 6.43 8.80
CA LEU A 120 -2.83 5.95 10.17
C LEU A 120 -2.34 4.51 10.22
N ARG A 121 -2.84 3.69 9.30
CA ARG A 121 -2.44 2.28 9.23
C ARG A 121 -0.94 2.16 9.03
N ALA A 122 -0.41 2.88 8.06
CA ALA A 122 1.02 2.86 7.77
C ALA A 122 1.82 3.28 9.00
N LEU A 123 1.23 4.14 9.82
CA LEU A 123 1.89 4.62 11.03
C LEU A 123 1.92 3.54 12.10
N GLY A 124 0.95 2.64 12.05
CA GLY A 124 0.88 1.56 13.03
C GLY A 124 -0.53 1.22 13.45
N GLN A 125 -1.49 2.07 13.10
CA GLN A 125 -2.89 1.84 13.45
C GLN A 125 -3.46 0.67 12.67
N THR A 126 -4.64 0.21 13.07
CA THR A 126 -5.30 -0.91 12.42
C THR A 126 -6.80 -0.66 12.28
N VAL A 127 -7.30 -0.77 11.06
CA VAL A 127 -8.72 -0.56 10.80
C VAL A 127 -9.55 -1.75 11.28
N SER A 8 15.20 -15.49 -5.83
CA SER A 8 14.19 -14.67 -6.53
C SER A 8 13.65 -13.56 -5.63
N GLU A 9 12.96 -12.59 -6.23
CA GLU A 9 12.40 -11.47 -5.48
C GLU A 9 11.09 -11.01 -6.11
N ILE A 10 10.42 -10.07 -5.43
CA ILE A 10 9.15 -9.55 -5.90
C ILE A 10 9.29 -8.12 -6.39
N ASP A 11 8.95 -7.88 -7.65
CA ASP A 11 9.02 -6.54 -8.21
C ASP A 11 7.81 -5.72 -7.78
N VAL A 12 8.04 -4.78 -6.86
CA VAL A 12 6.97 -3.94 -6.35
C VAL A 12 7.14 -2.50 -6.83
N GLU A 13 6.18 -2.02 -7.61
CA GLU A 13 6.21 -0.67 -8.13
C GLU A 13 4.95 0.09 -7.76
N ILE A 14 5.11 1.10 -6.91
CA ILE A 14 3.98 1.91 -6.47
C ILE A 14 3.82 3.12 -7.37
N VAL A 15 2.81 3.08 -8.24
CA VAL A 15 2.55 4.16 -9.17
C VAL A 15 1.26 4.91 -8.83
N ALA A 16 1.27 6.22 -9.01
CA ALA A 16 0.10 7.05 -8.73
C ALA A 16 -0.42 7.68 -10.01
N VAL A 17 -1.70 8.01 -10.02
CA VAL A 17 -2.33 8.63 -11.19
C VAL A 17 -1.60 9.90 -11.60
N GLU A 18 -0.90 10.51 -10.65
CA GLU A 18 -0.17 11.75 -10.92
C GLU A 18 1.34 11.49 -11.10
N ARG A 19 1.86 10.50 -10.39
CA ARG A 19 3.29 10.19 -10.47
C ARG A 19 3.63 8.90 -9.74
N GLU A 20 4.82 8.37 -10.03
CA GLU A 20 5.29 7.15 -9.40
C GLU A 20 5.95 7.45 -8.06
N ILE A 21 5.79 6.55 -7.10
CA ILE A 21 6.37 6.75 -5.78
C ILE A 21 7.57 5.84 -5.53
N TRP A 22 7.38 4.54 -5.70
CA TRP A 22 8.46 3.59 -5.48
C TRP A 22 8.48 2.49 -6.55
N SER A 23 9.61 1.79 -6.66
CA SER A 23 9.76 0.72 -7.62
C SER A 23 11.05 -0.06 -7.38
N GLY A 24 10.91 -1.35 -7.06
CA GLY A 24 12.08 -2.17 -6.79
C GLY A 24 11.71 -3.62 -6.51
N LYS A 25 12.64 -4.36 -5.92
CA LYS A 25 12.42 -5.77 -5.60
C LYS A 25 12.22 -5.95 -4.09
N ALA A 26 11.47 -6.99 -3.72
CA ALA A 26 11.21 -7.27 -2.31
C ALA A 26 11.27 -8.75 -2.02
N THR A 27 11.22 -9.10 -0.74
CA THR A 27 11.25 -10.50 -0.32
C THR A 27 9.85 -11.01 -0.02
N PHE A 28 9.01 -10.10 0.48
CA PHE A 28 7.62 -10.43 0.80
C PHE A 28 6.78 -9.15 0.83
N VAL A 29 5.56 -9.24 0.31
CA VAL A 29 4.67 -8.10 0.29
C VAL A 29 3.27 -8.46 0.76
N PHE A 30 2.63 -7.54 1.47
CA PHE A 30 1.28 -7.75 1.99
C PHE A 30 0.39 -6.57 1.64
N THR A 31 -0.84 -6.86 1.24
CA THR A 31 -1.79 -5.81 0.88
C THR A 31 -3.18 -6.13 1.40
N ARG A 32 -4.02 -5.10 1.49
CA ARG A 32 -5.39 -5.27 1.98
C ARG A 32 -6.40 -4.94 0.89
N THR A 33 -7.33 -5.85 0.66
CA THR A 33 -8.36 -5.67 -0.35
C THR A 33 -9.75 -5.88 0.23
N THR A 34 -10.77 -5.62 -0.58
CA THR A 34 -12.15 -5.79 -0.15
C THR A 34 -12.39 -7.19 0.42
N SER A 35 -11.57 -8.15 0.00
CA SER A 35 -11.70 -9.52 0.47
C SER A 35 -10.73 -9.79 1.62
N GLY A 36 -10.35 -8.75 2.34
CA GLY A 36 -9.43 -8.91 3.45
C GLY A 36 -7.98 -8.72 3.05
N GLU A 37 -7.07 -9.04 3.96
CA GLU A 37 -5.63 -8.90 3.69
C GLU A 37 -5.08 -10.17 3.06
N ILE A 38 -4.02 -10.03 2.28
CA ILE A 38 -3.39 -11.16 1.62
C ILE A 38 -1.90 -10.93 1.40
N GLY A 39 -1.11 -11.99 1.47
CA GLY A 39 0.32 -11.89 1.27
C GLY A 39 0.76 -12.49 -0.05
N ILE A 40 1.77 -11.87 -0.66
CA ILE A 40 2.29 -12.36 -1.94
C ILE A 40 3.77 -12.69 -1.85
N LEU A 41 4.16 -13.80 -2.48
CA LEU A 41 5.55 -14.23 -2.47
C LEU A 41 6.13 -14.22 -3.89
N PRO A 42 7.47 -14.16 -4.02
CA PRO A 42 8.13 -14.13 -5.32
C PRO A 42 8.13 -15.50 -6.01
N HIS A 43 6.93 -16.03 -6.24
CA HIS A 43 6.78 -17.34 -6.89
C HIS A 43 5.32 -17.79 -6.85
N HIS A 44 4.51 -17.22 -7.73
CA HIS A 44 3.09 -17.57 -7.80
C HIS A 44 2.48 -17.11 -9.13
N ILE A 45 1.17 -17.30 -9.25
CA ILE A 45 0.46 -16.91 -10.46
C ILE A 45 -0.09 -15.49 -10.36
N PRO A 46 -0.32 -14.83 -11.50
CA PRO A 46 -0.84 -13.46 -11.52
C PRO A 46 -2.17 -13.33 -10.79
N LEU A 47 -2.59 -12.09 -10.53
CA LEU A 47 -3.84 -11.84 -9.83
C LEU A 47 -4.16 -10.34 -9.83
N VAL A 48 -5.45 -10.02 -9.79
CA VAL A 48 -5.89 -8.63 -9.77
C VAL A 48 -6.95 -8.41 -8.70
N ALA A 49 -6.60 -7.61 -7.70
CA ALA A 49 -7.54 -7.31 -6.61
C ALA A 49 -7.58 -5.82 -6.32
N GLN A 50 -8.68 -5.37 -5.72
CA GLN A 50 -8.85 -3.96 -5.38
C GLN A 50 -8.57 -3.70 -3.90
N LEU A 51 -7.68 -2.76 -3.63
CA LEU A 51 -7.32 -2.43 -2.25
C LEU A 51 -8.40 -1.56 -1.61
N VAL A 52 -8.55 -1.70 -0.30
CA VAL A 52 -9.55 -0.92 0.44
C VAL A 52 -9.22 0.57 0.40
N ASP A 53 -10.15 1.38 0.91
CA ASP A 53 -9.96 2.83 0.93
C ASP A 53 -8.72 3.21 1.74
N ASP A 54 -8.57 2.60 2.90
CA ASP A 54 -7.43 2.88 3.78
C ASP A 54 -6.44 1.72 3.74
N ALA A 55 -6.28 1.12 2.58
CA ALA A 55 -5.35 -0.01 2.42
C ALA A 55 -3.93 0.39 2.76
N ALA A 56 -3.18 -0.56 3.30
CA ALA A 56 -1.79 -0.33 3.67
C ALA A 56 -0.89 -1.42 3.11
N VAL A 57 0.06 -1.03 2.27
CA VAL A 57 0.97 -1.98 1.65
C VAL A 57 2.32 -2.03 2.37
N LYS A 58 2.65 -3.20 2.90
CA LYS A 58 3.91 -3.40 3.62
C LYS A 58 4.87 -4.24 2.79
N ILE A 59 5.85 -3.58 2.18
CA ILE A 59 6.82 -4.27 1.36
C ILE A 59 8.08 -4.61 2.15
N GLU A 60 8.49 -5.88 2.08
CA GLU A 60 9.68 -6.34 2.78
C GLU A 60 10.90 -6.32 1.86
N ARG A 61 12.07 -6.12 2.43
CA ARG A 61 13.30 -6.09 1.66
C ARG A 61 14.34 -7.03 2.24
N GLU A 62 14.95 -7.84 1.37
CA GLU A 62 15.97 -8.79 1.81
C GLU A 62 17.11 -8.06 2.51
N GLY A 63 17.19 -8.21 3.82
CA GLY A 63 18.24 -7.57 4.59
C GLY A 63 17.82 -6.21 5.12
N SER A 64 16.75 -5.66 4.55
CA SER A 64 16.24 -4.35 4.97
C SER A 64 14.86 -4.48 5.58
N ASP A 65 14.53 -3.57 6.49
CA ASP A 65 13.23 -3.57 7.15
C ASP A 65 12.12 -3.27 6.16
N ASP A 66 10.92 -3.77 6.44
CA ASP A 66 9.77 -3.56 5.57
C ASP A 66 9.43 -2.07 5.48
N LEU A 67 8.61 -1.72 4.50
CA LEU A 67 8.20 -0.33 4.30
C LEU A 67 6.70 -0.17 4.45
N TRP A 68 6.29 0.65 5.41
CA TRP A 68 4.87 0.88 5.66
C TRP A 68 4.36 2.05 4.82
N TRP A 69 3.84 1.74 3.64
CA TRP A 69 3.31 2.76 2.74
C TRP A 69 1.79 2.68 2.67
N ALA A 70 1.16 3.84 2.64
CA ALA A 70 -0.30 3.91 2.57
C ALA A 70 -0.77 4.10 1.14
N ILE A 71 -1.91 3.50 0.81
CA ILE A 71 -2.46 3.60 -0.54
C ILE A 71 -3.89 4.15 -0.51
N ASP A 72 -4.20 5.01 -1.47
CA ASP A 72 -5.52 5.61 -1.55
C ASP A 72 -6.33 5.00 -2.68
N GLY A 73 -7.11 3.97 -2.37
CA GLY A 73 -7.91 3.31 -3.37
C GLY A 73 -7.08 2.77 -4.51
N GLY A 74 -6.07 1.96 -4.18
CA GLY A 74 -5.21 1.40 -5.19
C GLY A 74 -5.58 -0.03 -5.54
N PHE A 75 -5.04 -0.52 -6.66
CA PHE A 75 -5.32 -1.89 -7.09
C PHE A 75 -4.01 -2.69 -7.22
N LEU A 76 -4.06 -3.94 -6.77
CA LEU A 76 -2.88 -4.80 -6.82
C LEU A 76 -2.97 -5.75 -8.03
N SER A 77 -1.91 -5.77 -8.83
CA SER A 77 -1.85 -6.62 -10.00
C SER A 77 -0.56 -7.44 -10.01
N ILE A 78 -0.67 -8.72 -9.65
CA ILE A 78 0.49 -9.60 -9.63
C ILE A 78 0.70 -10.26 -10.99
N THR A 79 1.96 -10.44 -11.36
CA THR A 79 2.31 -11.05 -12.64
C THR A 79 3.22 -12.25 -12.45
N ASP A 80 3.62 -12.83 -13.57
CA ASP A 80 4.50 -14.00 -13.56
C ASP A 80 5.72 -13.78 -12.68
N THR A 81 6.33 -12.60 -12.78
CA THR A 81 7.51 -12.28 -11.99
C THR A 81 7.61 -10.78 -11.73
N LYS A 82 6.46 -10.14 -11.51
CA LYS A 82 6.43 -8.71 -11.25
C LYS A 82 5.09 -8.30 -10.66
N VAL A 83 5.11 -7.24 -9.84
CA VAL A 83 3.89 -6.75 -9.20
C VAL A 83 3.80 -5.23 -9.31
N SER A 84 2.71 -4.74 -9.89
CA SER A 84 2.51 -3.31 -10.06
C SER A 84 1.27 -2.84 -9.29
N ILE A 85 1.39 -1.71 -8.61
CA ILE A 85 0.29 -1.15 -7.84
C ILE A 85 -0.10 0.23 -8.36
N LEU A 86 -1.35 0.36 -8.79
CA LEU A 86 -1.85 1.63 -9.30
C LEU A 86 -2.93 2.19 -8.39
N ALA A 87 -2.66 3.36 -7.81
CA ALA A 87 -3.62 4.01 -6.91
C ALA A 87 -3.63 5.51 -7.12
N GLU A 88 -4.56 6.18 -6.44
CA GLU A 88 -4.69 7.63 -6.55
C GLU A 88 -3.46 8.33 -5.98
N SER A 89 -2.92 7.76 -4.90
CA SER A 89 -1.73 8.32 -4.26
C SER A 89 -1.28 7.45 -3.10
N ALA A 90 -0.13 7.77 -2.53
CA ALA A 90 0.41 7.00 -1.41
C ALA A 90 1.35 7.86 -0.56
N GLN A 91 1.68 7.37 0.63
CA GLN A 91 2.57 8.08 1.54
C GLN A 91 3.29 7.12 2.46
N ALA A 92 4.59 7.34 2.64
CA ALA A 92 5.40 6.49 3.50
C ALA A 92 5.18 6.83 4.98
N ARG A 93 5.28 5.82 5.83
CA ARG A 93 5.09 6.02 7.27
C ARG A 93 6.08 7.05 7.81
N ALA A 94 7.21 7.20 7.13
CA ALA A 94 8.23 8.15 7.54
C ALA A 94 7.81 9.59 7.26
N ASP A 95 6.95 9.77 6.26
CA ASP A 95 6.47 11.10 5.90
C ASP A 95 5.11 11.40 6.53
N ILE A 96 4.37 10.34 6.88
CA ILE A 96 3.06 10.51 7.49
C ILE A 96 3.17 11.14 8.87
N ASP A 97 2.42 12.22 9.08
CA ASP A 97 2.44 12.92 10.35
C ASP A 97 1.21 12.55 11.19
N GLU A 98 1.46 12.08 12.41
CA GLU A 98 0.36 11.68 13.31
C GLU A 98 -0.73 12.74 13.36
N ALA A 99 -0.34 14.00 13.19
CA ALA A 99 -1.30 15.10 13.21
C ALA A 99 -2.07 15.18 11.89
N LYS A 100 -1.37 14.95 10.79
CA LYS A 100 -1.99 14.99 9.46
C LYS A 100 -2.93 13.80 9.27
N ALA A 101 -2.50 12.63 9.73
CA ALA A 101 -3.30 11.42 9.61
C ALA A 101 -4.55 11.51 10.45
N LYS A 102 -4.43 12.10 11.64
CA LYS A 102 -5.56 12.24 12.54
C LYS A 102 -6.61 13.17 11.95
N THR A 103 -6.15 14.30 11.41
CA THR A 103 -7.05 15.28 10.81
C THR A 103 -7.75 14.70 9.59
N ASP A 104 -6.98 14.02 8.74
CA ASP A 104 -7.52 13.41 7.53
C ASP A 104 -8.60 12.40 7.89
N SER A 105 -8.37 11.64 8.96
CA SER A 105 -9.33 10.65 9.41
C SER A 105 -10.51 11.32 10.11
N GLY A 106 -10.27 12.51 10.65
CA GLY A 106 -11.31 13.25 11.33
C GLY A 106 -12.33 13.83 10.37
N SER A 107 -11.90 14.09 9.14
CA SER A 107 -12.78 14.66 8.12
C SER A 107 -14.00 13.77 7.90
N GLU A 108 -15.11 14.37 7.49
CA GLU A 108 -16.34 13.63 7.24
C GLU A 108 -16.52 13.34 5.76
N ASP A 109 -15.39 13.24 5.05
CA ASP A 109 -15.42 12.96 3.61
C ASP A 109 -14.95 11.54 3.34
N PRO A 110 -15.47 10.93 2.25
CA PRO A 110 -15.09 9.55 1.88
C PRO A 110 -13.65 9.46 1.42
N ARG A 111 -13.25 10.36 0.53
CA ARG A 111 -11.88 10.38 0.02
C ARG A 111 -10.90 10.77 1.11
N VAL A 112 -11.21 11.84 1.83
CA VAL A 112 -10.35 12.31 2.90
C VAL A 112 -10.23 11.27 4.01
N ALA A 113 -11.37 10.74 4.44
CA ALA A 113 -11.38 9.74 5.49
C ALA A 113 -10.56 8.51 5.10
N ALA A 114 -10.53 8.22 3.80
CA ALA A 114 -9.78 7.08 3.29
C ALA A 114 -8.28 7.32 3.40
N GLN A 115 -7.84 8.48 2.93
CA GLN A 115 -6.42 8.83 2.97
C GLN A 115 -5.92 8.87 4.41
N GLY A 116 -6.68 9.54 5.28
CA GLY A 116 -6.30 9.64 6.67
C GLY A 116 -6.26 8.29 7.36
N ARG A 117 -7.22 7.43 7.03
CA ARG A 117 -7.29 6.10 7.61
C ARG A 117 -6.15 5.23 7.10
N ALA A 118 -5.81 5.40 5.83
CA ALA A 118 -4.74 4.64 5.21
C ALA A 118 -3.39 5.02 5.82
N ARG A 119 -3.16 6.32 5.98
CA ARG A 119 -1.92 6.81 6.56
C ARG A 119 -1.82 6.43 8.03
N LEU A 120 -2.94 6.51 8.73
CA LEU A 120 -2.98 6.16 10.15
C LEU A 120 -2.61 4.70 10.35
N ARG A 121 -3.09 3.84 9.46
CA ARG A 121 -2.81 2.42 9.54
C ARG A 121 -1.30 2.16 9.43
N ALA A 122 -0.68 2.76 8.42
CA ALA A 122 0.75 2.61 8.20
C ALA A 122 1.53 3.09 9.42
N LEU A 123 0.96 4.05 10.14
CA LEU A 123 1.61 4.59 11.33
C LEU A 123 1.51 3.61 12.50
N GLY A 124 0.46 2.79 12.49
CA GLY A 124 0.27 1.82 13.55
C GLY A 124 -1.19 1.54 13.85
N GLN A 125 -2.07 2.44 13.40
CA GLN A 125 -3.50 2.27 13.62
C GLN A 125 -4.04 1.07 12.85
N THR A 126 -5.30 0.73 13.11
CA THR A 126 -5.94 -0.40 12.44
C THR A 126 -7.44 -0.17 12.30
N VAL A 127 -8.08 -0.95 11.43
CA VAL A 127 -9.51 -0.84 11.21
C VAL A 127 -10.31 -1.48 12.35
N SER A 8 14.34 -15.89 -5.25
CA SER A 8 13.32 -15.14 -6.01
C SER A 8 12.77 -13.97 -5.20
N GLU A 9 12.34 -12.92 -5.89
CA GLU A 9 11.79 -11.74 -5.24
C GLU A 9 10.50 -11.29 -5.91
N ILE A 10 9.82 -10.32 -5.31
CA ILE A 10 8.59 -9.79 -5.86
C ILE A 10 8.77 -8.38 -6.36
N ASP A 11 8.56 -8.17 -7.65
CA ASP A 11 8.71 -6.84 -8.24
C ASP A 11 7.54 -5.95 -7.83
N VAL A 12 7.80 -5.01 -6.93
CA VAL A 12 6.77 -4.10 -6.45
C VAL A 12 7.05 -2.68 -6.90
N GLU A 13 6.18 -2.15 -7.76
CA GLU A 13 6.34 -0.79 -8.27
C GLU A 13 5.12 0.05 -7.94
N ILE A 14 5.30 1.04 -7.07
CA ILE A 14 4.21 1.93 -6.68
C ILE A 14 4.11 3.11 -7.63
N VAL A 15 3.10 3.09 -8.48
CA VAL A 15 2.90 4.16 -9.45
C VAL A 15 1.62 4.93 -9.16
N ALA A 16 1.72 6.26 -9.21
CA ALA A 16 0.56 7.11 -8.96
C ALA A 16 0.08 7.75 -10.25
N VAL A 17 -1.18 8.19 -10.26
CA VAL A 17 -1.76 8.82 -11.43
C VAL A 17 -0.96 10.04 -11.88
N GLU A 18 -0.22 10.64 -10.95
CA GLU A 18 0.58 11.82 -11.26
C GLU A 18 2.06 11.49 -11.39
N ARG A 19 2.52 10.51 -10.61
CA ARG A 19 3.93 10.12 -10.66
C ARG A 19 4.18 8.84 -9.86
N GLU A 20 5.32 8.21 -10.13
CA GLU A 20 5.70 6.98 -9.44
C GLU A 20 6.45 7.31 -8.14
N ILE A 21 6.23 6.51 -7.11
CA ILE A 21 6.87 6.74 -5.82
C ILE A 21 7.94 5.68 -5.53
N TRP A 22 7.68 4.44 -5.92
CA TRP A 22 8.63 3.35 -5.69
C TRP A 22 8.72 2.42 -6.89
N SER A 23 9.79 1.62 -6.93
CA SER A 23 10.00 0.68 -8.02
C SER A 23 11.16 -0.26 -7.70
N GLY A 24 10.86 -1.56 -7.60
CA GLY A 24 11.89 -2.53 -7.30
C GLY A 24 11.31 -3.89 -6.95
N LYS A 25 12.05 -4.67 -6.17
CA LYS A 25 11.59 -6.00 -5.77
C LYS A 25 11.49 -6.11 -4.25
N ALA A 26 10.84 -7.17 -3.77
CA ALA A 26 10.67 -7.37 -2.34
C ALA A 26 10.72 -8.85 -1.97
N THR A 27 10.74 -9.13 -0.67
CA THR A 27 10.78 -10.50 -0.18
C THR A 27 9.39 -10.94 0.26
N PHE A 28 8.61 -9.97 0.75
CA PHE A 28 7.24 -10.24 1.20
C PHE A 28 6.43 -8.95 1.18
N VAL A 29 5.17 -9.05 0.78
CA VAL A 29 4.30 -7.88 0.70
C VAL A 29 2.88 -8.20 1.18
N PHE A 30 2.25 -7.23 1.82
CA PHE A 30 0.89 -7.38 2.33
C PHE A 30 0.07 -6.13 2.07
N THR A 31 -1.08 -6.31 1.41
CA THR A 31 -1.95 -5.18 1.10
C THR A 31 -3.39 -5.49 1.47
N ARG A 32 -4.23 -4.46 1.47
CA ARG A 32 -5.64 -4.62 1.81
C ARG A 32 -6.53 -4.34 0.60
N THR A 33 -7.47 -5.23 0.35
CA THR A 33 -8.39 -5.08 -0.78
C THR A 33 -9.83 -5.30 -0.33
N THR A 34 -10.77 -5.08 -1.25
CA THR A 34 -12.19 -5.25 -0.96
C THR A 34 -12.46 -6.62 -0.34
N SER A 35 -11.61 -7.59 -0.64
CA SER A 35 -11.76 -8.94 -0.11
C SER A 35 -10.88 -9.15 1.11
N GLY A 36 -10.54 -8.06 1.80
CA GLY A 36 -9.70 -8.16 2.97
C GLY A 36 -8.22 -8.04 2.65
N GLU A 37 -7.38 -8.33 3.64
CA GLU A 37 -5.93 -8.25 3.46
C GLU A 37 -5.39 -9.55 2.89
N ILE A 38 -4.28 -9.46 2.16
CA ILE A 38 -3.65 -10.63 1.57
C ILE A 38 -2.14 -10.43 1.42
N GLY A 39 -1.40 -11.53 1.57
CA GLY A 39 0.05 -11.46 1.45
C GLY A 39 0.56 -12.17 0.21
N ILE A 40 1.60 -11.63 -0.39
CA ILE A 40 2.18 -12.22 -1.60
C ILE A 40 3.64 -12.56 -1.39
N LEU A 41 4.08 -13.68 -1.97
CA LEU A 41 5.46 -14.12 -1.86
C LEU A 41 6.12 -14.19 -3.22
N PRO A 42 7.46 -14.25 -3.27
CA PRO A 42 8.22 -14.32 -4.53
C PRO A 42 8.21 -15.71 -5.14
N HIS A 43 7.01 -16.25 -5.36
CA HIS A 43 6.86 -17.58 -5.95
C HIS A 43 5.39 -18.00 -5.98
N HIS A 44 4.53 -17.05 -6.31
CA HIS A 44 3.09 -17.32 -6.38
C HIS A 44 2.57 -17.10 -7.80
N ILE A 45 1.25 -17.29 -7.97
CA ILE A 45 0.63 -17.12 -9.27
C ILE A 45 0.05 -15.71 -9.43
N PRO A 46 -0.19 -15.27 -10.67
CA PRO A 46 -0.74 -13.94 -10.95
C PRO A 46 -2.04 -13.69 -10.20
N LEU A 47 -2.39 -12.41 -10.03
CA LEU A 47 -3.60 -12.03 -9.33
C LEU A 47 -3.96 -10.58 -9.61
N VAL A 48 -5.26 -10.27 -9.55
CA VAL A 48 -5.74 -8.92 -9.80
C VAL A 48 -6.81 -8.54 -8.79
N ALA A 49 -6.49 -7.60 -7.91
CA ALA A 49 -7.43 -7.15 -6.89
C ALA A 49 -7.37 -5.63 -6.71
N GLN A 50 -8.47 -5.06 -6.24
CA GLN A 50 -8.55 -3.62 -6.02
C GLN A 50 -8.37 -3.28 -4.54
N LEU A 51 -7.42 -2.42 -4.24
CA LEU A 51 -7.16 -2.00 -2.87
C LEU A 51 -8.24 -1.08 -2.36
N VAL A 52 -8.45 -1.09 -1.05
CA VAL A 52 -9.46 -0.25 -0.42
C VAL A 52 -9.00 1.20 -0.36
N ASP A 53 -9.93 2.11 -0.10
CA ASP A 53 -9.62 3.53 -0.02
C ASP A 53 -8.57 3.80 1.06
N ASP A 54 -8.57 2.98 2.10
CA ASP A 54 -7.61 3.13 3.19
C ASP A 54 -6.66 1.94 3.24
N ALA A 55 -6.29 1.42 2.07
CA ALA A 55 -5.40 0.28 1.99
C ALA A 55 -3.97 0.67 2.35
N ALA A 56 -3.24 -0.28 2.93
CA ALA A 56 -1.85 -0.05 3.32
C ALA A 56 -0.95 -1.14 2.76
N VAL A 57 0.10 -0.74 2.06
CA VAL A 57 1.03 -1.69 1.47
C VAL A 57 2.29 -1.84 2.31
N LYS A 58 2.50 -3.05 2.84
CA LYS A 58 3.67 -3.33 3.66
C LYS A 58 4.66 -4.19 2.88
N ILE A 59 5.71 -3.55 2.35
CA ILE A 59 6.73 -4.26 1.59
C ILE A 59 7.93 -4.64 2.46
N GLU A 60 8.54 -5.77 2.13
CA GLU A 60 9.71 -6.24 2.88
C GLU A 60 10.89 -6.45 1.94
N ARG A 61 12.10 -6.27 2.46
CA ARG A 61 13.30 -6.43 1.66
C ARG A 61 14.33 -7.30 2.38
N GLU A 62 14.84 -8.31 1.67
CA GLU A 62 15.82 -9.22 2.25
C GLU A 62 17.04 -8.44 2.72
N GLY A 63 17.19 -8.33 4.04
CA GLY A 63 18.33 -7.60 4.60
C GLY A 63 18.01 -6.14 4.85
N SER A 64 16.94 -5.65 4.24
CA SER A 64 16.53 -4.26 4.41
C SER A 64 15.22 -4.17 5.18
N ASP A 65 14.97 -3.00 5.78
CA ASP A 65 13.76 -2.78 6.56
C ASP A 65 12.55 -2.63 5.64
N ASP A 66 11.42 -3.22 6.04
CA ASP A 66 10.19 -3.16 5.26
C ASP A 66 9.82 -1.70 4.95
N LEU A 67 9.17 -1.50 3.81
CA LEU A 67 8.76 -0.17 3.40
C LEU A 67 7.27 0.06 3.66
N TRP A 68 6.97 0.78 4.74
CA TRP A 68 5.59 1.07 5.11
C TRP A 68 5.04 2.22 4.28
N TRP A 69 4.22 1.91 3.28
CA TRP A 69 3.64 2.92 2.41
C TRP A 69 2.11 2.83 2.42
N ALA A 70 1.46 3.94 2.10
CA ALA A 70 0.00 3.98 2.06
C ALA A 70 -0.50 4.13 0.63
N ILE A 71 -1.67 3.57 0.35
CA ILE A 71 -2.25 3.64 -0.99
C ILE A 71 -3.64 4.27 -0.95
N ASP A 72 -3.94 5.11 -1.94
CA ASP A 72 -5.23 5.78 -2.02
C ASP A 72 -6.06 5.21 -3.17
N GLY A 73 -6.87 4.20 -2.86
CA GLY A 73 -7.70 3.59 -3.88
C GLY A 73 -6.89 3.05 -5.05
N GLY A 74 -5.90 2.22 -4.75
CA GLY A 74 -5.06 1.65 -5.79
C GLY A 74 -5.44 0.22 -6.12
N PHE A 75 -4.92 -0.27 -7.25
CA PHE A 75 -5.21 -1.63 -7.69
C PHE A 75 -3.93 -2.46 -7.70
N LEU A 76 -4.03 -3.68 -7.17
CA LEU A 76 -2.87 -4.58 -7.13
C LEU A 76 -2.93 -5.60 -8.26
N SER A 77 -1.84 -5.69 -9.00
CA SER A 77 -1.75 -6.63 -10.13
C SER A 77 -0.49 -7.48 -10.02
N ILE A 78 -0.65 -8.73 -9.59
CA ILE A 78 0.48 -9.64 -9.45
C ILE A 78 0.61 -10.55 -10.67
N THR A 79 1.84 -10.85 -11.05
CA THR A 79 2.09 -11.71 -12.20
C THR A 79 3.10 -12.78 -11.86
N ASP A 80 3.41 -13.62 -12.85
CA ASP A 80 4.36 -14.71 -12.68
C ASP A 80 5.66 -14.22 -12.03
N THR A 81 6.00 -12.96 -12.27
CA THR A 81 7.22 -12.39 -11.70
C THR A 81 7.20 -10.86 -11.81
N LYS A 82 6.05 -10.26 -11.53
CA LYS A 82 5.90 -8.81 -11.59
C LYS A 82 4.65 -8.35 -10.86
N VAL A 83 4.79 -7.33 -10.02
CA VAL A 83 3.67 -6.80 -9.26
C VAL A 83 3.64 -5.28 -9.32
N SER A 84 2.69 -4.73 -10.06
CA SER A 84 2.56 -3.29 -10.21
C SER A 84 1.32 -2.78 -9.47
N ILE A 85 1.47 -1.68 -8.75
CA ILE A 85 0.37 -1.09 -8.00
C ILE A 85 0.07 0.31 -8.49
N LEU A 86 -1.12 0.49 -9.07
CA LEU A 86 -1.54 1.78 -9.59
C LEU A 86 -2.62 2.38 -8.70
N ALA A 87 -2.34 3.56 -8.15
CA ALA A 87 -3.30 4.25 -7.28
C ALA A 87 -3.26 5.75 -7.49
N GLU A 88 -4.18 6.46 -6.84
CA GLU A 88 -4.26 7.91 -6.95
C GLU A 88 -2.99 8.56 -6.39
N SER A 89 -2.50 8.02 -5.28
CA SER A 89 -1.30 8.55 -4.64
C SER A 89 -0.85 7.64 -3.51
N ALA A 90 0.32 7.93 -2.95
CA ALA A 90 0.87 7.14 -1.86
C ALA A 90 1.49 8.03 -0.79
N GLN A 91 1.64 7.49 0.42
CA GLN A 91 2.21 8.24 1.53
C GLN A 91 3.13 7.35 2.36
N ALA A 92 4.39 7.75 2.50
CA ALA A 92 5.36 6.99 3.27
C ALA A 92 5.15 7.20 4.76
N ARG A 93 5.51 6.20 5.55
CA ARG A 93 5.37 6.27 7.00
C ARG A 93 6.15 7.45 7.57
N ALA A 94 7.25 7.81 6.91
CA ALA A 94 8.07 8.92 7.35
C ALA A 94 7.47 10.25 6.93
N ASP A 95 6.60 10.22 5.93
CA ASP A 95 5.97 11.44 5.43
C ASP A 95 4.63 11.69 6.14
N ILE A 96 4.04 10.63 6.69
CA ILE A 96 2.77 10.74 7.40
C ILE A 96 2.95 11.46 8.73
N ASP A 97 1.89 12.15 9.16
CA ASP A 97 1.92 12.89 10.41
C ASP A 97 0.83 12.38 11.35
N GLU A 98 1.24 11.97 12.56
CA GLU A 98 0.30 11.46 13.55
C GLU A 98 -0.91 12.37 13.70
N ALA A 99 -0.68 13.66 13.59
CA ALA A 99 -1.76 14.65 13.70
C ALA A 99 -2.63 14.67 12.45
N LYS A 100 -1.99 14.85 11.29
CA LYS A 100 -2.71 14.89 10.03
C LYS A 100 -3.46 13.59 9.78
N ALA A 101 -2.94 12.50 10.34
CA ALA A 101 -3.56 11.19 10.18
C ALA A 101 -4.86 11.10 10.97
N LYS A 102 -4.79 11.46 12.25
CA LYS A 102 -5.96 11.43 13.12
C LYS A 102 -7.04 12.38 12.61
N THR A 103 -6.62 13.53 12.11
CA THR A 103 -7.56 14.52 11.58
C THR A 103 -8.23 14.01 10.32
N ASP A 104 -7.45 13.45 9.42
CA ASP A 104 -7.98 12.92 8.17
C ASP A 104 -9.04 11.86 8.44
N SER A 105 -8.78 11.01 9.44
CA SER A 105 -9.71 9.96 9.81
C SER A 105 -10.91 10.54 10.55
N GLY A 106 -10.70 11.69 11.19
CA GLY A 106 -11.77 12.35 11.92
C GLY A 106 -12.80 12.97 11.01
N SER A 107 -12.37 13.33 9.80
CA SER A 107 -13.28 13.94 8.83
C SER A 107 -14.48 13.04 8.55
N GLU A 108 -15.60 13.66 8.17
CA GLU A 108 -16.82 12.91 7.87
C GLU A 108 -16.97 12.69 6.38
N ASP A 109 -15.84 12.61 5.68
CA ASP A 109 -15.86 12.40 4.23
C ASP A 109 -15.41 10.99 3.89
N PRO A 110 -15.86 10.46 2.74
CA PRO A 110 -15.50 9.10 2.30
C PRO A 110 -14.03 8.99 1.94
N ARG A 111 -13.54 9.93 1.13
CA ARG A 111 -12.14 9.94 0.72
C ARG A 111 -11.24 10.37 1.85
N VAL A 112 -11.65 11.43 2.55
CA VAL A 112 -10.86 11.95 3.67
C VAL A 112 -10.75 10.93 4.78
N ALA A 113 -11.85 10.23 5.06
CA ALA A 113 -11.87 9.21 6.10
C ALA A 113 -10.92 8.07 5.77
N ALA A 114 -10.96 7.61 4.53
CA ALA A 114 -10.09 6.52 4.09
C ALA A 114 -8.64 6.96 4.07
N GLN A 115 -8.40 8.20 3.65
CA GLN A 115 -7.04 8.74 3.59
C GLN A 115 -6.39 8.71 4.96
N GLY A 116 -7.07 9.28 5.95
CA GLY A 116 -6.54 9.31 7.30
C GLY A 116 -6.31 7.92 7.85
N ARG A 117 -7.19 6.99 7.49
CA ARG A 117 -7.08 5.61 7.95
C ARG A 117 -5.88 4.93 7.30
N ALA A 118 -5.68 5.20 6.02
CA ALA A 118 -4.55 4.61 5.28
C ALA A 118 -3.22 5.07 5.86
N ARG A 119 -3.13 6.37 6.12
CA ARG A 119 -1.91 6.95 6.68
C ARG A 119 -1.66 6.43 8.10
N LEU A 120 -2.74 6.33 8.87
CA LEU A 120 -2.65 5.85 10.24
C LEU A 120 -2.13 4.42 10.28
N ARG A 121 -2.60 3.60 9.34
CA ARG A 121 -2.18 2.21 9.27
C ARG A 121 -0.67 2.11 9.07
N ALA A 122 -0.16 2.81 8.06
CA ALA A 122 1.26 2.81 7.76
C ALA A 122 2.07 3.28 8.96
N LEU A 123 1.47 4.14 9.78
CA LEU A 123 2.13 4.66 10.96
C LEU A 123 2.19 3.61 12.07
N GLY A 124 1.27 2.65 12.02
CA GLY A 124 1.25 1.60 13.03
C GLY A 124 -0.15 1.29 13.52
N GLN A 125 -1.13 2.10 13.13
CA GLN A 125 -2.51 1.90 13.54
C GLN A 125 -3.14 0.72 12.80
N THR A 126 -4.32 0.31 13.26
CA THR A 126 -5.03 -0.81 12.64
C THR A 126 -6.51 -0.47 12.46
N VAL A 127 -7.06 -0.83 11.31
CA VAL A 127 -8.47 -0.56 11.02
C VAL A 127 -8.76 0.93 11.03
N SER A 8 14.44 -16.28 -5.03
CA SER A 8 13.73 -15.30 -5.88
C SER A 8 13.23 -14.12 -5.06
N GLU A 9 12.82 -13.06 -5.74
CA GLU A 9 12.32 -11.85 -5.08
C GLU A 9 11.03 -11.36 -5.74
N ILE A 10 10.42 -10.35 -5.13
CA ILE A 10 9.17 -9.80 -5.64
C ILE A 10 9.39 -8.40 -6.21
N ASP A 11 9.00 -8.21 -7.46
CA ASP A 11 9.13 -6.92 -8.12
C ASP A 11 7.96 -6.02 -7.75
N VAL A 12 8.21 -5.05 -6.88
CA VAL A 12 7.16 -4.13 -6.45
C VAL A 12 7.24 -2.80 -7.20
N GLU A 13 6.08 -2.28 -7.58
CA GLU A 13 6.02 -1.02 -8.31
C GLU A 13 4.81 -0.20 -7.85
N ILE A 14 5.09 0.92 -7.19
CA ILE A 14 4.04 1.80 -6.70
C ILE A 14 3.93 3.05 -7.56
N VAL A 15 2.90 3.10 -8.40
CA VAL A 15 2.70 4.24 -9.30
C VAL A 15 1.41 4.98 -8.97
N ALA A 16 1.41 6.28 -9.24
CA ALA A 16 0.24 7.11 -8.99
C ALA A 16 -0.20 7.82 -10.28
N VAL A 17 -1.49 8.09 -10.37
CA VAL A 17 -2.04 8.75 -11.56
C VAL A 17 -1.33 10.08 -11.82
N GLU A 18 -0.73 10.65 -10.79
CA GLU A 18 -0.03 11.92 -10.91
C GLU A 18 1.48 11.73 -11.01
N ARG A 19 1.99 10.68 -10.37
CA ARG A 19 3.43 10.42 -10.40
C ARG A 19 3.76 9.05 -9.81
N GLU A 20 5.02 8.64 -9.94
CA GLU A 20 5.49 7.38 -9.41
C GLU A 20 6.04 7.56 -8.00
N ILE A 21 5.91 6.54 -7.16
CA ILE A 21 6.39 6.62 -5.79
C ILE A 21 7.60 5.71 -5.56
N TRP A 22 7.41 4.41 -5.72
CA TRP A 22 8.50 3.45 -5.50
C TRP A 22 8.49 2.36 -6.56
N SER A 23 9.62 1.64 -6.66
CA SER A 23 9.75 0.56 -7.63
C SER A 23 11.05 -0.21 -7.41
N GLY A 24 10.93 -1.50 -7.06
CA GLY A 24 12.11 -2.31 -6.82
C GLY A 24 11.77 -3.76 -6.51
N LYS A 25 12.67 -4.43 -5.81
CA LYS A 25 12.47 -5.84 -5.44
C LYS A 25 12.21 -5.97 -3.95
N ALA A 26 11.49 -7.03 -3.56
CA ALA A 26 11.18 -7.26 -2.16
C ALA A 26 11.25 -8.75 -1.80
N THR A 27 11.15 -9.04 -0.51
CA THR A 27 11.17 -10.41 -0.04
C THR A 27 9.75 -10.91 0.22
N PHE A 28 8.91 -10.00 0.70
CA PHE A 28 7.51 -10.31 0.99
C PHE A 28 6.69 -9.03 1.02
N VAL A 29 5.48 -9.09 0.49
CA VAL A 29 4.61 -7.92 0.45
C VAL A 29 3.19 -8.27 0.90
N PHE A 30 2.52 -7.28 1.49
CA PHE A 30 1.15 -7.47 1.97
C PHE A 30 0.28 -6.29 1.57
N THR A 31 -0.96 -6.57 1.21
CA THR A 31 -1.89 -5.52 0.81
C THR A 31 -3.31 -5.81 1.31
N ARG A 32 -4.15 -4.78 1.31
CA ARG A 32 -5.52 -4.93 1.77
C ARG A 32 -6.51 -4.62 0.64
N THR A 33 -7.44 -5.53 0.41
CA THR A 33 -8.44 -5.35 -0.63
C THR A 33 -9.85 -5.54 -0.08
N THR A 34 -10.85 -5.30 -0.92
CA THR A 34 -12.24 -5.43 -0.51
C THR A 34 -12.51 -6.83 0.08
N SER A 35 -11.69 -7.80 -0.30
CA SER A 35 -11.84 -9.16 0.18
C SER A 35 -10.92 -9.42 1.38
N GLY A 36 -10.56 -8.36 2.10
CA GLY A 36 -9.70 -8.50 3.25
C GLY A 36 -8.23 -8.36 2.90
N GLU A 37 -7.37 -8.59 3.89
CA GLU A 37 -5.93 -8.49 3.69
C GLU A 37 -5.41 -9.70 2.92
N ILE A 38 -4.29 -9.53 2.23
CA ILE A 38 -3.69 -10.61 1.46
C ILE A 38 -2.18 -10.43 1.35
N GLY A 39 -1.46 -11.56 1.34
CA GLY A 39 -0.01 -11.51 1.23
C GLY A 39 0.49 -12.16 -0.04
N ILE A 40 1.55 -11.59 -0.61
CA ILE A 40 2.13 -12.12 -1.84
C ILE A 40 3.59 -12.50 -1.64
N LEU A 41 3.95 -13.70 -2.07
CA LEU A 41 5.33 -14.18 -1.95
C LEU A 41 5.98 -14.29 -3.33
N PRO A 42 7.32 -14.23 -3.39
CA PRO A 42 8.06 -14.33 -4.65
C PRO A 42 8.07 -15.74 -5.21
N HIS A 43 6.88 -16.28 -5.48
CA HIS A 43 6.74 -17.63 -6.01
C HIS A 43 5.28 -18.02 -6.13
N HIS A 44 4.45 -17.08 -6.56
CA HIS A 44 3.01 -17.34 -6.71
C HIS A 44 2.55 -17.00 -8.12
N ILE A 45 1.26 -17.19 -8.38
CA ILE A 45 0.68 -16.91 -9.68
C ILE A 45 0.07 -15.51 -9.73
N PRO A 46 -0.12 -14.96 -10.94
CA PRO A 46 -0.70 -13.62 -11.12
C PRO A 46 -2.03 -13.47 -10.41
N LEU A 47 -2.49 -12.23 -10.29
CA LEU A 47 -3.76 -11.94 -9.63
C LEU A 47 -4.13 -10.46 -9.75
N VAL A 48 -5.42 -10.17 -9.75
CA VAL A 48 -5.90 -8.80 -9.87
C VAL A 48 -6.96 -8.50 -8.81
N ALA A 49 -6.60 -7.65 -7.85
CA ALA A 49 -7.52 -7.28 -6.78
C ALA A 49 -7.54 -5.77 -6.56
N GLN A 50 -8.64 -5.27 -6.01
CA GLN A 50 -8.79 -3.84 -5.75
C GLN A 50 -8.56 -3.54 -4.27
N LEU A 51 -7.63 -2.63 -4.00
CA LEU A 51 -7.31 -2.24 -2.63
C LEU A 51 -8.42 -1.38 -2.02
N VAL A 52 -8.55 -1.43 -0.71
CA VAL A 52 -9.57 -0.66 -0.01
C VAL A 52 -9.21 0.82 0.00
N ASP A 53 -10.12 1.64 0.50
CA ASP A 53 -9.91 3.09 0.57
C ASP A 53 -8.72 3.42 1.46
N ASP A 54 -8.66 2.77 2.63
CA ASP A 54 -7.58 3.00 3.58
C ASP A 54 -6.57 1.86 3.54
N ALA A 55 -6.34 1.32 2.35
CA ALA A 55 -5.40 0.21 2.17
C ALA A 55 -3.98 0.63 2.52
N ALA A 56 -3.17 -0.35 2.93
CA ALA A 56 -1.79 -0.10 3.30
C ALA A 56 -0.88 -1.22 2.79
N VAL A 57 0.12 -0.87 2.02
CA VAL A 57 1.05 -1.85 1.47
C VAL A 57 2.34 -1.91 2.28
N LYS A 58 2.71 -3.12 2.69
CA LYS A 58 3.93 -3.33 3.46
C LYS A 58 4.93 -4.18 2.68
N ILE A 59 5.94 -3.53 2.13
CA ILE A 59 6.94 -4.23 1.33
C ILE A 59 8.20 -4.51 2.15
N GLU A 60 8.43 -5.79 2.45
CA GLU A 60 9.60 -6.20 3.21
C GLU A 60 10.83 -6.25 2.33
N ARG A 61 11.99 -5.95 2.92
CA ARG A 61 13.24 -5.97 2.19
C ARG A 61 14.26 -6.89 2.84
N GLU A 62 14.84 -7.79 2.05
CA GLU A 62 15.83 -8.73 2.57
C GLU A 62 17.03 -7.98 3.13
N GLY A 63 17.15 -7.98 4.45
CA GLY A 63 18.25 -7.30 5.11
C GLY A 63 17.92 -5.87 5.46
N SER A 64 16.86 -5.33 4.86
CA SER A 64 16.45 -3.96 5.13
C SER A 64 15.06 -3.92 5.74
N ASP A 65 14.80 -2.89 6.54
CA ASP A 65 13.50 -2.74 7.20
C ASP A 65 12.39 -2.61 6.16
N ASP A 66 11.25 -3.21 6.45
CA ASP A 66 10.10 -3.17 5.54
C ASP A 66 9.70 -1.72 5.26
N LEU A 67 8.88 -1.54 4.21
CA LEU A 67 8.42 -0.21 3.83
C LEU A 67 6.91 -0.08 4.04
N TRP A 68 6.52 0.90 4.84
CA TRP A 68 5.11 1.14 5.13
C TRP A 68 4.57 2.29 4.28
N TRP A 69 4.00 1.96 3.13
CA TRP A 69 3.44 2.96 2.23
C TRP A 69 1.93 2.87 2.19
N ALA A 70 1.26 4.03 2.17
CA ALA A 70 -0.19 4.07 2.12
C ALA A 70 -0.69 4.24 0.69
N ILE A 71 -1.82 3.60 0.38
CA ILE A 71 -2.39 3.67 -0.95
C ILE A 71 -3.82 4.21 -0.91
N ASP A 72 -4.16 5.05 -1.89
CA ASP A 72 -5.49 5.64 -1.95
C ASP A 72 -6.28 5.06 -3.13
N GLY A 73 -7.10 4.06 -2.83
CA GLY A 73 -7.90 3.43 -3.88
C GLY A 73 -7.04 2.89 -5.01
N GLY A 74 -6.06 2.06 -4.67
CA GLY A 74 -5.19 1.49 -5.68
C GLY A 74 -5.55 0.06 -6.02
N PHE A 75 -5.05 -0.40 -7.16
CA PHE A 75 -5.32 -1.77 -7.62
C PHE A 75 -4.03 -2.59 -7.66
N LEU A 76 -4.09 -3.80 -7.13
CA LEU A 76 -2.94 -4.68 -7.12
C LEU A 76 -3.00 -5.70 -8.25
N SER A 77 -1.93 -5.77 -9.03
CA SER A 77 -1.85 -6.71 -10.15
C SER A 77 -0.57 -7.53 -10.09
N ILE A 78 -0.69 -8.78 -9.65
CA ILE A 78 0.45 -9.67 -9.55
C ILE A 78 0.67 -10.43 -10.85
N THR A 79 1.94 -10.65 -11.18
CA THR A 79 2.29 -11.37 -12.40
C THR A 79 3.18 -12.56 -12.10
N ASP A 80 3.51 -13.32 -13.14
CA ASP A 80 4.36 -14.50 -12.99
C ASP A 80 5.64 -14.17 -12.25
N THR A 81 6.08 -12.92 -12.36
CA THR A 81 7.31 -12.49 -11.69
C THR A 81 7.39 -10.97 -11.63
N LYS A 82 6.27 -10.33 -11.33
CA LYS A 82 6.22 -8.87 -11.24
C LYS A 82 4.96 -8.42 -10.49
N VAL A 83 5.07 -7.31 -9.78
CA VAL A 83 3.95 -6.76 -9.03
C VAL A 83 3.81 -5.26 -9.25
N SER A 84 2.78 -4.87 -10.01
CA SER A 84 2.54 -3.47 -10.30
C SER A 84 1.29 -2.97 -9.58
N ILE A 85 1.41 -1.83 -8.90
CA ILE A 85 0.29 -1.24 -8.18
C ILE A 85 0.00 0.17 -8.67
N LEU A 86 -1.24 0.39 -9.11
CA LEU A 86 -1.65 1.70 -9.60
C LEU A 86 -2.78 2.26 -8.75
N ALA A 87 -2.53 3.42 -8.14
CA ALA A 87 -3.52 4.07 -7.30
C ALA A 87 -3.56 5.57 -7.53
N GLU A 88 -4.52 6.24 -6.90
CA GLU A 88 -4.67 7.68 -7.04
C GLU A 88 -3.46 8.40 -6.47
N SER A 89 -2.96 7.93 -5.34
CA SER A 89 -1.80 8.53 -4.70
C SER A 89 -1.29 7.65 -3.56
N ALA A 90 -0.06 7.90 -3.13
CA ALA A 90 0.54 7.13 -2.05
C ALA A 90 1.45 8.01 -1.19
N GLN A 91 1.73 7.55 0.03
CA GLN A 91 2.58 8.30 0.94
C GLN A 91 3.35 7.34 1.86
N ALA A 92 4.62 7.68 2.11
CA ALA A 92 5.45 6.85 2.97
C ALA A 92 5.16 7.12 4.45
N ARG A 93 5.43 6.12 5.29
CA ARG A 93 5.19 6.24 6.72
C ARG A 93 6.02 7.37 7.32
N ALA A 94 7.20 7.60 6.73
CA ALA A 94 8.08 8.66 7.21
C ALA A 94 7.56 10.04 6.82
N ASP A 95 6.76 10.09 5.76
CA ASP A 95 6.19 11.35 5.29
C ASP A 95 4.88 11.66 6.00
N ILE A 96 4.23 10.63 6.52
CA ILE A 96 2.96 10.80 7.22
C ILE A 96 3.17 11.40 8.60
N ASP A 97 2.18 12.15 9.07
CA ASP A 97 2.25 12.77 10.38
C ASP A 97 1.16 12.23 11.30
N GLU A 98 1.55 11.72 12.46
CA GLU A 98 0.60 11.17 13.42
C GLU A 98 -0.59 12.10 13.63
N ALA A 99 -0.32 13.40 13.58
CA ALA A 99 -1.37 14.40 13.76
C ALA A 99 -2.23 14.53 12.50
N LYS A 100 -1.58 14.47 11.34
CA LYS A 100 -2.28 14.58 10.07
C LYS A 100 -3.18 13.38 9.84
N ALA A 101 -2.68 12.19 10.15
CA ALA A 101 -3.44 10.96 9.99
C ALA A 101 -4.66 10.95 10.89
N LYS A 102 -4.46 11.35 12.15
CA LYS A 102 -5.54 11.39 13.13
C LYS A 102 -6.61 12.40 12.71
N THR A 103 -6.16 13.58 12.29
CA THR A 103 -7.08 14.63 11.86
C THR A 103 -7.78 14.24 10.57
N ASP A 104 -7.03 13.70 9.62
CA ASP A 104 -7.59 13.27 8.35
C ASP A 104 -8.63 12.18 8.57
N SER A 105 -8.36 11.31 9.53
CA SER A 105 -9.28 10.22 9.85
C SER A 105 -10.47 10.74 10.65
N GLY A 106 -10.27 11.87 11.34
CA GLY A 106 -11.32 12.46 12.13
C GLY A 106 -12.40 13.11 11.27
N SER A 107 -12.01 13.55 10.07
CA SER A 107 -12.94 14.19 9.15
C SER A 107 -14.11 13.25 8.83
N GLU A 108 -15.26 13.84 8.53
CA GLU A 108 -16.45 13.06 8.19
C GLU A 108 -16.64 12.99 6.68
N ASP A 109 -15.54 13.02 5.95
CA ASP A 109 -15.59 12.95 4.50
C ASP A 109 -15.13 11.58 4.00
N PRO A 110 -15.63 11.14 2.84
CA PRO A 110 -15.28 9.84 2.27
C PRO A 110 -13.83 9.80 1.79
N ARG A 111 -13.41 10.82 1.06
CA ARG A 111 -12.05 10.90 0.56
C ARG A 111 -11.06 11.22 1.68
N VAL A 112 -11.46 12.14 2.56
CA VAL A 112 -10.62 12.53 3.68
C VAL A 112 -10.45 11.39 4.68
N ALA A 113 -11.57 10.75 5.02
CA ALA A 113 -11.54 9.65 5.97
C ALA A 113 -10.72 8.48 5.42
N ALA A 114 -10.77 8.29 4.11
CA ALA A 114 -10.03 7.22 3.46
C ALA A 114 -8.54 7.51 3.46
N GLN A 115 -8.17 8.74 3.13
CA GLN A 115 -6.78 9.15 3.10
C GLN A 115 -6.19 9.13 4.51
N GLY A 116 -6.90 9.73 5.46
CA GLY A 116 -6.42 9.76 6.83
C GLY A 116 -6.34 8.39 7.44
N ARG A 117 -7.27 7.51 7.05
CA ARG A 117 -7.30 6.15 7.55
C ARG A 117 -6.15 5.33 6.96
N ALA A 118 -5.90 5.53 5.67
CA ALA A 118 -4.84 4.82 4.98
C ALA A 118 -3.48 5.18 5.57
N ARG A 119 -3.29 6.47 5.88
CA ARG A 119 -2.03 6.94 6.45
C ARG A 119 -1.86 6.41 7.87
N LEU A 120 -2.97 6.26 8.57
CA LEU A 120 -2.96 5.77 9.94
C LEU A 120 -2.47 4.32 9.99
N ARG A 121 -3.03 3.48 9.11
CA ARG A 121 -2.64 2.07 9.05
C ARG A 121 -1.15 1.94 8.79
N ALA A 122 -0.66 2.68 7.80
CA ALA A 122 0.76 2.65 7.44
C ALA A 122 1.62 3.11 8.62
N LEU A 123 1.05 3.97 9.47
CA LEU A 123 1.76 4.48 10.62
C LEU A 123 1.84 3.43 11.72
N GLY A 124 0.84 2.55 11.77
CA GLY A 124 0.83 1.50 12.78
C GLY A 124 -0.58 1.07 13.16
N GLN A 125 -1.57 1.90 12.84
CA GLN A 125 -2.95 1.58 13.17
C GLN A 125 -3.44 0.38 12.37
N THR A 126 -4.62 -0.13 12.73
CA THR A 126 -5.19 -1.27 12.05
C THR A 126 -6.65 -1.03 11.71
N VAL A 127 -7.10 -1.58 10.59
CA VAL A 127 -8.48 -1.41 10.14
C VAL A 127 -9.46 -1.90 11.20
N SER A 8 15.25 -15.50 -5.41
CA SER A 8 14.12 -14.86 -6.12
C SER A 8 13.51 -13.73 -5.28
N GLU A 9 13.03 -12.70 -5.96
CA GLU A 9 12.42 -11.56 -5.27
C GLU A 9 11.12 -11.13 -5.95
N ILE A 10 10.42 -10.19 -5.34
CA ILE A 10 9.15 -9.71 -5.88
C ILE A 10 9.29 -8.28 -6.40
N ASP A 11 8.98 -8.09 -7.68
CA ASP A 11 9.06 -6.78 -8.30
C ASP A 11 7.82 -5.95 -7.93
N VAL A 12 8.00 -4.98 -7.05
CA VAL A 12 6.91 -4.13 -6.62
C VAL A 12 7.11 -2.69 -7.08
N GLU A 13 6.15 -2.17 -7.84
CA GLU A 13 6.23 -0.82 -8.34
C GLU A 13 4.98 -0.02 -7.96
N ILE A 14 5.16 0.97 -7.09
CA ILE A 14 4.05 1.80 -6.65
C ILE A 14 3.94 3.04 -7.53
N VAL A 15 2.93 3.05 -8.41
CA VAL A 15 2.71 4.17 -9.31
C VAL A 15 1.43 4.91 -8.99
N ALA A 16 1.40 6.20 -9.30
CA ALA A 16 0.23 7.03 -9.06
C ALA A 16 -0.23 7.69 -10.35
N VAL A 17 -1.52 7.97 -10.44
CA VAL A 17 -2.09 8.61 -11.63
C VAL A 17 -1.37 9.92 -11.95
N GLU A 18 -0.74 10.52 -10.96
CA GLU A 18 -0.04 11.78 -11.15
C GLU A 18 1.48 11.56 -11.25
N ARG A 19 1.99 10.55 -10.55
CA ARG A 19 3.43 10.28 -10.57
C ARG A 19 3.76 8.95 -9.90
N GLU A 20 4.95 8.45 -10.16
CA GLU A 20 5.41 7.20 -9.56
C GLU A 20 6.03 7.46 -8.19
N ILE A 21 5.82 6.54 -7.26
CA ILE A 21 6.35 6.68 -5.91
C ILE A 21 7.59 5.81 -5.68
N TRP A 22 7.42 4.50 -5.77
CA TRP A 22 8.53 3.57 -5.55
C TRP A 22 8.50 2.41 -6.54
N SER A 23 9.63 1.73 -6.66
CA SER A 23 9.74 0.59 -7.58
C SER A 23 11.03 -0.19 -7.33
N GLY A 24 10.88 -1.45 -6.92
CA GLY A 24 12.05 -2.28 -6.65
C GLY A 24 11.67 -3.71 -6.30
N LYS A 25 12.67 -4.51 -5.94
CA LYS A 25 12.43 -5.91 -5.58
C LYS A 25 12.22 -6.05 -4.08
N ALA A 26 11.41 -7.02 -3.68
CA ALA A 26 11.13 -7.26 -2.27
C ALA A 26 11.19 -8.75 -1.94
N THR A 27 11.11 -9.06 -0.65
CA THR A 27 11.15 -10.45 -0.19
C THR A 27 9.74 -10.92 0.14
N PHE A 28 8.94 -10.03 0.70
CA PHE A 28 7.57 -10.33 1.07
C PHE A 28 6.75 -9.05 1.18
N VAL A 29 5.51 -9.10 0.72
CA VAL A 29 4.64 -7.93 0.76
C VAL A 29 3.20 -8.31 1.12
N PHE A 30 2.50 -7.39 1.77
CA PHE A 30 1.11 -7.63 2.16
C PHE A 30 0.23 -6.44 1.76
N THR A 31 -0.95 -6.74 1.24
CA THR A 31 -1.88 -5.70 0.82
C THR A 31 -3.30 -6.01 1.29
N ARG A 32 -4.16 -5.00 1.26
CA ARG A 32 -5.55 -5.16 1.68
C ARG A 32 -6.50 -4.82 0.55
N THR A 33 -7.42 -5.73 0.25
CA THR A 33 -8.40 -5.52 -0.80
C THR A 33 -9.81 -5.77 -0.28
N THR A 34 -10.80 -5.51 -1.14
CA THR A 34 -12.20 -5.70 -0.78
C THR A 34 -12.44 -7.10 -0.21
N SER A 35 -11.59 -8.05 -0.59
CA SER A 35 -11.72 -9.43 -0.12
C SER A 35 -10.81 -9.68 1.07
N GLY A 36 -10.47 -8.62 1.81
CA GLY A 36 -9.61 -8.77 2.97
C GLY A 36 -8.14 -8.60 2.63
N GLU A 37 -7.27 -8.92 3.57
CA GLU A 37 -5.84 -8.79 3.38
C GLU A 37 -5.25 -10.08 2.81
N ILE A 38 -4.15 -9.94 2.08
CA ILE A 38 -3.48 -11.11 1.48
C ILE A 38 -1.99 -10.86 1.32
N GLY A 39 -1.20 -11.92 1.47
CA GLY A 39 0.24 -11.81 1.34
C GLY A 39 0.74 -12.29 -0.01
N ILE A 40 1.78 -11.64 -0.52
CA ILE A 40 2.35 -12.01 -1.81
C ILE A 40 3.83 -12.41 -1.67
N LEU A 41 4.19 -13.53 -2.29
CA LEU A 41 5.56 -14.02 -2.25
C LEU A 41 6.14 -14.11 -3.66
N PRO A 42 7.47 -14.16 -3.78
CA PRO A 42 8.14 -14.25 -5.09
C PRO A 42 8.12 -15.66 -5.66
N HIS A 43 6.92 -16.24 -5.78
CA HIS A 43 6.77 -17.59 -6.30
C HIS A 43 5.29 -17.99 -6.33
N HIS A 44 4.44 -17.05 -6.69
CA HIS A 44 3.00 -17.30 -6.75
C HIS A 44 2.46 -17.06 -8.15
N ILE A 45 1.16 -17.24 -8.33
CA ILE A 45 0.51 -17.04 -9.62
C ILE A 45 -0.06 -15.63 -9.73
N PRO A 46 -0.26 -15.14 -10.97
CA PRO A 46 -0.80 -13.80 -11.21
C PRO A 46 -2.15 -13.59 -10.51
N LEU A 47 -2.56 -12.34 -10.41
CA LEU A 47 -3.83 -12.01 -9.75
C LEU A 47 -4.15 -10.52 -9.88
N VAL A 48 -5.43 -10.20 -9.90
CA VAL A 48 -5.87 -8.81 -10.02
C VAL A 48 -6.95 -8.49 -8.99
N ALA A 49 -6.62 -7.65 -8.02
CA ALA A 49 -7.57 -7.28 -6.98
C ALA A 49 -7.55 -5.77 -6.73
N GLN A 50 -8.66 -5.25 -6.22
CA GLN A 50 -8.77 -3.82 -5.93
C GLN A 50 -8.57 -3.55 -4.45
N LEU A 51 -7.63 -2.66 -4.14
CA LEU A 51 -7.34 -2.31 -2.76
C LEU A 51 -8.45 -1.45 -2.16
N VAL A 52 -8.64 -1.55 -0.85
CA VAL A 52 -9.67 -0.77 -0.16
C VAL A 52 -9.30 0.71 -0.10
N ASP A 53 -10.23 1.51 0.38
CA ASP A 53 -10.01 2.95 0.49
C ASP A 53 -8.83 3.26 1.41
N ASP A 54 -8.80 2.58 2.55
CA ASP A 54 -7.72 2.78 3.53
C ASP A 54 -6.73 1.64 3.48
N ALA A 55 -6.47 1.12 2.28
CA ALA A 55 -5.54 0.01 2.10
C ALA A 55 -4.10 0.46 2.37
N ALA A 56 -3.32 -0.44 2.95
CA ALA A 56 -1.92 -0.17 3.27
C ALA A 56 -1.03 -1.30 2.79
N VAL A 57 -0.04 -0.97 1.97
CA VAL A 57 0.89 -1.97 1.45
C VAL A 57 2.20 -1.95 2.22
N LYS A 58 2.54 -3.09 2.82
CA LYS A 58 3.77 -3.21 3.59
C LYS A 58 4.77 -4.12 2.87
N ILE A 59 5.74 -3.50 2.20
CA ILE A 59 6.76 -4.27 1.48
C ILE A 59 7.95 -4.57 2.36
N GLU A 60 8.46 -5.80 2.25
CA GLU A 60 9.61 -6.23 3.04
C GLU A 60 10.86 -6.31 2.17
N ARG A 61 12.00 -5.98 2.76
CA ARG A 61 13.27 -6.03 2.04
C ARG A 61 14.25 -6.98 2.71
N GLU A 62 14.79 -7.91 1.93
CA GLU A 62 15.74 -8.88 2.46
C GLU A 62 16.99 -8.17 3.00
N GLY A 63 17.12 -8.16 4.32
CA GLY A 63 18.26 -7.51 4.94
C GLY A 63 17.99 -6.05 5.28
N SER A 64 16.95 -5.48 4.69
CA SER A 64 16.59 -4.09 4.95
C SER A 64 15.24 -3.99 5.65
N ASP A 65 14.86 -2.78 6.03
CA ASP A 65 13.60 -2.55 6.72
C ASP A 65 12.45 -2.47 5.72
N ASP A 66 11.31 -3.05 6.09
CA ASP A 66 10.13 -3.05 5.23
C ASP A 66 9.66 -1.62 4.97
N LEU A 67 9.25 -1.36 3.74
CA LEU A 67 8.77 -0.03 3.36
C LEU A 67 7.25 0.04 3.46
N TRP A 68 6.76 0.59 4.57
CA TRP A 68 5.32 0.71 4.79
C TRP A 68 4.78 1.98 4.11
N TRP A 69 4.01 1.78 3.04
CA TRP A 69 3.43 2.91 2.32
C TRP A 69 1.91 2.78 2.25
N ALA A 70 1.23 3.92 2.23
CA ALA A 70 -0.23 3.95 2.16
C ALA A 70 -0.70 4.13 0.72
N ILE A 71 -1.81 3.46 0.38
CA ILE A 71 -2.36 3.56 -0.96
C ILE A 71 -3.79 4.13 -0.94
N ASP A 72 -4.08 4.98 -1.91
CA ASP A 72 -5.41 5.59 -1.99
C ASP A 72 -6.22 4.98 -3.13
N GLY A 73 -6.99 3.94 -2.81
CA GLY A 73 -7.80 3.28 -3.82
C GLY A 73 -6.97 2.76 -4.98
N GLY A 74 -5.95 1.97 -4.67
CA GLY A 74 -5.10 1.41 -5.69
C GLY A 74 -5.47 -0.01 -6.07
N PHE A 75 -4.96 -0.47 -7.20
CA PHE A 75 -5.24 -1.82 -7.69
C PHE A 75 -3.98 -2.66 -7.70
N LEU A 76 -4.07 -3.89 -7.21
CA LEU A 76 -2.93 -4.80 -7.18
C LEU A 76 -2.98 -5.78 -8.34
N SER A 77 -1.89 -5.85 -9.09
CA SER A 77 -1.80 -6.75 -10.23
C SER A 77 -0.54 -7.60 -10.15
N ILE A 78 -0.69 -8.86 -9.75
CA ILE A 78 0.45 -9.76 -9.64
C ILE A 78 0.66 -10.54 -10.93
N THR A 79 1.93 -10.77 -11.27
CA THR A 79 2.25 -11.51 -12.49
C THR A 79 3.20 -12.67 -12.18
N ASP A 80 3.51 -13.46 -13.20
CA ASP A 80 4.39 -14.61 -13.05
C ASP A 80 5.67 -14.23 -12.31
N THR A 81 6.17 -13.02 -12.56
CA THR A 81 7.39 -12.56 -11.92
C THR A 81 7.44 -11.03 -11.89
N LYS A 82 6.30 -10.41 -11.63
CA LYS A 82 6.21 -8.96 -11.56
C LYS A 82 4.93 -8.51 -10.86
N VAL A 83 5.05 -7.48 -10.04
CA VAL A 83 3.91 -6.94 -9.30
C VAL A 83 3.86 -5.42 -9.38
N SER A 84 2.81 -4.90 -10.01
CA SER A 84 2.66 -3.45 -10.15
C SER A 84 1.38 -2.98 -9.47
N ILE A 85 1.45 -1.81 -8.84
CA ILE A 85 0.30 -1.23 -8.16
C ILE A 85 0.00 0.17 -8.67
N LEU A 86 -1.25 0.38 -9.10
CA LEU A 86 -1.67 1.68 -9.62
C LEU A 86 -2.79 2.26 -8.76
N ALA A 87 -2.52 3.40 -8.14
CA ALA A 87 -3.51 4.05 -7.28
C ALA A 87 -3.53 5.55 -7.52
N GLU A 88 -4.47 6.23 -6.87
CA GLU A 88 -4.60 7.67 -7.01
C GLU A 88 -3.39 8.38 -6.41
N SER A 89 -2.85 7.82 -5.34
CA SER A 89 -1.68 8.39 -4.68
C SER A 89 -1.26 7.54 -3.49
N ALA A 90 -0.11 7.87 -2.90
CA ALA A 90 0.41 7.13 -1.76
C ALA A 90 1.24 8.02 -0.85
N GLN A 91 1.53 7.54 0.36
CA GLN A 91 2.32 8.30 1.31
C GLN A 91 3.31 7.39 2.03
N ALA A 92 4.37 7.99 2.58
CA ALA A 92 5.39 7.24 3.29
C ALA A 92 5.09 7.19 4.78
N ARG A 93 5.31 6.03 5.40
CA ARG A 93 5.06 5.86 6.82
C ARG A 93 5.87 6.86 7.65
N ALA A 94 7.04 7.23 7.13
CA ALA A 94 7.91 8.19 7.82
C ALA A 94 7.54 9.64 7.47
N ASP A 95 6.75 9.80 6.40
CA ASP A 95 6.34 11.12 5.97
C ASP A 95 5.01 11.53 6.60
N ILE A 96 4.24 10.53 7.04
CA ILE A 96 2.94 10.79 7.65
C ILE A 96 3.11 11.36 9.07
N ASP A 97 2.22 12.28 9.44
CA ASP A 97 2.27 12.90 10.75
C ASP A 97 1.11 12.41 11.62
N GLU A 98 1.44 11.87 12.80
CA GLU A 98 0.43 11.37 13.72
C GLU A 98 -0.76 12.32 13.83
N ALA A 99 -0.49 13.62 13.71
CA ALA A 99 -1.54 14.62 13.78
C ALA A 99 -2.34 14.68 12.50
N LYS A 100 -1.65 14.66 11.37
CA LYS A 100 -2.30 14.72 10.06
C LYS A 100 -3.15 13.46 9.84
N ALA A 101 -2.61 12.31 10.18
CA ALA A 101 -3.32 11.05 10.03
C ALA A 101 -4.56 11.00 10.90
N LYS A 102 -4.43 11.47 12.13
CA LYS A 102 -5.55 11.49 13.06
C LYS A 102 -6.65 12.44 12.58
N THR A 103 -6.25 13.62 12.14
CA THR A 103 -7.19 14.62 11.64
C THR A 103 -7.87 14.12 10.37
N ASP A 104 -7.08 13.54 9.47
CA ASP A 104 -7.60 13.03 8.21
C ASP A 104 -8.69 11.98 8.48
N SER A 105 -8.48 11.16 9.50
CA SER A 105 -9.44 10.13 9.85
C SER A 105 -10.63 10.73 10.59
N GLY A 106 -10.39 11.86 11.26
CA GLY A 106 -11.45 12.53 11.99
C GLY A 106 -12.44 13.24 11.07
N SER A 107 -11.97 13.60 9.87
CA SER A 107 -12.81 14.29 8.91
C SER A 107 -14.07 13.48 8.60
N GLU A 108 -15.10 14.17 8.12
CA GLU A 108 -16.37 13.52 7.78
C GLU A 108 -16.39 13.07 6.33
N ASP A 109 -15.62 13.77 5.48
CA ASP A 109 -15.56 13.44 4.06
C ASP A 109 -15.12 12.00 3.85
N PRO A 110 -15.60 11.36 2.77
CA PRO A 110 -15.25 9.97 2.46
C PRO A 110 -13.80 9.82 2.01
N ARG A 111 -13.37 10.71 1.13
CA ARG A 111 -12.00 10.68 0.61
C ARG A 111 -11.00 10.95 1.73
N VAL A 112 -11.26 11.98 2.53
CA VAL A 112 -10.38 12.34 3.63
C VAL A 112 -10.32 11.22 4.67
N ALA A 113 -11.48 10.63 4.96
CA ALA A 113 -11.57 9.55 5.94
C ALA A 113 -10.72 8.35 5.49
N ALA A 114 -10.73 8.07 4.20
CA ALA A 114 -9.98 6.96 3.64
C ALA A 114 -8.48 7.24 3.72
N GLN A 115 -8.08 8.43 3.30
CA GLN A 115 -6.67 8.81 3.32
C GLN A 115 -6.12 8.76 4.74
N GLY A 116 -6.83 9.39 5.67
CA GLY A 116 -6.39 9.39 7.06
C GLY A 116 -6.29 7.99 7.63
N ARG A 117 -7.24 7.14 7.27
CA ARG A 117 -7.25 5.77 7.75
C ARG A 117 -6.09 4.98 7.15
N ALA A 118 -5.82 5.21 5.87
CA ALA A 118 -4.73 4.53 5.19
C ALA A 118 -3.38 4.92 5.80
N ARG A 119 -3.21 6.21 6.04
CA ARG A 119 -1.97 6.71 6.62
C ARG A 119 -1.79 6.21 8.05
N LEU A 120 -2.90 6.20 8.79
CA LEU A 120 -2.88 5.74 10.18
C LEU A 120 -2.48 4.27 10.25
N ARG A 121 -3.02 3.48 9.32
CA ARG A 121 -2.73 2.05 9.28
C ARG A 121 -1.23 1.80 9.13
N ALA A 122 -0.62 2.50 8.18
CA ALA A 122 0.82 2.37 7.93
C ALA A 122 1.62 2.87 9.12
N LEU A 123 1.08 3.87 9.81
CA LEU A 123 1.75 4.44 10.97
C LEU A 123 1.77 3.45 12.14
N GLY A 124 0.81 2.53 12.14
CA GLY A 124 0.73 1.55 13.20
C GLY A 124 -0.58 1.59 13.95
N GLN A 125 -1.60 2.18 13.35
CA GLN A 125 -2.91 2.28 13.98
C GLN A 125 -3.92 1.41 13.26
N THR A 126 -5.12 1.29 13.83
CA THR A 126 -6.17 0.48 13.24
C THR A 126 -7.43 1.30 13.00
N VAL A 127 -7.92 1.27 11.77
CA VAL A 127 -9.13 2.02 11.40
C VAL A 127 -8.96 3.51 11.70
N SER A 8 14.62 -15.94 -5.58
CA SER A 8 13.46 -15.26 -6.20
C SER A 8 13.00 -14.06 -5.37
N GLU A 9 12.67 -12.97 -6.04
CA GLU A 9 12.22 -11.76 -5.36
C GLU A 9 10.90 -11.27 -5.94
N ILE A 10 10.33 -10.25 -5.31
CA ILE A 10 9.06 -9.69 -5.76
C ILE A 10 9.24 -8.30 -6.37
N ASP A 11 8.88 -8.15 -7.64
CA ASP A 11 8.99 -6.87 -8.31
C ASP A 11 7.84 -5.97 -7.93
N VAL A 12 8.12 -4.98 -7.09
CA VAL A 12 7.09 -4.05 -6.65
C VAL A 12 7.15 -2.74 -7.42
N GLU A 13 5.98 -2.24 -7.80
CA GLU A 13 5.89 -0.99 -8.56
C GLU A 13 4.73 -0.13 -8.06
N ILE A 14 5.06 0.99 -7.44
CA ILE A 14 4.04 1.89 -6.92
C ILE A 14 3.87 3.10 -7.84
N VAL A 15 2.78 3.11 -8.59
CA VAL A 15 2.51 4.20 -9.51
C VAL A 15 1.23 4.95 -9.14
N ALA A 16 1.26 6.26 -9.27
CA ALA A 16 0.11 7.10 -8.97
C ALA A 16 -0.48 7.69 -10.24
N VAL A 17 -1.77 7.96 -10.22
CA VAL A 17 -2.46 8.53 -11.38
C VAL A 17 -1.77 9.81 -11.86
N GLU A 18 -1.05 10.47 -10.96
CA GLU A 18 -0.36 11.70 -11.29
C GLU A 18 1.13 11.47 -11.54
N ARG A 19 1.71 10.49 -10.85
CA ARG A 19 3.13 10.19 -11.00
C ARG A 19 3.52 8.90 -10.30
N GLU A 20 4.70 8.39 -10.63
CA GLU A 20 5.22 7.17 -10.02
C GLU A 20 5.93 7.49 -8.72
N ILE A 21 5.81 6.59 -7.75
CA ILE A 21 6.44 6.78 -6.44
C ILE A 21 7.66 5.89 -6.25
N TRP A 22 7.47 4.58 -6.31
CA TRP A 22 8.56 3.64 -6.12
C TRP A 22 8.48 2.47 -7.09
N SER A 23 9.58 1.74 -7.22
CA SER A 23 9.64 0.59 -8.12
C SER A 23 10.94 -0.18 -7.92
N GLY A 24 10.83 -1.43 -7.49
CA GLY A 24 12.00 -2.26 -7.26
C GLY A 24 11.66 -3.70 -6.92
N LYS A 25 12.55 -4.36 -6.19
CA LYS A 25 12.33 -5.76 -5.79
C LYS A 25 12.14 -5.86 -4.29
N ALA A 26 11.46 -6.92 -3.85
CA ALA A 26 11.20 -7.14 -2.43
C ALA A 26 11.30 -8.61 -2.07
N THR A 27 11.26 -8.89 -0.77
CA THR A 27 11.33 -10.27 -0.29
C THR A 27 9.94 -10.75 0.12
N PHE A 28 9.14 -9.83 0.63
CA PHE A 28 7.77 -10.14 1.05
C PHE A 28 6.94 -8.88 1.09
N VAL A 29 5.68 -8.97 0.67
CA VAL A 29 4.79 -7.82 0.66
C VAL A 29 3.35 -8.21 1.00
N PHE A 30 2.64 -7.30 1.66
CA PHE A 30 1.25 -7.54 2.03
C PHE A 30 0.37 -6.37 1.60
N THR A 31 -0.88 -6.68 1.26
CA THR A 31 -1.82 -5.65 0.83
C THR A 31 -3.22 -5.92 1.37
N ARG A 32 -4.05 -4.89 1.36
CA ARG A 32 -5.42 -5.01 1.85
C ARG A 32 -6.42 -4.67 0.76
N THR A 33 -7.32 -5.61 0.48
CA THR A 33 -8.34 -5.41 -0.55
C THR A 33 -9.74 -5.60 0.03
N THR A 34 -10.75 -5.33 -0.79
CA THR A 34 -12.14 -5.46 -0.37
C THR A 34 -12.42 -6.84 0.22
N SER A 35 -11.61 -7.81 -0.17
CA SER A 35 -11.76 -9.18 0.32
C SER A 35 -10.84 -9.45 1.51
N GLY A 36 -10.47 -8.39 2.22
CA GLY A 36 -9.59 -8.55 3.36
C GLY A 36 -8.12 -8.40 3.00
N GLU A 37 -7.25 -8.68 3.96
CA GLU A 37 -5.81 -8.58 3.74
C GLU A 37 -5.28 -9.84 3.08
N ILE A 38 -4.16 -9.72 2.38
CA ILE A 38 -3.54 -10.84 1.69
C ILE A 38 -2.03 -10.67 1.58
N GLY A 39 -1.31 -11.78 1.65
CA GLY A 39 0.15 -11.73 1.55
C GLY A 39 0.65 -12.21 0.21
N ILE A 40 1.71 -11.58 -0.28
CA ILE A 40 2.29 -11.96 -1.57
C ILE A 40 3.75 -12.37 -1.42
N LEU A 41 4.10 -13.51 -2.01
CA LEU A 41 5.46 -14.03 -1.95
C LEU A 41 6.07 -14.08 -3.35
N PRO A 42 7.42 -14.15 -3.44
CA PRO A 42 8.11 -14.20 -4.72
C PRO A 42 8.13 -15.61 -5.32
N HIS A 43 6.95 -16.21 -5.44
CA HIS A 43 6.83 -17.55 -6.00
C HIS A 43 5.36 -17.99 -6.02
N HIS A 44 4.48 -17.06 -6.33
CA HIS A 44 3.05 -17.35 -6.39
C HIS A 44 2.49 -17.10 -7.79
N ILE A 45 1.18 -17.26 -7.94
CA ILE A 45 0.52 -17.05 -9.21
C ILE A 45 -0.04 -15.63 -9.32
N PRO A 46 -0.23 -15.13 -10.56
CA PRO A 46 -0.76 -13.78 -10.79
C PRO A 46 -2.09 -13.55 -10.08
N LEU A 47 -2.46 -12.28 -9.93
CA LEU A 47 -3.71 -11.92 -9.28
C LEU A 47 -4.01 -10.44 -9.43
N VAL A 48 -5.30 -10.10 -9.51
CA VAL A 48 -5.71 -8.71 -9.65
C VAL A 48 -6.88 -8.39 -8.73
N ALA A 49 -6.63 -7.57 -7.72
CA ALA A 49 -7.66 -7.19 -6.76
C ALA A 49 -7.68 -5.68 -6.54
N GLN A 50 -8.77 -5.17 -5.98
CA GLN A 50 -8.92 -3.75 -5.71
C GLN A 50 -8.67 -3.45 -4.24
N LEU A 51 -7.70 -2.57 -3.98
CA LEU A 51 -7.37 -2.20 -2.61
C LEU A 51 -8.46 -1.32 -2.01
N VAL A 52 -8.61 -1.41 -0.69
CA VAL A 52 -9.62 -0.62 0.02
C VAL A 52 -9.26 0.86 0.02
N ASP A 53 -10.17 1.69 0.51
CA ASP A 53 -9.95 3.12 0.57
C ASP A 53 -8.74 3.46 1.45
N ASP A 54 -8.66 2.80 2.60
CA ASP A 54 -7.56 3.02 3.54
C ASP A 54 -6.56 1.87 3.49
N ALA A 55 -6.35 1.32 2.30
CA ALA A 55 -5.43 0.21 2.12
C ALA A 55 -4.01 0.61 2.51
N ALA A 56 -3.19 -0.38 2.85
CA ALA A 56 -1.81 -0.14 3.24
C ALA A 56 -0.90 -1.29 2.80
N VAL A 57 0.09 -0.97 1.99
CA VAL A 57 1.02 -1.99 1.49
C VAL A 57 2.33 -1.97 2.30
N LYS A 58 2.75 -3.15 2.73
CA LYS A 58 3.98 -3.28 3.50
C LYS A 58 4.99 -4.14 2.77
N ILE A 59 5.97 -3.48 2.14
CA ILE A 59 7.00 -4.19 1.39
C ILE A 59 8.21 -4.48 2.25
N GLU A 60 8.91 -5.57 1.95
CA GLU A 60 10.09 -5.96 2.70
C GLU A 60 11.29 -6.12 1.78
N ARG A 61 12.48 -5.80 2.29
CA ARG A 61 13.70 -5.90 1.50
C ARG A 61 14.75 -6.73 2.24
N GLU A 62 15.31 -7.71 1.53
CA GLU A 62 16.32 -8.58 2.12
C GLU A 62 17.50 -7.76 2.61
N GLY A 63 17.64 -7.64 3.92
CA GLY A 63 18.73 -6.89 4.50
C GLY A 63 18.36 -5.44 4.77
N SER A 64 17.27 -4.98 4.15
CA SER A 64 16.80 -3.61 4.32
C SER A 64 15.53 -3.57 5.16
N ASP A 65 15.07 -2.37 5.47
CA ASP A 65 13.85 -2.20 6.27
C ASP A 65 12.62 -2.16 5.37
N ASP A 66 11.55 -2.80 5.83
CA ASP A 66 10.31 -2.85 5.07
C ASP A 66 9.79 -1.43 4.79
N LEU A 67 9.16 -1.26 3.63
CA LEU A 67 8.62 0.04 3.24
C LEU A 67 7.11 0.08 3.46
N TRP A 68 6.70 0.69 4.58
CA TRP A 68 5.29 0.80 4.91
C TRP A 68 4.68 2.06 4.31
N TRP A 69 3.86 1.88 3.27
CA TRP A 69 3.22 3.00 2.60
C TRP A 69 1.70 2.85 2.61
N ALA A 70 1.00 3.96 2.44
CA ALA A 70 -0.46 3.96 2.42
C ALA A 70 -1.00 4.22 1.03
N ILE A 71 -1.80 3.30 0.52
CA ILE A 71 -2.38 3.44 -0.81
C ILE A 71 -3.78 4.03 -0.75
N ASP A 72 -4.08 4.92 -1.69
CA ASP A 72 -5.39 5.57 -1.75
C ASP A 72 -6.19 5.09 -2.95
N GLY A 73 -7.09 4.13 -2.71
CA GLY A 73 -7.91 3.61 -3.79
C GLY A 73 -7.07 3.03 -4.92
N GLY A 74 -6.17 2.12 -4.59
CA GLY A 74 -5.32 1.52 -5.60
C GLY A 74 -5.69 0.08 -5.89
N PHE A 75 -5.08 -0.48 -6.95
CA PHE A 75 -5.34 -1.85 -7.34
C PHE A 75 -4.05 -2.65 -7.34
N LEU A 76 -4.12 -3.90 -6.85
CA LEU A 76 -2.95 -4.76 -6.79
C LEU A 76 -2.94 -5.75 -7.95
N SER A 77 -1.79 -5.85 -8.60
CA SER A 77 -1.63 -6.75 -9.73
C SER A 77 -0.39 -7.63 -9.54
N ILE A 78 -0.55 -8.92 -9.77
CA ILE A 78 0.55 -9.87 -9.62
C ILE A 78 0.77 -10.65 -10.91
N THR A 79 2.05 -10.86 -11.25
CA THR A 79 2.40 -11.60 -12.45
C THR A 79 3.38 -12.71 -12.13
N ASP A 80 3.74 -13.49 -13.15
CA ASP A 80 4.67 -14.60 -12.99
C ASP A 80 5.94 -14.16 -12.25
N THR A 81 6.28 -12.88 -12.38
CA THR A 81 7.46 -12.34 -11.72
C THR A 81 7.43 -10.81 -11.71
N LYS A 82 6.27 -10.25 -11.44
CA LYS A 82 6.12 -8.79 -11.40
C LYS A 82 4.85 -8.39 -10.64
N VAL A 83 4.95 -7.29 -9.90
CA VAL A 83 3.82 -6.79 -9.13
C VAL A 83 3.66 -5.29 -9.30
N SER A 84 2.57 -4.88 -9.94
CA SER A 84 2.31 -3.46 -10.18
C SER A 84 1.13 -2.97 -9.35
N ILE A 85 1.28 -1.78 -8.77
CA ILE A 85 0.24 -1.19 -7.95
C ILE A 85 -0.15 0.20 -8.46
N LEU A 86 -1.38 0.33 -8.94
CA LEU A 86 -1.87 1.60 -9.46
C LEU A 86 -2.92 2.20 -8.53
N ALA A 87 -2.65 3.39 -8.02
CA ALA A 87 -3.58 4.06 -7.11
C ALA A 87 -3.57 5.57 -7.31
N GLU A 88 -4.45 6.26 -6.61
CA GLU A 88 -4.55 7.71 -6.71
C GLU A 88 -3.26 8.37 -6.19
N SER A 89 -2.75 7.85 -5.07
CA SER A 89 -1.53 8.38 -4.49
C SER A 89 -1.01 7.46 -3.40
N ALA A 90 0.20 7.74 -2.92
CA ALA A 90 0.83 6.93 -1.88
C ALA A 90 1.59 7.79 -0.89
N GLN A 91 1.69 7.32 0.35
CA GLN A 91 2.40 8.06 1.40
C GLN A 91 3.31 7.12 2.19
N ALA A 92 4.48 7.63 2.56
CA ALA A 92 5.44 6.84 3.33
C ALA A 92 5.16 6.92 4.82
N ARG A 93 5.44 5.84 5.53
CA ARG A 93 5.21 5.78 6.98
C ARG A 93 6.05 6.84 7.69
N ALA A 94 7.21 7.15 7.12
CA ALA A 94 8.11 8.14 7.71
C ALA A 94 7.58 9.55 7.49
N ASP A 95 6.76 9.73 6.44
CA ASP A 95 6.19 11.03 6.13
C ASP A 95 4.87 11.24 6.84
N ILE A 96 4.21 10.14 7.22
CA ILE A 96 2.94 10.22 7.91
C ILE A 96 3.10 10.74 9.34
N ASP A 97 2.07 11.43 9.83
CA ASP A 97 2.10 11.98 11.17
C ASP A 97 0.86 11.56 11.96
N GLU A 98 1.07 10.95 13.11
CA GLU A 98 -0.03 10.49 13.95
C GLU A 98 -1.09 11.58 14.13
N ALA A 99 -0.64 12.83 14.14
CA ALA A 99 -1.55 13.96 14.30
C ALA A 99 -2.36 14.20 13.03
N LYS A 100 -1.67 14.28 11.90
CA LYS A 100 -2.32 14.51 10.62
C LYS A 100 -3.21 13.32 10.24
N ALA A 101 -2.82 12.14 10.70
CA ALA A 101 -3.59 10.93 10.40
C ALA A 101 -4.91 10.93 11.15
N LYS A 102 -4.89 11.36 12.41
CA LYS A 102 -6.10 11.41 13.23
C LYS A 102 -7.08 12.42 12.68
N THR A 103 -6.59 13.61 12.34
CA THR A 103 -7.44 14.66 11.80
C THR A 103 -7.99 14.26 10.44
N ASP A 104 -7.14 13.66 9.61
CA ASP A 104 -7.56 13.22 8.29
C ASP A 104 -8.71 12.22 8.38
N SER A 105 -8.65 11.35 9.39
CA SER A 105 -9.69 10.36 9.60
C SER A 105 -10.94 11.01 10.19
N GLY A 106 -10.73 12.11 10.91
CA GLY A 106 -11.84 12.81 11.52
C GLY A 106 -12.69 13.56 10.51
N SER A 107 -12.08 13.93 9.39
CA SER A 107 -12.79 14.65 8.34
C SER A 107 -13.99 13.85 7.84
N GLU A 108 -14.96 14.55 7.24
CA GLU A 108 -16.16 13.91 6.72
C GLU A 108 -15.99 13.53 5.25
N ASP A 109 -15.12 14.25 4.56
CA ASP A 109 -14.86 13.99 3.14
C ASP A 109 -14.43 12.54 2.92
N PRO A 110 -14.77 11.97 1.75
CA PRO A 110 -14.42 10.59 1.42
C PRO A 110 -12.92 10.41 1.17
N ARG A 111 -12.33 11.35 0.45
CA ARG A 111 -10.90 11.30 0.15
C ARG A 111 -10.07 11.49 1.42
N VAL A 112 -10.38 12.53 2.18
CA VAL A 112 -9.67 12.82 3.42
C VAL A 112 -9.83 11.68 4.42
N ALA A 113 -11.05 11.15 4.52
CA ALA A 113 -11.34 10.05 5.43
C ALA A 113 -10.54 8.81 5.07
N ALA A 114 -10.42 8.54 3.77
CA ALA A 114 -9.68 7.38 3.29
C ALA A 114 -8.19 7.56 3.52
N GLN A 115 -7.68 8.76 3.21
CA GLN A 115 -6.27 9.05 3.39
C GLN A 115 -5.87 8.95 4.86
N GLY A 116 -6.66 9.56 5.72
CA GLY A 116 -6.37 9.52 7.14
C GLY A 116 -6.38 8.11 7.69
N ARG A 117 -7.34 7.31 7.24
CA ARG A 117 -7.46 5.92 7.69
C ARG A 117 -6.30 5.09 7.16
N ALA A 118 -5.90 5.36 5.92
CA ALA A 118 -4.80 4.64 5.30
C ALA A 118 -3.48 4.97 6.00
N ARG A 119 -3.28 6.25 6.27
CA ARG A 119 -2.06 6.70 6.94
C ARG A 119 -2.01 6.17 8.37
N LEU A 120 -3.16 6.16 9.02
CA LEU A 120 -3.25 5.69 10.41
C LEU A 120 -2.85 4.21 10.49
N ARG A 121 -3.33 3.42 9.53
CA ARG A 121 -3.01 2.00 9.50
C ARG A 121 -1.51 1.77 9.42
N ALA A 122 -0.87 2.44 8.46
CA ALA A 122 0.58 2.32 8.29
C ALA A 122 1.31 2.74 9.56
N LEU A 123 0.70 3.64 10.33
CA LEU A 123 1.30 4.12 11.56
C LEU A 123 1.21 3.06 12.66
N GLY A 124 0.18 2.23 12.59
CA GLY A 124 0.00 1.18 13.58
C GLY A 124 -1.45 0.79 13.77
N GLN A 125 -2.37 1.65 13.35
CA GLN A 125 -3.79 1.39 13.49
C GLN A 125 -4.21 0.22 12.60
N THR A 126 -5.43 -0.28 12.82
CA THR A 126 -5.95 -1.39 12.04
C THR A 126 -7.48 -1.36 12.00
N VAL A 127 -8.04 -1.40 10.79
CA VAL A 127 -9.48 -1.38 10.61
C VAL A 127 -10.07 -0.10 11.18
N SER A 8 15.20 -15.77 -5.89
CA SER A 8 13.96 -15.20 -6.47
C SER A 8 13.47 -14.02 -5.64
N GLU A 9 12.90 -13.02 -6.32
CA GLU A 9 12.39 -11.83 -5.64
C GLU A 9 11.08 -11.39 -6.28
N ILE A 10 10.45 -10.39 -5.66
CA ILE A 10 9.18 -9.86 -6.16
C ILE A 10 9.35 -8.46 -6.74
N ASP A 11 8.91 -8.30 -7.98
CA ASP A 11 9.00 -7.00 -8.64
C ASP A 11 7.85 -6.10 -8.19
N VAL A 12 8.17 -5.13 -7.35
CA VAL A 12 7.17 -4.21 -6.84
C VAL A 12 7.20 -2.88 -7.58
N GLU A 13 6.03 -2.35 -7.88
CA GLU A 13 5.91 -1.08 -8.59
C GLU A 13 4.76 -0.25 -8.03
N ILE A 14 5.09 0.87 -7.39
CA ILE A 14 4.09 1.75 -6.82
C ILE A 14 3.92 2.99 -7.67
N VAL A 15 2.82 3.05 -8.42
CA VAL A 15 2.54 4.18 -9.29
C VAL A 15 1.29 4.92 -8.87
N ALA A 16 1.27 6.23 -9.10
CA ALA A 16 0.12 7.06 -8.75
C ALA A 16 -0.48 7.69 -10.00
N VAL A 17 -1.75 8.04 -9.93
CA VAL A 17 -2.45 8.65 -11.05
C VAL A 17 -1.72 9.91 -11.54
N GLU A 18 -0.94 10.52 -10.66
CA GLU A 18 -0.21 11.73 -11.01
C GLU A 18 1.27 11.44 -11.29
N ARG A 19 1.83 10.46 -10.57
CA ARG A 19 3.24 10.11 -10.75
C ARG A 19 3.59 8.83 -10.00
N GLU A 20 4.78 8.31 -10.29
CA GLU A 20 5.26 7.09 -9.65
C GLU A 20 6.03 7.44 -8.38
N ILE A 21 5.93 6.57 -7.38
CA ILE A 21 6.61 6.79 -6.11
C ILE A 21 7.78 5.82 -5.91
N TRP A 22 7.52 4.53 -6.07
CA TRP A 22 8.57 3.52 -5.88
C TRP A 22 8.48 2.42 -6.93
N SER A 23 9.61 1.73 -7.14
CA SER A 23 9.69 0.65 -8.12
C SER A 23 10.98 -0.14 -7.93
N GLY A 24 10.85 -1.42 -7.60
CA GLY A 24 12.02 -2.25 -7.40
C GLY A 24 11.68 -3.70 -7.09
N LYS A 25 12.58 -4.38 -6.39
CA LYS A 25 12.37 -5.78 -6.02
C LYS A 25 12.11 -5.91 -4.52
N ALA A 26 11.42 -6.99 -4.14
CA ALA A 26 11.10 -7.23 -2.73
C ALA A 26 11.24 -8.69 -2.37
N THR A 27 11.13 -8.99 -1.08
CA THR A 27 11.23 -10.36 -0.60
C THR A 27 9.85 -10.87 -0.21
N PHE A 28 9.02 -9.97 0.29
CA PHE A 28 7.66 -10.29 0.70
C PHE A 28 6.80 -9.03 0.73
N VAL A 29 5.55 -9.15 0.29
CA VAL A 29 4.67 -8.00 0.26
C VAL A 29 3.26 -8.37 0.77
N PHE A 30 2.63 -7.42 1.44
CA PHE A 30 1.29 -7.62 1.99
C PHE A 30 0.42 -6.39 1.78
N THR A 31 -0.83 -6.60 1.39
CA THR A 31 -1.75 -5.49 1.14
C THR A 31 -3.16 -5.85 1.61
N ARG A 32 -4.01 -4.84 1.69
CA ARG A 32 -5.39 -5.05 2.12
C ARG A 32 -6.37 -4.75 0.99
N THR A 33 -7.32 -5.65 0.78
CA THR A 33 -8.32 -5.49 -0.27
C THR A 33 -9.72 -5.72 0.27
N THR A 34 -10.72 -5.48 -0.57
CA THR A 34 -12.12 -5.67 -0.19
C THR A 34 -12.34 -7.06 0.39
N SER A 35 -11.51 -8.01 0.00
CA SER A 35 -11.62 -9.38 0.48
C SER A 35 -10.66 -9.64 1.63
N GLY A 36 -10.29 -8.58 2.34
CA GLY A 36 -9.38 -8.72 3.47
C GLY A 36 -7.92 -8.56 3.06
N GLU A 37 -7.02 -8.82 3.99
CA GLU A 37 -5.59 -8.70 3.73
C GLU A 37 -5.04 -9.99 3.13
N ILE A 38 -3.98 -9.87 2.34
CA ILE A 38 -3.36 -11.03 1.71
C ILE A 38 -1.87 -10.81 1.49
N GLY A 39 -1.09 -11.88 1.59
CA GLY A 39 0.34 -11.78 1.40
C GLY A 39 0.79 -12.43 0.10
N ILE A 40 1.80 -11.84 -0.54
CA ILE A 40 2.32 -12.36 -1.79
C ILE A 40 3.80 -12.71 -1.68
N LEU A 41 4.18 -13.84 -2.27
CA LEU A 41 5.57 -14.28 -2.23
C LEU A 41 6.13 -14.39 -3.65
N PRO A 42 7.46 -14.31 -3.80
CA PRO A 42 8.11 -14.40 -5.11
C PRO A 42 8.09 -15.81 -5.68
N HIS A 43 6.90 -16.36 -5.86
CA HIS A 43 6.75 -17.71 -6.40
C HIS A 43 5.28 -18.13 -6.42
N HIS A 44 4.41 -17.18 -6.79
CA HIS A 44 2.98 -17.45 -6.86
C HIS A 44 2.43 -17.17 -8.26
N ILE A 45 1.14 -17.39 -8.43
CA ILE A 45 0.48 -17.17 -9.72
C ILE A 45 -0.12 -15.78 -9.80
N PRO A 46 -0.37 -15.28 -11.02
CA PRO A 46 -0.95 -13.95 -11.23
C PRO A 46 -2.23 -13.74 -10.43
N LEU A 47 -2.58 -12.49 -10.18
CA LEU A 47 -3.78 -12.17 -9.42
C LEU A 47 -4.12 -10.68 -9.54
N VAL A 48 -5.41 -10.37 -9.43
CA VAL A 48 -5.87 -8.99 -9.53
C VAL A 48 -6.90 -8.68 -8.45
N ALA A 49 -6.51 -7.84 -7.49
CA ALA A 49 -7.41 -7.46 -6.40
C ALA A 49 -7.43 -5.96 -6.19
N GLN A 50 -8.53 -5.45 -5.64
CA GLN A 50 -8.67 -4.02 -5.38
C GLN A 50 -8.42 -3.70 -3.91
N LEU A 51 -7.52 -2.77 -3.67
CA LEU A 51 -7.19 -2.36 -2.30
C LEU A 51 -8.25 -1.43 -1.74
N VAL A 52 -8.44 -1.49 -0.42
CA VAL A 52 -9.42 -0.63 0.25
C VAL A 52 -9.02 0.84 0.15
N ASP A 53 -9.94 1.72 0.52
CA ASP A 53 -9.69 3.16 0.48
C ASP A 53 -8.48 3.52 1.34
N ASP A 54 -8.42 2.96 2.54
CA ASP A 54 -7.31 3.23 3.46
C ASP A 54 -6.35 2.05 3.50
N ALA A 55 -6.17 1.39 2.37
CA ALA A 55 -5.28 0.24 2.27
C ALA A 55 -3.84 0.60 2.64
N ALA A 56 -3.13 -0.36 3.23
CA ALA A 56 -1.75 -0.15 3.62
C ALA A 56 -0.87 -1.27 3.09
N VAL A 57 0.12 -0.91 2.28
CA VAL A 57 1.02 -1.89 1.69
C VAL A 57 2.34 -1.96 2.46
N LYS A 58 2.84 -3.18 2.64
CA LYS A 58 4.10 -3.39 3.36
C LYS A 58 5.05 -4.24 2.53
N ILE A 59 6.02 -3.59 1.90
CA ILE A 59 7.00 -4.28 1.06
C ILE A 59 8.28 -4.56 1.83
N GLU A 60 8.73 -5.80 1.79
CA GLU A 60 9.95 -6.21 2.48
C GLU A 60 11.12 -6.28 1.52
N ARG A 61 12.32 -6.03 2.02
CA ARG A 61 13.53 -6.06 1.20
C ARG A 61 14.59 -6.95 1.83
N GLU A 62 15.13 -7.86 1.03
CA GLU A 62 16.16 -8.77 1.51
C GLU A 62 17.35 -7.99 2.06
N GLY A 63 17.50 -8.01 3.38
CA GLY A 63 18.60 -7.29 4.00
C GLY A 63 18.22 -5.88 4.40
N SER A 64 17.12 -5.37 3.85
CA SER A 64 16.66 -4.03 4.16
C SER A 64 15.36 -4.07 4.96
N ASP A 65 15.02 -2.95 5.57
CA ASP A 65 13.80 -2.86 6.38
C ASP A 65 12.57 -2.72 5.48
N ASP A 66 11.49 -3.39 5.86
CA ASP A 66 10.25 -3.35 5.10
C ASP A 66 9.73 -1.91 5.00
N LEU A 67 9.40 -1.48 3.78
CA LEU A 67 8.88 -0.14 3.57
C LEU A 67 7.39 -0.07 3.84
N TRP A 68 6.99 0.81 4.75
CA TRP A 68 5.58 0.98 5.10
C TRP A 68 4.98 2.19 4.41
N TRP A 69 4.15 1.94 3.40
CA TRP A 69 3.51 3.02 2.65
C TRP A 69 2.00 2.87 2.67
N ALA A 70 1.30 4.00 2.60
CA ALA A 70 -0.15 4.00 2.61
C ALA A 70 -0.71 4.21 1.21
N ILE A 71 -1.55 3.29 0.75
CA ILE A 71 -2.15 3.37 -0.57
C ILE A 71 -3.59 3.90 -0.49
N ASP A 72 -3.90 4.86 -1.34
CA ASP A 72 -5.23 5.47 -1.38
C ASP A 72 -6.07 4.86 -2.50
N GLY A 73 -6.84 3.83 -2.16
CA GLY A 73 -7.68 3.18 -3.15
C GLY A 73 -6.89 2.67 -4.34
N GLY A 74 -5.85 1.89 -4.07
CA GLY A 74 -5.03 1.35 -5.13
C GLY A 74 -5.43 -0.06 -5.53
N PHE A 75 -4.92 -0.52 -6.66
CA PHE A 75 -5.22 -1.86 -7.15
C PHE A 75 -3.94 -2.70 -7.26
N LEU A 76 -4.00 -3.93 -6.77
CA LEU A 76 -2.86 -4.82 -6.81
C LEU A 76 -2.97 -5.80 -7.97
N SER A 77 -1.91 -5.87 -8.77
CA SER A 77 -1.88 -6.77 -9.92
C SER A 77 -0.61 -7.61 -9.91
N ILE A 78 -0.75 -8.87 -9.51
CA ILE A 78 0.37 -9.79 -9.44
C ILE A 78 0.50 -10.58 -10.75
N THR A 79 1.75 -10.78 -11.19
CA THR A 79 2.01 -11.51 -12.42
C THR A 79 2.98 -12.66 -12.18
N ASP A 80 3.25 -13.42 -13.22
CA ASP A 80 4.18 -14.55 -13.14
C ASP A 80 5.51 -14.14 -12.51
N THR A 81 5.86 -12.87 -12.66
CA THR A 81 7.11 -12.36 -12.11
C THR A 81 7.12 -10.83 -12.10
N LYS A 82 6.00 -10.24 -11.71
CA LYS A 82 5.87 -8.79 -11.65
C LYS A 82 4.67 -8.38 -10.82
N VAL A 83 4.81 -7.28 -10.08
CA VAL A 83 3.73 -6.77 -9.24
C VAL A 83 3.57 -5.27 -9.41
N SER A 84 2.50 -4.87 -10.08
CA SER A 84 2.21 -3.45 -10.32
C SER A 84 1.07 -2.98 -9.43
N ILE A 85 1.26 -1.84 -8.78
CA ILE A 85 0.25 -1.27 -7.90
C ILE A 85 -0.12 0.14 -8.34
N LEU A 86 -1.35 0.29 -8.85
CA LEU A 86 -1.83 1.59 -9.31
C LEU A 86 -2.87 2.16 -8.34
N ALA A 87 -2.58 3.32 -7.78
CA ALA A 87 -3.48 3.96 -6.83
C ALA A 87 -3.50 5.47 -7.02
N GLU A 88 -4.37 6.14 -6.26
CA GLU A 88 -4.48 7.59 -6.34
C GLU A 88 -3.18 8.26 -5.90
N SER A 89 -2.65 7.81 -4.77
CA SER A 89 -1.41 8.36 -4.24
C SER A 89 -0.82 7.46 -3.16
N ALA A 90 0.40 7.75 -2.75
CA ALA A 90 1.06 6.95 -1.72
C ALA A 90 1.62 7.84 -0.61
N GLN A 91 1.83 7.25 0.57
CA GLN A 91 2.35 7.99 1.70
C GLN A 91 3.48 7.22 2.38
N ALA A 92 4.29 7.93 3.17
CA ALA A 92 5.41 7.31 3.87
C ALA A 92 5.12 7.20 5.36
N ARG A 93 5.48 6.07 5.95
CA ARG A 93 5.26 5.83 7.37
C ARG A 93 5.97 6.88 8.22
N ALA A 94 7.09 7.39 7.71
CA ALA A 94 7.87 8.40 8.41
C ALA A 94 7.37 9.81 8.09
N ASP A 95 6.56 9.93 7.03
CA ASP A 95 6.03 11.23 6.63
C ASP A 95 4.66 11.48 7.24
N ILE A 96 3.96 10.41 7.63
CA ILE A 96 2.65 10.53 8.24
C ILE A 96 2.74 11.18 9.62
N ASP A 97 1.69 11.92 9.98
CA ASP A 97 1.64 12.59 11.27
C ASP A 97 0.43 12.13 12.07
N GLU A 98 0.67 11.65 13.28
CA GLU A 98 -0.40 11.18 14.16
C GLU A 98 -1.55 12.20 14.22
N ALA A 99 -1.20 13.47 14.19
CA ALA A 99 -2.20 14.54 14.25
C ALA A 99 -2.97 14.64 12.94
N LYS A 100 -2.25 14.85 11.84
CA LYS A 100 -2.87 14.96 10.53
C LYS A 100 -3.66 13.70 10.19
N ALA A 101 -3.23 12.57 10.72
CA ALA A 101 -3.90 11.30 10.47
C ALA A 101 -5.28 11.27 11.13
N LYS A 102 -5.33 11.67 12.40
CA LYS A 102 -6.58 11.69 13.14
C LYS A 102 -7.56 12.67 12.52
N THR A 103 -7.07 13.85 12.17
CA THR A 103 -7.91 14.87 11.55
C THR A 103 -8.42 14.41 10.19
N ASP A 104 -7.52 13.80 9.41
CA ASP A 104 -7.89 13.31 8.08
C ASP A 104 -9.04 12.32 8.17
N SER A 105 -8.99 11.45 9.18
CA SER A 105 -10.03 10.46 9.38
C SER A 105 -11.29 11.11 9.94
N GLY A 106 -11.12 12.23 10.63
CA GLY A 106 -12.25 12.94 11.21
C GLY A 106 -13.08 13.66 10.16
N SER A 107 -12.44 14.00 9.04
CA SER A 107 -13.12 14.70 7.96
C SER A 107 -14.29 13.88 7.44
N GLU A 108 -15.18 14.53 6.69
CA GLU A 108 -16.35 13.87 6.13
C GLU A 108 -16.09 13.44 4.68
N ASP A 109 -15.22 14.18 4.00
CA ASP A 109 -14.90 13.87 2.61
C ASP A 109 -14.42 12.43 2.45
N PRO A 110 -14.69 11.82 1.30
CA PRO A 110 -14.29 10.43 1.02
C PRO A 110 -12.78 10.29 0.83
N ARG A 111 -12.19 11.23 0.10
CA ARG A 111 -10.76 11.21 -0.16
C ARG A 111 -9.97 11.45 1.12
N VAL A 112 -10.34 12.49 1.85
CA VAL A 112 -9.67 12.82 3.11
C VAL A 112 -9.86 11.72 4.14
N ALA A 113 -11.06 11.16 4.19
CA ALA A 113 -11.37 10.09 5.13
C ALA A 113 -10.53 8.85 4.84
N ALA A 114 -10.30 8.58 3.57
CA ALA A 114 -9.51 7.42 3.15
C ALA A 114 -8.03 7.62 3.48
N GLN A 115 -7.52 8.81 3.16
CA GLN A 115 -6.12 9.12 3.41
C GLN A 115 -5.83 9.06 4.90
N GLY A 116 -6.73 9.60 5.70
CA GLY A 116 -6.55 9.58 7.15
C GLY A 116 -6.46 8.19 7.70
N ARG A 117 -7.39 7.32 7.28
CA ARG A 117 -7.41 5.94 7.74
C ARG A 117 -6.19 5.18 7.22
N ALA A 118 -5.81 5.48 5.98
CA ALA A 118 -4.66 4.83 5.36
C ALA A 118 -3.37 5.24 6.07
N ARG A 119 -3.26 6.54 6.37
CA ARG A 119 -2.08 7.06 7.05
C ARG A 119 -1.99 6.51 8.47
N LEU A 120 -3.14 6.45 9.15
CA LEU A 120 -3.20 5.94 10.50
C LEU A 120 -2.71 4.50 10.57
N ARG A 121 -3.10 3.71 9.57
CA ARG A 121 -2.70 2.32 9.50
C ARG A 121 -1.19 2.18 9.44
N ALA A 122 -0.57 2.92 8.52
CA ALA A 122 0.88 2.89 8.36
C ALA A 122 1.57 3.27 9.66
N LEU A 123 0.92 4.13 10.44
CA LEU A 123 1.47 4.57 11.72
C LEU A 123 1.39 3.45 12.76
N GLY A 124 0.43 2.56 12.60
CA GLY A 124 0.26 1.46 13.53
C GLY A 124 -1.19 1.14 13.81
N GLN A 125 -2.10 2.02 13.39
CA GLN A 125 -3.52 1.82 13.60
C GLN A 125 -4.03 0.65 12.79
N THR A 126 -5.24 0.18 13.10
CA THR A 126 -5.85 -0.94 12.39
C THR A 126 -7.35 -0.74 12.24
N VAL A 127 -7.89 -1.17 11.10
CA VAL A 127 -9.32 -1.03 10.83
C VAL A 127 -9.74 0.43 10.85
N SER A 8 14.87 -15.63 -5.30
CA SER A 8 13.73 -14.99 -6.00
C SER A 8 13.15 -13.85 -5.18
N GLU A 9 12.69 -12.80 -5.86
CA GLU A 9 12.11 -11.65 -5.20
C GLU A 9 10.79 -11.24 -5.85
N ILE A 10 10.10 -10.29 -5.24
CA ILE A 10 8.83 -9.82 -5.77
C ILE A 10 8.97 -8.40 -6.29
N ASP A 11 8.72 -8.21 -7.58
CA ASP A 11 8.82 -6.89 -8.19
C ASP A 11 7.61 -6.05 -7.83
N VAL A 12 7.80 -5.09 -6.94
CA VAL A 12 6.72 -4.21 -6.51
C VAL A 12 6.99 -2.77 -6.90
N GLU A 13 6.17 -2.24 -7.80
CA GLU A 13 6.32 -0.86 -8.26
C GLU A 13 5.11 -0.04 -7.88
N ILE A 14 5.31 0.93 -6.98
CA ILE A 14 4.23 1.79 -6.53
C ILE A 14 4.10 3.01 -7.44
N VAL A 15 3.07 3.01 -8.28
CA VAL A 15 2.83 4.11 -9.19
C VAL A 15 1.54 4.86 -8.86
N ALA A 16 1.50 6.14 -9.19
CA ALA A 16 0.33 6.96 -8.95
C ALA A 16 -0.26 7.49 -10.25
N VAL A 17 -1.55 7.79 -10.23
CA VAL A 17 -2.23 8.30 -11.42
C VAL A 17 -1.55 9.56 -11.95
N GLU A 18 -0.83 10.27 -11.08
CA GLU A 18 -0.14 11.49 -11.47
C GLU A 18 1.34 11.25 -11.70
N ARG A 19 1.92 10.33 -10.94
CA ARG A 19 3.35 10.03 -11.06
C ARG A 19 3.73 8.78 -10.27
N GLU A 20 4.96 8.31 -10.49
CA GLU A 20 5.46 7.14 -9.80
C GLU A 20 6.20 7.55 -8.52
N ILE A 21 6.12 6.72 -7.50
CA ILE A 21 6.78 7.01 -6.23
C ILE A 21 7.98 6.10 -5.99
N TRP A 22 7.77 4.79 -6.07
CA TRP A 22 8.85 3.83 -5.84
C TRP A 22 8.78 2.68 -6.84
N SER A 23 9.90 1.96 -6.96
CA SER A 23 9.97 0.81 -7.88
C SER A 23 11.14 -0.10 -7.51
N GLY A 24 10.85 -1.39 -7.34
CA GLY A 24 11.89 -2.34 -6.98
C GLY A 24 11.31 -3.68 -6.57
N LYS A 25 12.19 -4.61 -6.20
CA LYS A 25 11.75 -5.94 -5.78
C LYS A 25 11.70 -6.05 -4.26
N ALA A 26 11.08 -7.11 -3.76
CA ALA A 26 10.94 -7.31 -2.32
C ALA A 26 11.03 -8.78 -1.94
N THR A 27 11.08 -9.04 -0.65
CA THR A 27 11.15 -10.41 -0.14
C THR A 27 9.75 -10.91 0.21
N PHE A 28 8.92 -10.00 0.70
CA PHE A 28 7.54 -10.31 1.07
C PHE A 28 6.70 -9.05 1.09
N VAL A 29 5.47 -9.15 0.62
CA VAL A 29 4.57 -8.00 0.59
C VAL A 29 3.16 -8.36 1.00
N PHE A 30 2.48 -7.42 1.64
CA PHE A 30 1.10 -7.63 2.10
C PHE A 30 0.26 -6.39 1.84
N THR A 31 -0.96 -6.59 1.35
CA THR A 31 -1.85 -5.47 1.07
C THR A 31 -3.28 -5.79 1.50
N ARG A 32 -4.11 -4.76 1.55
CA ARG A 32 -5.51 -4.93 1.95
C ARG A 32 -6.45 -4.61 0.79
N THR A 33 -7.31 -5.57 0.47
CA THR A 33 -8.27 -5.41 -0.62
C THR A 33 -9.69 -5.63 -0.13
N THR A 34 -10.65 -5.41 -1.03
CA THR A 34 -12.06 -5.59 -0.70
C THR A 34 -12.31 -6.96 -0.07
N SER A 35 -11.45 -7.92 -0.39
CA SER A 35 -11.58 -9.28 0.15
C SER A 35 -10.69 -9.48 1.37
N GLY A 36 -10.38 -8.38 2.05
CA GLY A 36 -9.54 -8.46 3.24
C GLY A 36 -8.06 -8.38 2.91
N GLU A 37 -7.22 -8.57 3.92
CA GLU A 37 -5.78 -8.52 3.73
C GLU A 37 -5.26 -9.82 3.11
N ILE A 38 -4.16 -9.73 2.39
CA ILE A 38 -3.57 -10.89 1.73
C ILE A 38 -2.06 -10.73 1.58
N GLY A 39 -1.34 -11.85 1.68
CA GLY A 39 0.10 -11.81 1.55
C GLY A 39 0.57 -12.39 0.23
N ILE A 40 1.62 -11.78 -0.34
CA ILE A 40 2.16 -12.24 -1.61
C ILE A 40 3.63 -12.62 -1.47
N LEU A 41 4.00 -13.76 -2.07
CA LEU A 41 5.37 -14.25 -2.02
C LEU A 41 5.96 -14.33 -3.43
N PRO A 42 7.29 -14.37 -3.55
CA PRO A 42 7.97 -14.44 -4.84
C PRO A 42 8.03 -15.87 -5.38
N HIS A 43 6.87 -16.51 -5.48
CA HIS A 43 6.77 -17.87 -5.99
C HIS A 43 5.32 -18.36 -5.97
N HIS A 44 4.41 -17.51 -6.43
CA HIS A 44 2.99 -17.86 -6.46
C HIS A 44 2.37 -17.50 -7.81
N ILE A 45 1.08 -17.79 -7.95
CA ILE A 45 0.37 -17.49 -9.19
C ILE A 45 -0.07 -16.03 -9.23
N PRO A 46 -0.29 -15.48 -10.44
CA PRO A 46 -0.71 -14.08 -10.60
C PRO A 46 -2.00 -13.77 -9.86
N LEU A 47 -2.33 -12.49 -9.73
CA LEU A 47 -3.53 -12.07 -9.04
C LEU A 47 -3.87 -10.62 -9.34
N VAL A 48 -5.16 -10.29 -9.29
CA VAL A 48 -5.63 -8.94 -9.55
C VAL A 48 -6.75 -8.56 -8.62
N ALA A 49 -6.49 -7.63 -7.71
CA ALA A 49 -7.48 -7.19 -6.74
C ALA A 49 -7.43 -5.68 -6.53
N GLN A 50 -8.53 -5.12 -6.04
CA GLN A 50 -8.61 -3.69 -5.78
C GLN A 50 -8.44 -3.40 -4.30
N LEU A 51 -7.46 -2.55 -3.98
CA LEU A 51 -7.19 -2.18 -2.59
C LEU A 51 -8.32 -1.32 -2.02
N VAL A 52 -8.53 -1.43 -0.72
CA VAL A 52 -9.57 -0.65 -0.05
C VAL A 52 -9.20 0.83 0.03
N ASP A 53 -10.14 1.64 0.49
CA ASP A 53 -9.91 3.07 0.62
C ASP A 53 -8.74 3.37 1.57
N ASP A 54 -8.73 2.68 2.71
CA ASP A 54 -7.67 2.87 3.69
C ASP A 54 -6.68 1.70 3.67
N ALA A 55 -6.43 1.18 2.47
CA ALA A 55 -5.51 0.06 2.31
C ALA A 55 -4.07 0.47 2.61
N ALA A 56 -3.33 -0.42 3.26
CA ALA A 56 -1.94 -0.16 3.60
C ALA A 56 -1.04 -1.29 3.10
N VAL A 57 -0.04 -0.93 2.33
CA VAL A 57 0.89 -1.93 1.77
C VAL A 57 2.18 -1.98 2.58
N LYS A 58 2.53 -3.19 3.02
CA LYS A 58 3.75 -3.40 3.80
C LYS A 58 4.73 -4.28 3.02
N ILE A 59 5.73 -3.65 2.42
CA ILE A 59 6.72 -4.37 1.63
C ILE A 59 7.99 -4.61 2.45
N GLU A 60 8.54 -5.82 2.34
CA GLU A 60 9.75 -6.18 3.05
C GLU A 60 10.94 -6.24 2.11
N ARG A 61 12.11 -5.85 2.61
CA ARG A 61 13.32 -5.86 1.80
C ARG A 61 14.37 -6.81 2.38
N GLU A 62 14.86 -7.72 1.55
CA GLU A 62 15.86 -8.68 1.98
C GLU A 62 17.13 -7.96 2.41
N GLY A 63 17.38 -7.95 3.72
CA GLY A 63 18.56 -7.30 4.25
C GLY A 63 18.30 -5.86 4.64
N SER A 64 17.19 -5.29 4.15
CA SER A 64 16.84 -3.91 4.47
C SER A 64 15.53 -3.85 5.23
N ASP A 65 15.20 -2.67 5.75
CA ASP A 65 13.97 -2.48 6.50
C ASP A 65 12.76 -2.41 5.57
N ASP A 66 11.67 -3.03 5.99
CA ASP A 66 10.44 -3.04 5.20
C ASP A 66 9.90 -1.62 5.02
N LEU A 67 9.29 -1.38 3.87
CA LEU A 67 8.73 -0.06 3.56
C LEU A 67 7.22 -0.06 3.77
N TRP A 68 6.76 0.73 4.74
CA TRP A 68 5.34 0.83 5.04
C TRP A 68 4.75 2.11 4.45
N TRP A 69 4.00 1.96 3.37
CA TRP A 69 3.38 3.10 2.72
C TRP A 69 1.86 2.92 2.61
N ALA A 70 1.14 4.04 2.55
CA ALA A 70 -0.31 3.99 2.44
C ALA A 70 -0.76 4.18 0.99
N ILE A 71 -1.88 3.56 0.64
CA ILE A 71 -2.41 3.66 -0.71
C ILE A 71 -3.81 4.24 -0.71
N ASP A 72 -4.09 5.10 -1.69
CA ASP A 72 -5.39 5.74 -1.81
C ASP A 72 -6.22 5.08 -2.93
N GLY A 73 -7.01 4.09 -2.57
CA GLY A 73 -7.84 3.40 -3.54
C GLY A 73 -7.03 2.87 -4.71
N GLY A 74 -5.99 2.10 -4.41
CA GLY A 74 -5.14 1.54 -5.45
C GLY A 74 -5.55 0.13 -5.85
N PHE A 75 -4.90 -0.40 -6.87
CA PHE A 75 -5.18 -1.74 -7.36
C PHE A 75 -3.91 -2.58 -7.39
N LEU A 76 -4.02 -3.82 -6.92
CA LEU A 76 -2.88 -4.72 -6.88
C LEU A 76 -2.91 -5.69 -8.05
N SER A 77 -1.82 -5.72 -8.80
CA SER A 77 -1.70 -6.61 -9.96
C SER A 77 -0.41 -7.41 -9.90
N ILE A 78 -0.54 -8.68 -9.50
CA ILE A 78 0.62 -9.56 -9.40
C ILE A 78 0.72 -10.48 -10.61
N THR A 79 1.81 -10.36 -11.36
CA THR A 79 2.03 -11.20 -12.54
C THR A 79 3.30 -12.01 -12.40
N ASP A 80 3.42 -13.05 -13.22
CA ASP A 80 4.59 -13.92 -13.19
C ASP A 80 5.86 -13.13 -13.52
N THR A 81 5.69 -11.98 -14.17
CA THR A 81 6.82 -11.14 -14.54
C THR A 81 7.14 -10.14 -13.43
N LYS A 82 6.13 -9.38 -13.01
CA LYS A 82 6.33 -8.38 -11.97
C LYS A 82 4.99 -7.93 -11.37
N VAL A 83 5.05 -7.36 -10.18
CA VAL A 83 3.86 -6.89 -9.49
C VAL A 83 3.80 -5.36 -9.48
N SER A 84 2.78 -4.80 -10.11
CA SER A 84 2.62 -3.35 -10.18
C SER A 84 1.39 -2.88 -9.39
N ILE A 85 1.54 -1.76 -8.69
CA ILE A 85 0.44 -1.21 -7.91
C ILE A 85 0.08 0.19 -8.39
N LEU A 86 -1.14 0.35 -8.89
CA LEU A 86 -1.60 1.64 -9.39
C LEU A 86 -2.69 2.21 -8.48
N ALA A 87 -2.45 3.41 -7.96
CA ALA A 87 -3.40 4.07 -7.08
C ALA A 87 -3.40 5.58 -7.28
N GLU A 88 -4.32 6.26 -6.62
CA GLU A 88 -4.42 7.71 -6.72
C GLU A 88 -3.16 8.38 -6.21
N SER A 89 -2.61 7.83 -5.12
CA SER A 89 -1.39 8.37 -4.53
C SER A 89 -0.88 7.45 -3.42
N ALA A 90 0.31 7.76 -2.92
CA ALA A 90 0.91 6.96 -1.86
C ALA A 90 1.73 7.82 -0.91
N GLN A 91 1.89 7.36 0.33
CA GLN A 91 2.65 8.09 1.33
C GLN A 91 3.55 7.16 2.12
N ALA A 92 4.58 7.71 2.75
CA ALA A 92 5.52 6.93 3.53
C ALA A 92 5.19 7.00 5.02
N ARG A 93 5.41 5.90 5.73
CA ARG A 93 5.13 5.84 7.16
C ARG A 93 5.95 6.87 7.92
N ALA A 94 7.14 7.18 7.40
CA ALA A 94 8.01 8.16 8.04
C ALA A 94 7.59 9.59 7.67
N ASP A 95 6.84 9.72 6.59
CA ASP A 95 6.39 11.04 6.13
C ASP A 95 5.04 11.39 6.75
N ILE A 96 4.28 10.38 7.17
CA ILE A 96 2.98 10.60 7.78
C ILE A 96 3.11 11.20 9.17
N ASP A 97 2.20 12.10 9.51
CA ASP A 97 2.20 12.76 10.82
C ASP A 97 1.02 12.29 11.65
N GLU A 98 1.30 11.79 12.85
CA GLU A 98 0.26 11.30 13.75
C GLU A 98 -0.91 12.29 13.84
N ALA A 99 -0.58 13.58 13.75
CA ALA A 99 -1.59 14.62 13.81
C ALA A 99 -2.37 14.73 12.50
N LYS A 100 -1.64 14.69 11.39
CA LYS A 100 -2.26 14.78 10.07
C LYS A 100 -3.12 13.55 9.79
N ALA A 101 -2.71 12.41 10.32
CA ALA A 101 -3.45 11.18 10.12
C ALA A 101 -4.76 11.20 10.89
N LYS A 102 -4.70 11.61 12.15
CA LYS A 102 -5.89 11.68 12.99
C LYS A 102 -6.89 12.69 12.44
N THR A 103 -6.36 13.82 11.96
CA THR A 103 -7.21 14.87 11.40
C THR A 103 -7.90 14.39 10.12
N ASP A 104 -7.13 13.75 9.25
CA ASP A 104 -7.67 13.24 7.99
C ASP A 104 -8.81 12.26 8.25
N SER A 105 -8.62 11.40 9.26
CA SER A 105 -9.63 10.42 9.62
C SER A 105 -10.80 11.10 10.33
N GLY A 106 -10.53 12.24 10.96
CA GLY A 106 -11.57 12.98 11.66
C GLY A 106 -12.55 13.62 10.71
N SER A 107 -12.09 13.94 9.51
CA SER A 107 -12.93 14.59 8.50
C SER A 107 -14.15 13.72 8.19
N GLU A 108 -15.24 14.36 7.80
CA GLU A 108 -16.48 13.66 7.47
C GLU A 108 -16.61 13.46 5.96
N ASP A 109 -15.48 13.39 5.29
CA ASP A 109 -15.47 13.20 3.83
C ASP A 109 -15.02 11.78 3.48
N PRO A 110 -15.50 11.25 2.34
CA PRO A 110 -15.14 9.90 1.89
C PRO A 110 -13.67 9.80 1.48
N ARG A 111 -13.23 10.77 0.68
CA ARG A 111 -11.85 10.79 0.21
C ARG A 111 -10.90 11.10 1.35
N VAL A 112 -11.22 12.13 2.13
CA VAL A 112 -10.39 12.52 3.26
C VAL A 112 -10.33 11.42 4.31
N ALA A 113 -11.48 10.84 4.63
CA ALA A 113 -11.55 9.77 5.62
C ALA A 113 -10.70 8.58 5.20
N ALA A 114 -10.64 8.33 3.89
CA ALA A 114 -9.86 7.22 3.35
C ALA A 114 -8.37 7.48 3.52
N GLN A 115 -7.94 8.67 3.12
CA GLN A 115 -6.53 9.04 3.22
C GLN A 115 -6.06 8.98 4.68
N GLY A 116 -6.84 9.57 5.56
CA GLY A 116 -6.49 9.56 6.97
C GLY A 116 -6.41 8.17 7.55
N ARG A 117 -7.38 7.32 7.18
CA ARG A 117 -7.41 5.95 7.67
C ARG A 117 -6.26 5.15 7.07
N ALA A 118 -5.91 5.45 5.83
CA ALA A 118 -4.82 4.75 5.15
C ALA A 118 -3.49 5.10 5.80
N ARG A 119 -3.28 6.39 6.07
CA ARG A 119 -2.04 6.85 6.68
C ARG A 119 -1.93 6.33 8.11
N LEU A 120 -3.05 6.32 8.82
CA LEU A 120 -3.09 5.84 10.20
C LEU A 120 -2.69 4.37 10.28
N ARG A 121 -3.16 3.59 9.31
CA ARG A 121 -2.85 2.17 9.26
C ARG A 121 -1.35 1.94 9.14
N ALA A 122 -0.74 2.58 8.15
CA ALA A 122 0.70 2.46 7.93
C ALA A 122 1.48 2.89 9.17
N LEU A 123 0.90 3.81 9.94
CA LEU A 123 1.55 4.31 11.14
C LEU A 123 1.49 3.26 12.27
N GLY A 124 0.48 2.40 12.21
CA GLY A 124 0.34 1.38 13.23
C GLY A 124 -1.12 1.05 13.53
N GLN A 125 -2.03 1.92 13.11
CA GLN A 125 -3.46 1.71 13.34
C GLN A 125 -3.96 0.49 12.58
N THR A 126 -5.11 -0.02 12.99
CA THR A 126 -5.71 -1.19 12.34
C THR A 126 -7.22 -1.01 12.18
N VAL A 127 -7.71 -1.25 10.96
CA VAL A 127 -9.14 -1.12 10.69
C VAL A 127 -9.91 -2.33 11.17
N SER A 8 14.70 -15.90 -5.31
CA SER A 8 13.92 -14.93 -6.13
C SER A 8 13.40 -13.77 -5.28
N GLU A 9 12.81 -12.78 -5.94
CA GLU A 9 12.27 -11.62 -5.25
C GLU A 9 10.96 -11.16 -5.89
N ILE A 10 10.32 -10.18 -5.25
CA ILE A 10 9.06 -9.66 -5.75
C ILE A 10 9.22 -8.24 -6.30
N ASP A 11 8.94 -8.07 -7.58
CA ASP A 11 9.05 -6.75 -8.20
C ASP A 11 7.83 -5.90 -7.86
N VAL A 12 8.02 -4.93 -6.98
CA VAL A 12 6.94 -4.05 -6.56
C VAL A 12 7.15 -2.63 -7.07
N GLU A 13 6.20 -2.14 -7.85
CA GLU A 13 6.28 -0.79 -8.40
C GLU A 13 5.06 0.03 -8.02
N ILE A 14 5.27 1.04 -7.19
CA ILE A 14 4.19 1.91 -6.75
C ILE A 14 4.05 3.11 -7.67
N VAL A 15 3.01 3.09 -8.50
CA VAL A 15 2.78 4.15 -9.45
C VAL A 15 1.49 4.92 -9.13
N ALA A 16 1.49 6.22 -9.39
CA ALA A 16 0.33 7.05 -9.14
C ALA A 16 -0.17 7.68 -10.43
N VAL A 17 -1.47 7.94 -10.51
CA VAL A 17 -2.06 8.55 -11.69
C VAL A 17 -1.36 9.85 -12.06
N GLU A 18 -0.72 10.47 -11.09
CA GLU A 18 -0.02 11.73 -11.32
C GLU A 18 1.50 11.53 -11.45
N ARG A 19 2.02 10.53 -10.76
CA ARG A 19 3.46 10.27 -10.80
C ARG A 19 3.82 8.96 -10.12
N GLU A 20 4.99 8.43 -10.46
CA GLU A 20 5.47 7.18 -9.87
C GLU A 20 6.14 7.46 -8.52
N ILE A 21 5.95 6.56 -7.57
CA ILE A 21 6.53 6.73 -6.24
C ILE A 21 7.77 5.86 -6.04
N TRP A 22 7.59 4.55 -6.08
CA TRP A 22 8.71 3.62 -5.87
C TRP A 22 8.64 2.44 -6.84
N SER A 23 9.76 1.74 -6.98
CA SER A 23 9.84 0.57 -7.86
C SER A 23 11.12 -0.21 -7.59
N GLY A 24 10.95 -1.46 -7.15
CA GLY A 24 12.10 -2.31 -6.88
C GLY A 24 11.70 -3.75 -6.55
N LYS A 25 12.62 -4.49 -5.95
CA LYS A 25 12.37 -5.87 -5.58
C LYS A 25 12.22 -6.02 -4.07
N ALA A 26 11.42 -7.00 -3.65
CA ALA A 26 11.20 -7.24 -2.23
C ALA A 26 11.26 -8.72 -1.89
N THR A 27 11.23 -9.03 -0.60
CA THR A 27 11.27 -10.41 -0.15
C THR A 27 9.86 -10.91 0.16
N PHE A 28 9.06 -10.04 0.77
CA PHE A 28 7.68 -10.36 1.11
C PHE A 28 6.86 -9.09 1.30
N VAL A 29 5.64 -9.10 0.80
CA VAL A 29 4.75 -7.95 0.91
C VAL A 29 3.30 -8.36 1.04
N PHE A 30 2.54 -7.61 1.82
CA PHE A 30 1.12 -7.89 2.02
C PHE A 30 0.27 -6.67 1.66
N THR A 31 -0.96 -6.92 1.22
CA THR A 31 -1.87 -5.85 0.83
C THR A 31 -3.27 -6.11 1.36
N ARG A 32 -4.08 -5.06 1.39
CA ARG A 32 -5.46 -5.17 1.86
C ARG A 32 -6.45 -4.72 0.79
N THR A 33 -7.40 -5.59 0.48
CA THR A 33 -8.42 -5.28 -0.52
C THR A 33 -9.81 -5.38 0.06
N THR A 34 -10.81 -4.98 -0.71
CA THR A 34 -12.21 -5.03 -0.27
C THR A 34 -12.59 -6.45 0.16
N SER A 35 -11.87 -7.44 -0.36
CA SER A 35 -12.14 -8.84 -0.03
C SER A 35 -11.22 -9.33 1.08
N GLY A 36 -10.74 -8.41 1.91
CA GLY A 36 -9.86 -8.78 3.00
C GLY A 36 -8.40 -8.56 2.67
N GLU A 37 -7.52 -9.03 3.55
CA GLU A 37 -6.08 -8.89 3.35
C GLU A 37 -5.52 -10.06 2.56
N ILE A 38 -4.36 -9.87 1.96
CA ILE A 38 -3.71 -10.92 1.17
C ILE A 38 -2.20 -10.77 1.18
N GLY A 39 -1.50 -11.90 1.16
CA GLY A 39 -0.05 -11.89 1.17
C GLY A 39 0.54 -12.12 -0.20
N ILE A 40 1.69 -11.53 -0.47
CA ILE A 40 2.36 -11.67 -1.76
C ILE A 40 3.75 -12.26 -1.60
N LEU A 41 4.00 -13.38 -2.28
CA LEU A 41 5.29 -14.05 -2.23
C LEU A 41 5.93 -14.12 -3.63
N PRO A 42 7.26 -14.13 -3.70
CA PRO A 42 7.98 -14.19 -4.97
C PRO A 42 7.99 -15.60 -5.56
N HIS A 43 6.79 -16.15 -5.77
CA HIS A 43 6.66 -17.50 -6.34
C HIS A 43 5.20 -17.95 -6.32
N HIS A 44 4.30 -17.02 -6.66
CA HIS A 44 2.87 -17.32 -6.68
C HIS A 44 2.30 -17.06 -8.08
N ILE A 45 0.97 -17.19 -8.19
CA ILE A 45 0.29 -16.99 -9.46
C ILE A 45 -0.25 -15.56 -9.56
N PRO A 46 -0.46 -15.07 -10.80
CA PRO A 46 -0.98 -13.71 -11.03
C PRO A 46 -2.36 -13.50 -10.39
N LEU A 47 -2.73 -12.23 -10.22
CA LEU A 47 -4.02 -11.90 -9.63
C LEU A 47 -4.27 -10.40 -9.69
N VAL A 48 -5.54 -10.02 -9.75
CA VAL A 48 -5.93 -8.62 -9.81
C VAL A 48 -7.01 -8.30 -8.78
N ALA A 49 -6.64 -7.51 -7.77
CA ALA A 49 -7.58 -7.14 -6.72
C ALA A 49 -7.59 -5.63 -6.51
N GLN A 50 -8.70 -5.13 -5.96
CA GLN A 50 -8.83 -3.70 -5.69
C GLN A 50 -8.59 -3.39 -4.23
N LEU A 51 -7.59 -2.56 -3.95
CA LEU A 51 -7.26 -2.19 -2.58
C LEU A 51 -8.36 -1.33 -1.97
N VAL A 52 -8.53 -1.46 -0.65
CA VAL A 52 -9.55 -0.69 0.06
C VAL A 52 -9.21 0.80 0.08
N ASP A 53 -10.14 1.60 0.57
CA ASP A 53 -9.94 3.04 0.66
C ASP A 53 -8.74 3.38 1.55
N ASP A 54 -8.68 2.71 2.70
CA ASP A 54 -7.59 2.94 3.64
C ASP A 54 -6.57 1.80 3.59
N ALA A 55 -6.36 1.27 2.39
CA ALA A 55 -5.42 0.16 2.20
C ALA A 55 -3.99 0.59 2.54
N ALA A 56 -3.19 -0.37 2.98
CA ALA A 56 -1.80 -0.12 3.32
C ALA A 56 -0.90 -1.25 2.85
N VAL A 57 0.14 -0.90 2.10
CA VAL A 57 1.07 -1.89 1.58
C VAL A 57 2.34 -1.97 2.42
N LYS A 58 2.63 -3.17 2.93
CA LYS A 58 3.81 -3.39 3.75
C LYS A 58 4.81 -4.27 3.02
N ILE A 59 5.84 -3.66 2.44
CA ILE A 59 6.85 -4.40 1.70
C ILE A 59 8.07 -4.68 2.57
N GLU A 60 8.64 -5.86 2.42
CA GLU A 60 9.83 -6.26 3.18
C GLU A 60 11.05 -6.34 2.27
N ARG A 61 12.21 -5.96 2.80
CA ARG A 61 13.45 -6.00 2.04
C ARG A 61 14.45 -6.96 2.66
N GLU A 62 14.98 -7.87 1.85
CA GLU A 62 15.95 -8.84 2.31
C GLU A 62 17.20 -8.14 2.83
N GLY A 63 17.37 -8.16 4.15
CA GLY A 63 18.52 -7.51 4.75
C GLY A 63 18.25 -6.07 5.14
N SER A 64 17.18 -5.49 4.59
CA SER A 64 16.83 -4.12 4.89
C SER A 64 15.50 -4.05 5.63
N ASP A 65 15.14 -2.86 6.09
CA ASP A 65 13.89 -2.66 6.82
C ASP A 65 12.71 -2.60 5.86
N ASP A 66 11.60 -3.23 6.25
CA ASP A 66 10.41 -3.24 5.43
C ASP A 66 9.85 -1.83 5.24
N LEU A 67 9.45 -1.52 4.01
CA LEU A 67 8.91 -0.21 3.70
C LEU A 67 7.41 -0.18 3.95
N TRP A 68 6.95 0.83 4.70
CA TRP A 68 5.53 0.97 5.00
C TRP A 68 4.95 2.21 4.34
N TRP A 69 4.17 2.00 3.28
CA TRP A 69 3.55 3.10 2.56
C TRP A 69 2.04 2.94 2.49
N ALA A 70 1.33 4.04 2.28
CA ALA A 70 -0.13 4.02 2.21
C ALA A 70 -0.60 4.19 0.77
N ILE A 71 -1.74 3.59 0.45
CA ILE A 71 -2.29 3.66 -0.90
C ILE A 71 -3.71 4.25 -0.87
N ASP A 72 -4.01 5.09 -1.86
CA ASP A 72 -5.32 5.72 -1.96
C ASP A 72 -6.13 5.11 -3.08
N GLY A 73 -6.93 4.10 -2.76
CA GLY A 73 -7.75 3.44 -3.76
C GLY A 73 -6.93 2.88 -4.90
N GLY A 74 -5.93 2.07 -4.57
CA GLY A 74 -5.07 1.50 -5.60
C GLY A 74 -5.47 0.08 -5.94
N PHE A 75 -4.91 -0.44 -7.03
CA PHE A 75 -5.20 -1.80 -7.48
C PHE A 75 -3.93 -2.65 -7.50
N LEU A 76 -4.03 -3.87 -6.98
CA LEU A 76 -2.89 -4.77 -6.94
C LEU A 76 -2.95 -5.78 -8.08
N SER A 77 -1.88 -5.85 -8.86
CA SER A 77 -1.80 -6.78 -9.97
C SER A 77 -0.53 -7.60 -9.91
N ILE A 78 -0.67 -8.90 -9.67
CA ILE A 78 0.47 -9.80 -9.59
C ILE A 78 0.66 -10.55 -10.90
N THR A 79 1.92 -10.78 -11.25
CA THR A 79 2.26 -11.49 -12.49
C THR A 79 3.15 -12.68 -12.20
N ASP A 80 3.48 -13.43 -13.25
CA ASP A 80 4.33 -14.61 -13.12
C ASP A 80 5.62 -14.28 -12.37
N THR A 81 6.09 -13.04 -12.51
CA THR A 81 7.32 -12.61 -11.85
C THR A 81 7.39 -11.09 -11.78
N LYS A 82 6.26 -10.46 -11.46
CA LYS A 82 6.20 -9.00 -11.36
C LYS A 82 4.96 -8.56 -10.61
N VAL A 83 5.08 -7.47 -9.85
CA VAL A 83 3.98 -6.94 -9.08
C VAL A 83 3.88 -5.42 -9.25
N SER A 84 2.80 -4.96 -9.86
CA SER A 84 2.59 -3.53 -10.09
C SER A 84 1.37 -3.03 -9.33
N ILE A 85 1.52 -1.86 -8.69
CA ILE A 85 0.44 -1.26 -7.92
C ILE A 85 0.10 0.13 -8.45
N LEU A 86 -1.11 0.29 -8.96
CA LEU A 86 -1.55 1.57 -9.50
C LEU A 86 -2.66 2.16 -8.63
N ALA A 87 -2.42 3.36 -8.10
CA ALA A 87 -3.39 4.03 -7.25
C ALA A 87 -3.40 5.53 -7.50
N GLU A 88 -4.34 6.22 -6.86
CA GLU A 88 -4.45 7.68 -7.00
C GLU A 88 -3.22 8.37 -6.44
N SER A 89 -2.70 7.83 -5.35
CA SER A 89 -1.51 8.40 -4.70
C SER A 89 -1.08 7.54 -3.53
N ALA A 90 0.09 7.85 -2.97
CA ALA A 90 0.63 7.12 -1.85
C ALA A 90 1.44 8.02 -0.92
N GLN A 91 1.71 7.53 0.29
CA GLN A 91 2.48 8.30 1.27
C GLN A 91 3.29 7.37 2.17
N ALA A 92 4.56 7.69 2.33
CA ALA A 92 5.45 6.89 3.16
C ALA A 92 5.15 7.09 4.64
N ARG A 93 5.48 6.09 5.45
CA ARG A 93 5.25 6.17 6.89
C ARG A 93 6.05 7.30 7.51
N ALA A 94 7.21 7.59 6.94
CA ALA A 94 8.07 8.66 7.44
C ALA A 94 7.52 10.03 7.08
N ASP A 95 6.71 10.09 6.03
CA ASP A 95 6.12 11.35 5.58
C ASP A 95 4.79 11.60 6.27
N ILE A 96 4.15 10.54 6.76
CA ILE A 96 2.87 10.66 7.45
C ILE A 96 3.05 11.28 8.84
N ASP A 97 1.99 11.92 9.32
CA ASP A 97 2.02 12.56 10.63
C ASP A 97 0.89 12.03 11.51
N GLU A 98 1.25 11.52 12.69
CA GLU A 98 0.27 10.97 13.62
C GLU A 98 -0.89 11.95 13.84
N ALA A 99 -0.59 13.24 13.76
CA ALA A 99 -1.61 14.27 13.94
C ALA A 99 -2.50 14.38 12.71
N LYS A 100 -1.89 14.57 11.56
CA LYS A 100 -2.63 14.70 10.30
C LYS A 100 -3.44 13.43 10.02
N ALA A 101 -2.90 12.29 10.45
CA ALA A 101 -3.57 11.02 10.24
C ALA A 101 -4.84 10.92 11.07
N LYS A 102 -4.74 11.27 12.36
CA LYS A 102 -5.89 11.22 13.26
C LYS A 102 -6.96 12.20 12.81
N THR A 103 -6.54 13.40 12.42
CA THR A 103 -7.48 14.42 11.97
C THR A 103 -8.11 14.03 10.64
N ASP A 104 -7.28 13.53 9.72
CA ASP A 104 -7.76 13.12 8.42
C ASP A 104 -8.80 12.01 8.57
N SER A 105 -8.57 11.11 9.52
CA SER A 105 -9.50 10.02 9.77
C SER A 105 -10.75 10.53 10.49
N GLY A 106 -10.60 11.62 11.22
CA GLY A 106 -11.72 12.20 11.94
C GLY A 106 -12.73 12.85 11.02
N SER A 107 -12.27 13.29 9.85
CA SER A 107 -13.15 13.92 8.88
C SER A 107 -14.32 13.02 8.52
N GLU A 108 -15.41 13.62 8.06
CA GLU A 108 -16.60 12.87 7.68
C GLU A 108 -16.57 12.51 6.20
N ASP A 109 -15.87 13.33 5.40
CA ASP A 109 -15.77 13.09 3.97
C ASP A 109 -15.19 11.71 3.68
N PRO A 110 -15.59 11.09 2.55
CA PRO A 110 -15.11 9.76 2.17
C PRO A 110 -13.63 9.78 1.77
N ARG A 111 -13.24 10.81 1.01
CA ARG A 111 -11.86 10.94 0.56
C ARG A 111 -10.92 11.21 1.73
N VAL A 112 -11.29 12.18 2.56
CA VAL A 112 -10.48 12.53 3.72
C VAL A 112 -10.43 11.38 4.72
N ALA A 113 -11.57 10.75 4.95
CA ALA A 113 -11.65 9.63 5.88
C ALA A 113 -10.81 8.45 5.40
N ALA A 114 -10.75 8.28 4.08
CA ALA A 114 -9.98 7.19 3.49
C ALA A 114 -8.48 7.48 3.57
N GLN A 115 -8.10 8.70 3.19
CA GLN A 115 -6.70 9.10 3.22
C GLN A 115 -6.15 9.03 4.65
N GLY A 116 -6.87 9.63 5.59
CA GLY A 116 -6.44 9.63 6.96
C GLY A 116 -6.35 8.22 7.52
N ARG A 117 -7.31 7.38 7.16
CA ARG A 117 -7.33 6.00 7.63
C ARG A 117 -6.18 5.20 7.02
N ALA A 118 -5.89 5.48 5.76
CA ALA A 118 -4.81 4.79 5.05
C ALA A 118 -3.46 5.16 5.66
N ARG A 119 -3.26 6.46 5.89
CA ARG A 119 -2.01 6.94 6.47
C ARG A 119 -1.83 6.38 7.87
N LEU A 120 -2.93 6.27 8.62
CA LEU A 120 -2.88 5.74 9.97
C LEU A 120 -2.36 4.31 9.97
N ARG A 121 -2.84 3.50 9.03
CA ARG A 121 -2.44 2.11 8.92
C ARG A 121 -0.92 2.01 8.73
N ALA A 122 -0.40 2.82 7.81
CA ALA A 122 1.02 2.83 7.52
C ALA A 122 1.82 3.24 8.75
N LEU A 123 1.22 4.10 9.57
CA LEU A 123 1.87 4.59 10.79
C LEU A 123 1.87 3.50 11.87
N GLY A 124 0.87 2.63 11.82
CA GLY A 124 0.77 1.56 12.80
C GLY A 124 -0.58 1.54 13.50
N GLN A 125 -1.63 1.93 12.78
CA GLN A 125 -2.97 1.94 13.35
C GLN A 125 -3.84 0.87 12.71
N THR A 126 -5.05 0.69 13.25
CA THR A 126 -5.97 -0.31 12.74
C THR A 126 -7.39 0.23 12.68
N VAL A 127 -8.01 0.14 11.51
CA VAL A 127 -9.37 0.63 11.33
C VAL A 127 -9.48 2.12 11.65
N SER A 8 14.46 -15.93 -5.06
CA SER A 8 13.76 -14.96 -5.92
C SER A 8 13.14 -13.82 -5.10
N GLU A 9 12.73 -12.77 -5.78
CA GLU A 9 12.13 -11.61 -5.11
C GLU A 9 10.83 -11.20 -5.80
N ILE A 10 10.13 -10.25 -5.20
CA ILE A 10 8.88 -9.76 -5.75
C ILE A 10 9.01 -8.35 -6.29
N ASP A 11 8.75 -8.18 -7.58
CA ASP A 11 8.84 -6.87 -8.21
C ASP A 11 7.64 -6.03 -7.84
N VAL A 12 7.84 -5.05 -6.96
CA VAL A 12 6.76 -4.18 -6.52
C VAL A 12 7.01 -2.74 -6.96
N GLU A 13 6.15 -2.24 -7.84
CA GLU A 13 6.27 -0.88 -8.35
C GLU A 13 5.03 -0.07 -8.01
N ILE A 14 5.20 0.91 -7.13
CA ILE A 14 4.09 1.77 -6.73
C ILE A 14 3.96 2.96 -7.67
N VAL A 15 2.95 2.92 -8.53
CA VAL A 15 2.73 3.98 -9.50
C VAL A 15 1.44 4.75 -9.19
N ALA A 16 1.50 6.07 -9.35
CA ALA A 16 0.35 6.92 -9.09
C ALA A 16 -0.17 7.53 -10.39
N VAL A 17 -1.42 7.96 -10.37
CA VAL A 17 -2.03 8.57 -11.55
C VAL A 17 -1.24 9.78 -12.03
N GLU A 18 -0.47 10.39 -11.13
CA GLU A 18 0.32 11.56 -11.47
C GLU A 18 1.80 11.21 -11.65
N ARG A 19 2.27 10.25 -10.86
CA ARG A 19 3.68 9.85 -10.93
C ARG A 19 3.95 8.58 -10.12
N GLU A 20 5.15 8.03 -10.27
CA GLU A 20 5.55 6.84 -9.54
C GLU A 20 6.23 7.21 -8.23
N ILE A 21 6.05 6.38 -7.21
CA ILE A 21 6.65 6.64 -5.91
C ILE A 21 7.75 5.63 -5.59
N TRP A 22 7.51 4.36 -5.90
CA TRP A 22 8.50 3.33 -5.62
C TRP A 22 8.60 2.32 -6.76
N SER A 23 9.69 1.56 -6.76
CA SER A 23 9.93 0.55 -7.79
C SER A 23 11.15 -0.30 -7.45
N GLY A 24 10.93 -1.60 -7.25
CA GLY A 24 12.02 -2.50 -6.91
C GLY A 24 11.54 -3.86 -6.47
N LYS A 25 12.48 -4.73 -6.11
CA LYS A 25 12.14 -6.09 -5.68
C LYS A 25 11.95 -6.14 -4.16
N ALA A 26 11.14 -7.09 -3.69
CA ALA A 26 10.88 -7.24 -2.27
C ALA A 26 10.91 -8.71 -1.86
N THR A 27 10.86 -8.94 -0.55
CA THR A 27 10.87 -10.30 -0.03
C THR A 27 9.44 -10.78 0.24
N PHE A 28 8.61 -9.85 0.71
CA PHE A 28 7.21 -10.16 1.01
C PHE A 28 6.38 -8.88 1.01
N VAL A 29 5.16 -8.96 0.49
CA VAL A 29 4.28 -7.80 0.43
C VAL A 29 2.91 -8.11 1.03
N PHE A 30 2.32 -7.10 1.68
CA PHE A 30 1.02 -7.25 2.31
C PHE A 30 0.16 -6.01 2.05
N THR A 31 -1.00 -6.21 1.43
CA THR A 31 -1.91 -5.11 1.13
C THR A 31 -3.33 -5.44 1.57
N ARG A 32 -4.19 -4.42 1.59
CA ARG A 32 -5.57 -4.61 1.99
C ARG A 32 -6.51 -4.40 0.79
N THR A 33 -7.42 -5.34 0.61
CA THR A 33 -8.38 -5.27 -0.49
C THR A 33 -9.79 -5.52 0.01
N THR A 34 -10.76 -5.38 -0.90
CA THR A 34 -12.17 -5.58 -0.57
C THR A 34 -12.37 -6.92 0.14
N SER A 35 -11.49 -7.88 -0.13
CA SER A 35 -11.58 -9.20 0.49
C SER A 35 -10.66 -9.30 1.70
N GLY A 36 -10.36 -8.16 2.32
CA GLY A 36 -9.50 -8.16 3.49
C GLY A 36 -8.03 -8.06 3.12
N GLU A 37 -7.17 -8.23 4.12
CA GLU A 37 -5.72 -8.17 3.91
C GLU A 37 -5.23 -9.40 3.16
N ILE A 38 -4.15 -9.23 2.40
CA ILE A 38 -3.57 -10.33 1.62
C ILE A 38 -2.08 -10.14 1.44
N GLY A 39 -1.35 -11.25 1.43
CA GLY A 39 0.09 -11.21 1.26
C GLY A 39 0.55 -11.94 0.02
N ILE A 40 1.61 -11.44 -0.61
CA ILE A 40 2.14 -12.06 -1.82
C ILE A 40 3.59 -12.49 -1.63
N LEU A 41 3.94 -13.65 -2.18
CA LEU A 41 5.29 -14.17 -2.08
C LEU A 41 5.92 -14.28 -3.47
N PRO A 42 7.27 -14.26 -3.54
CA PRO A 42 7.98 -14.36 -4.82
C PRO A 42 8.02 -15.78 -5.36
N HIS A 43 6.85 -16.37 -5.56
CA HIS A 43 6.75 -17.74 -6.07
C HIS A 43 5.29 -18.18 -6.12
N HIS A 44 4.41 -17.28 -6.53
CA HIS A 44 2.99 -17.58 -6.62
C HIS A 44 2.45 -17.29 -8.02
N ILE A 45 1.14 -17.44 -8.19
CA ILE A 45 0.50 -17.19 -9.48
C ILE A 45 -0.06 -15.78 -9.55
N PRO A 46 -0.25 -15.25 -10.77
CA PRO A 46 -0.79 -13.89 -10.97
C PRO A 46 -2.12 -13.68 -10.24
N LEU A 47 -2.55 -12.43 -10.16
CA LEU A 47 -3.80 -12.10 -9.48
C LEU A 47 -4.15 -10.62 -9.66
N VAL A 48 -5.44 -10.32 -9.64
CA VAL A 48 -5.90 -8.94 -9.79
C VAL A 48 -6.97 -8.62 -8.77
N ALA A 49 -6.65 -7.75 -7.82
CA ALA A 49 -7.58 -7.35 -6.78
C ALA A 49 -7.60 -5.84 -6.59
N GLN A 50 -8.70 -5.32 -6.05
CA GLN A 50 -8.85 -3.90 -5.82
C GLN A 50 -8.61 -3.56 -4.35
N LEU A 51 -7.70 -2.62 -4.11
CA LEU A 51 -7.38 -2.21 -2.75
C LEU A 51 -8.47 -1.29 -2.19
N VAL A 52 -8.61 -1.28 -0.87
CA VAL A 52 -9.61 -0.45 -0.21
C VAL A 52 -9.18 1.01 -0.21
N ASP A 53 -10.07 1.89 0.24
CA ASP A 53 -9.79 3.32 0.30
C ASP A 53 -8.59 3.61 1.18
N ASP A 54 -8.55 2.98 2.34
CA ASP A 54 -7.45 3.17 3.28
C ASP A 54 -6.50 1.97 3.28
N ALA A 55 -6.31 1.39 2.11
CA ALA A 55 -5.43 0.23 1.96
C ALA A 55 -3.99 0.59 2.27
N ALA A 56 -3.31 -0.28 3.02
CA ALA A 56 -1.91 -0.07 3.39
C ALA A 56 -1.02 -1.16 2.80
N VAL A 57 -0.01 -0.75 2.06
CA VAL A 57 0.92 -1.70 1.44
C VAL A 57 2.22 -1.79 2.23
N LYS A 58 2.49 -2.96 2.77
CA LYS A 58 3.73 -3.19 3.53
C LYS A 58 4.71 -4.04 2.73
N ILE A 59 5.70 -3.39 2.13
CA ILE A 59 6.70 -4.09 1.33
C ILE A 59 7.94 -4.40 2.16
N GLU A 60 8.34 -5.67 2.17
CA GLU A 60 9.51 -6.10 2.92
C GLU A 60 10.75 -6.08 2.02
N ARG A 61 11.92 -5.97 2.63
CA ARG A 61 13.18 -5.94 1.88
C ARG A 61 14.20 -6.88 2.50
N GLU A 62 14.76 -7.76 1.68
CA GLU A 62 15.75 -8.71 2.15
C GLU A 62 17.00 -7.99 2.65
N GLY A 63 17.17 -7.99 3.97
CA GLY A 63 18.32 -7.33 4.57
C GLY A 63 18.03 -5.89 4.95
N SER A 64 16.95 -5.34 4.40
CA SER A 64 16.57 -3.96 4.69
C SER A 64 15.24 -3.91 5.44
N ASP A 65 14.86 -2.71 5.89
CA ASP A 65 13.62 -2.53 6.61
C ASP A 65 12.43 -2.39 5.65
N ASP A 66 11.31 -3.00 6.01
CA ASP A 66 10.11 -2.94 5.19
C ASP A 66 9.65 -1.50 4.99
N LEU A 67 9.20 -1.18 3.79
CA LEU A 67 8.72 0.16 3.47
C LEU A 67 7.23 0.28 3.73
N TRP A 68 6.85 1.13 4.68
CA TRP A 68 5.45 1.33 5.01
C TRP A 68 4.86 2.48 4.20
N TRP A 69 4.03 2.14 3.21
CA TRP A 69 3.40 3.13 2.36
C TRP A 69 1.89 2.99 2.38
N ALA A 70 1.19 4.12 2.26
CA ALA A 70 -0.27 4.11 2.27
C ALA A 70 -0.82 4.35 0.87
N ILE A 71 -1.58 3.40 0.37
CA ILE A 71 -2.18 3.50 -0.96
C ILE A 71 -3.57 4.10 -0.89
N ASP A 72 -3.89 4.97 -1.85
CA ASP A 72 -5.20 5.62 -1.89
C ASP A 72 -6.05 5.04 -3.01
N GLY A 73 -6.84 4.02 -2.68
CA GLY A 73 -7.70 3.39 -3.67
C GLY A 73 -6.91 2.86 -4.86
N GLY A 74 -5.90 2.03 -4.58
CA GLY A 74 -5.09 1.48 -5.65
C GLY A 74 -5.50 0.07 -6.02
N PHE A 75 -4.92 -0.47 -7.09
CA PHE A 75 -5.23 -1.81 -7.54
C PHE A 75 -3.97 -2.67 -7.58
N LEU A 76 -4.07 -3.90 -7.07
CA LEU A 76 -2.94 -4.81 -7.04
C LEU A 76 -3.02 -5.81 -8.19
N SER A 77 -1.96 -5.86 -8.99
CA SER A 77 -1.90 -6.77 -10.12
C SER A 77 -0.61 -7.60 -10.09
N ILE A 78 -0.72 -8.85 -9.68
CA ILE A 78 0.42 -9.74 -9.60
C ILE A 78 0.58 -10.55 -10.89
N THR A 79 1.82 -10.64 -11.37
CA THR A 79 2.11 -11.37 -12.59
C THR A 79 3.04 -12.54 -12.31
N ASP A 80 3.31 -13.33 -13.34
CA ASP A 80 4.19 -14.50 -13.22
C ASP A 80 5.48 -14.15 -12.50
N THR A 81 5.91 -12.89 -12.63
CA THR A 81 7.14 -12.44 -11.99
C THR A 81 7.21 -10.91 -11.96
N LYS A 82 6.08 -10.28 -11.70
CA LYS A 82 6.01 -8.82 -11.64
C LYS A 82 4.74 -8.35 -10.94
N VAL A 83 4.90 -7.45 -9.99
CA VAL A 83 3.77 -6.92 -9.24
C VAL A 83 3.70 -5.40 -9.34
N SER A 84 2.69 -4.89 -10.04
CA SER A 84 2.52 -3.46 -10.20
C SER A 84 1.28 -2.97 -9.46
N ILE A 85 1.40 -1.82 -8.80
CA ILE A 85 0.29 -1.25 -8.05
C ILE A 85 -0.05 0.15 -8.56
N LEU A 86 -1.27 0.32 -9.06
CA LEU A 86 -1.72 1.61 -9.56
C LEU A 86 -2.79 2.21 -8.65
N ALA A 87 -2.50 3.41 -8.13
CA ALA A 87 -3.44 4.08 -7.23
C ALA A 87 -3.40 5.59 -7.45
N GLU A 88 -4.29 6.29 -6.76
CA GLU A 88 -4.37 7.74 -6.86
C GLU A 88 -3.08 8.40 -6.37
N SER A 89 -2.57 7.90 -5.24
CA SER A 89 -1.33 8.44 -4.67
C SER A 89 -0.83 7.55 -3.53
N ALA A 90 0.43 7.73 -3.17
CA ALA A 90 1.03 6.94 -2.10
C ALA A 90 1.87 7.83 -1.18
N GLN A 91 1.82 7.54 0.12
CA GLN A 91 2.57 8.30 1.11
C GLN A 91 3.49 7.41 1.92
N ALA A 92 4.50 8.00 2.53
CA ALA A 92 5.45 7.25 3.35
C ALA A 92 5.14 7.40 4.84
N ARG A 93 5.48 6.37 5.61
CA ARG A 93 5.23 6.38 7.04
C ARG A 93 5.96 7.55 7.71
N ALA A 94 7.16 7.83 7.23
CA ALA A 94 7.97 8.92 7.77
C ALA A 94 7.38 10.27 7.42
N ASP A 95 6.61 10.32 6.34
CA ASP A 95 5.99 11.56 5.89
C ASP A 95 4.64 11.78 6.56
N ILE A 96 4.04 10.70 7.05
CA ILE A 96 2.74 10.78 7.71
C ILE A 96 2.89 11.35 9.11
N ASP A 97 1.83 12.01 9.59
CA ASP A 97 1.83 12.61 10.92
C ASP A 97 0.72 12.01 11.78
N GLU A 98 1.10 11.49 12.94
CA GLU A 98 0.13 10.87 13.85
C GLU A 98 -1.06 11.79 14.08
N ALA A 99 -0.82 13.09 14.11
CA ALA A 99 -1.88 14.07 14.32
C ALA A 99 -2.75 14.20 13.08
N LYS A 100 -2.14 14.56 11.95
CA LYS A 100 -2.86 14.72 10.70
C LYS A 100 -3.59 13.44 10.32
N ALA A 101 -3.04 12.30 10.74
CA ALA A 101 -3.63 11.01 10.44
C ALA A 101 -4.94 10.82 11.19
N LYS A 102 -4.92 11.08 12.48
CA LYS A 102 -6.11 10.95 13.32
C LYS A 102 -7.19 11.96 12.89
N THR A 103 -6.76 13.17 12.57
CA THR A 103 -7.68 14.22 12.15
C THR A 103 -8.27 13.90 10.79
N ASP A 104 -7.43 13.41 9.88
CA ASP A 104 -7.87 13.06 8.53
C ASP A 104 -8.97 12.00 8.59
N SER A 105 -8.82 11.07 9.52
CA SER A 105 -9.79 10.00 9.69
C SER A 105 -11.06 10.53 10.35
N GLY A 106 -10.90 11.59 11.14
CA GLY A 106 -12.03 12.19 11.82
C GLY A 106 -12.98 12.89 10.87
N SER A 107 -12.45 13.35 9.74
CA SER A 107 -13.25 14.05 8.74
C SER A 107 -14.40 13.17 8.27
N GLU A 108 -15.37 13.79 7.61
CA GLU A 108 -16.53 13.06 7.10
C GLU A 108 -16.36 12.72 5.62
N ASP A 109 -15.58 13.54 4.92
CA ASP A 109 -15.33 13.33 3.50
C ASP A 109 -14.77 11.93 3.24
N PRO A 110 -15.08 11.35 2.06
CA PRO A 110 -14.62 10.01 1.70
C PRO A 110 -13.11 9.99 1.42
N ARG A 111 -12.64 10.96 0.65
CA ARG A 111 -11.23 11.05 0.31
C ARG A 111 -10.39 11.33 1.55
N VAL A 112 -10.84 12.27 2.37
CA VAL A 112 -10.13 12.62 3.60
C VAL A 112 -10.15 11.48 4.60
N ALA A 113 -11.33 10.86 4.75
CA ALA A 113 -11.49 9.76 5.68
C ALA A 113 -10.65 8.55 5.24
N ALA A 114 -10.51 8.38 3.94
CA ALA A 114 -9.74 7.27 3.39
C ALA A 114 -8.24 7.50 3.58
N GLN A 115 -7.80 8.73 3.30
CA GLN A 115 -6.40 9.09 3.43
C GLN A 115 -5.95 8.97 4.89
N GLY A 116 -6.77 9.48 5.79
CA GLY A 116 -6.45 9.42 7.21
C GLY A 116 -6.34 8.00 7.71
N ARG A 117 -7.26 7.15 7.28
CA ARG A 117 -7.25 5.75 7.70
C ARG A 117 -6.06 5.01 7.09
N ALA A 118 -5.76 5.32 5.83
CA ALA A 118 -4.65 4.70 5.14
C ALA A 118 -3.31 5.15 5.75
N ARG A 119 -3.22 6.44 6.03
CA ARG A 119 -2.01 7.01 6.62
C ARG A 119 -1.81 6.49 8.03
N LEU A 120 -2.92 6.34 8.77
CA LEU A 120 -2.87 5.85 10.13
C LEU A 120 -2.31 4.44 10.18
N ARG A 121 -2.76 3.61 9.25
CA ARG A 121 -2.31 2.21 9.17
C ARG A 121 -0.80 2.16 9.00
N ALA A 122 -0.29 2.90 8.00
CA ALA A 122 1.14 2.94 7.73
C ALA A 122 1.91 3.45 8.95
N LEU A 123 1.25 4.26 9.77
CA LEU A 123 1.87 4.81 10.96
C LEU A 123 1.99 3.76 12.05
N GLY A 124 1.06 2.80 12.05
CA GLY A 124 1.07 1.76 13.06
C GLY A 124 -0.32 1.23 13.37
N GLN A 125 -1.35 1.97 13.00
CA GLN A 125 -2.72 1.56 13.26
C GLN A 125 -3.07 0.32 12.45
N THR A 126 -4.14 -0.36 12.86
CA THR A 126 -4.58 -1.58 12.19
C THR A 126 -6.09 -1.75 12.30
N VAL A 127 -6.74 -2.04 11.17
CA VAL A 127 -8.18 -2.23 11.14
C VAL A 127 -8.92 -1.19 11.97
N SER A 8 14.38 -16.13 -5.24
CA SER A 8 13.61 -15.17 -6.08
C SER A 8 13.04 -14.03 -5.24
N GLU A 9 12.75 -12.92 -5.90
CA GLU A 9 12.19 -11.75 -5.22
C GLU A 9 10.89 -11.31 -5.87
N ILE A 10 10.24 -10.33 -5.25
CA ILE A 10 8.97 -9.81 -5.76
C ILE A 10 9.14 -8.40 -6.31
N ASP A 11 8.85 -8.23 -7.59
CA ASP A 11 8.95 -6.92 -8.22
C ASP A 11 7.74 -6.07 -7.86
N VAL A 12 7.94 -5.10 -6.98
CA VAL A 12 6.86 -4.22 -6.56
C VAL A 12 7.10 -2.78 -7.02
N GLU A 13 6.21 -2.30 -7.87
CA GLU A 13 6.32 -0.94 -8.39
C GLU A 13 5.08 -0.12 -8.04
N ILE A 14 5.26 0.87 -7.17
CA ILE A 14 4.17 1.73 -6.76
C ILE A 14 4.05 2.94 -7.66
N VAL A 15 3.05 2.93 -8.53
CA VAL A 15 2.83 4.03 -9.47
C VAL A 15 1.55 4.78 -9.14
N ALA A 16 1.60 6.11 -9.27
CA ALA A 16 0.45 6.96 -9.00
C ALA A 16 -0.07 7.59 -10.28
N VAL A 17 -1.33 8.00 -10.26
CA VAL A 17 -1.94 8.63 -11.43
C VAL A 17 -1.15 9.85 -11.89
N GLU A 18 -0.39 10.44 -10.96
CA GLU A 18 0.39 11.64 -11.28
C GLU A 18 1.88 11.29 -11.46
N ARG A 19 2.36 10.31 -10.70
CA ARG A 19 3.76 9.93 -10.78
C ARG A 19 4.04 8.64 -10.00
N GLU A 20 5.24 8.12 -10.15
CA GLU A 20 5.65 6.91 -9.46
C GLU A 20 6.33 7.26 -8.14
N ILE A 21 6.16 6.41 -7.13
CA ILE A 21 6.75 6.64 -5.82
C ILE A 21 7.85 5.61 -5.51
N TRP A 22 7.58 4.35 -5.83
CA TRP A 22 8.55 3.29 -5.56
C TRP A 22 8.64 2.30 -6.71
N SER A 23 9.74 1.55 -6.76
CA SER A 23 9.94 0.54 -7.80
C SER A 23 11.18 -0.30 -7.51
N GLY A 24 10.97 -1.60 -7.32
CA GLY A 24 12.08 -2.50 -7.03
C GLY A 24 11.62 -3.88 -6.65
N LYS A 25 12.53 -4.68 -6.10
CA LYS A 25 12.22 -6.04 -5.69
C LYS A 25 12.04 -6.14 -4.17
N ALA A 26 11.27 -7.12 -3.73
CA ALA A 26 11.02 -7.30 -2.31
C ALA A 26 11.09 -8.78 -1.92
N THR A 27 11.04 -9.05 -0.61
CA THR A 27 11.10 -10.41 -0.11
C THR A 27 9.70 -10.88 0.28
N PHE A 28 8.93 -9.97 0.87
CA PHE A 28 7.57 -10.26 1.30
C PHE A 28 6.76 -8.97 1.44
N VAL A 29 5.50 -9.02 1.02
CA VAL A 29 4.64 -7.85 1.10
C VAL A 29 3.19 -8.23 1.38
N PHE A 30 2.48 -7.34 2.05
CA PHE A 30 1.08 -7.58 2.38
C PHE A 30 0.23 -6.36 2.03
N THR A 31 -0.99 -6.60 1.55
CA THR A 31 -1.89 -5.51 1.17
C THR A 31 -3.32 -5.83 1.60
N ARG A 32 -4.15 -4.79 1.63
CA ARG A 32 -5.55 -4.96 2.02
C ARG A 32 -6.48 -4.63 0.86
N THR A 33 -7.39 -5.55 0.57
CA THR A 33 -8.33 -5.37 -0.52
C THR A 33 -9.77 -5.55 -0.04
N THR A 34 -10.72 -5.30 -0.93
CA THR A 34 -12.14 -5.44 -0.60
C THR A 34 -12.44 -6.81 -0.01
N SER A 35 -11.61 -7.79 -0.34
CA SER A 35 -11.79 -9.15 0.15
C SER A 35 -10.91 -9.42 1.37
N GLY A 36 -10.55 -8.36 2.08
CA GLY A 36 -9.72 -8.50 3.26
C GLY A 36 -8.24 -8.37 2.94
N GLU A 37 -7.40 -8.70 3.92
CA GLU A 37 -5.95 -8.61 3.74
C GLU A 37 -5.41 -9.85 3.03
N ILE A 38 -4.28 -9.70 2.35
CA ILE A 38 -3.67 -10.81 1.63
C ILE A 38 -2.15 -10.65 1.56
N GLY A 39 -1.44 -11.76 1.59
CA GLY A 39 0.01 -11.72 1.52
C GLY A 39 0.54 -12.13 0.17
N ILE A 40 1.62 -11.49 -0.26
CA ILE A 40 2.22 -11.79 -1.55
C ILE A 40 3.68 -12.23 -1.39
N LEU A 41 4.01 -13.40 -1.96
CA LEU A 41 5.36 -13.93 -1.89
C LEU A 41 5.94 -14.12 -3.29
N PRO A 42 7.28 -14.18 -3.40
CA PRO A 42 7.95 -14.35 -4.70
C PRO A 42 7.92 -15.79 -5.18
N HIS A 43 6.72 -16.36 -5.28
CA HIS A 43 6.56 -17.74 -5.74
C HIS A 43 5.09 -18.15 -5.71
N HIS A 44 4.32 -17.61 -6.65
CA HIS A 44 2.89 -17.92 -6.73
C HIS A 44 2.35 -17.62 -8.13
N ILE A 45 1.04 -17.75 -8.29
CA ILE A 45 0.39 -17.50 -9.57
C ILE A 45 -0.14 -16.07 -9.64
N PRO A 46 -0.38 -15.56 -10.86
CA PRO A 46 -0.89 -14.20 -11.07
C PRO A 46 -2.14 -13.92 -10.24
N LEU A 47 -2.44 -12.65 -10.04
CA LEU A 47 -3.61 -12.24 -9.27
C LEU A 47 -3.99 -10.79 -9.54
N VAL A 48 -5.27 -10.49 -9.41
CA VAL A 48 -5.76 -9.13 -9.64
C VAL A 48 -6.85 -8.77 -8.64
N ALA A 49 -6.53 -7.84 -7.74
CA ALA A 49 -7.49 -7.41 -6.74
C ALA A 49 -7.46 -5.89 -6.54
N GLN A 50 -8.56 -5.34 -6.04
CA GLN A 50 -8.65 -3.90 -5.81
C GLN A 50 -8.45 -3.57 -4.34
N LEU A 51 -7.50 -2.68 -4.06
CA LEU A 51 -7.20 -2.27 -2.70
C LEU A 51 -8.30 -1.37 -2.14
N VAL A 52 -8.46 -1.39 -0.82
CA VAL A 52 -9.48 -0.57 -0.17
C VAL A 52 -9.07 0.91 -0.17
N ASP A 53 -9.98 1.76 0.27
CA ASP A 53 -9.72 3.20 0.32
C ASP A 53 -8.55 3.52 1.24
N ASP A 54 -8.53 2.88 2.41
CA ASP A 54 -7.45 3.08 3.37
C ASP A 54 -6.47 1.92 3.36
N ALA A 55 -6.24 1.37 2.18
CA ALA A 55 -5.33 0.23 2.02
C ALA A 55 -3.89 0.65 2.29
N ALA A 56 -3.16 -0.21 2.99
CA ALA A 56 -1.75 0.06 3.31
C ALA A 56 -0.87 -1.09 2.83
N VAL A 57 0.12 -0.76 2.02
CA VAL A 57 1.03 -1.78 1.50
C VAL A 57 2.34 -1.82 2.28
N LYS A 58 2.62 -2.97 2.89
CA LYS A 58 3.85 -3.14 3.67
C LYS A 58 4.82 -4.08 2.94
N ILE A 59 5.81 -3.49 2.29
CA ILE A 59 6.80 -4.27 1.56
C ILE A 59 8.02 -4.57 2.42
N GLU A 60 8.60 -5.75 2.21
CA GLU A 60 9.77 -6.18 2.96
C GLU A 60 10.98 -6.34 2.03
N ARG A 61 12.17 -6.07 2.55
CA ARG A 61 13.39 -6.19 1.77
C ARG A 61 14.42 -7.06 2.49
N GLU A 62 14.99 -8.02 1.76
CA GLU A 62 15.99 -8.91 2.33
C GLU A 62 17.18 -8.11 2.87
N GLY A 63 17.27 -8.05 4.19
CA GLY A 63 18.35 -7.31 4.82
C GLY A 63 17.99 -5.87 5.11
N SER A 64 16.92 -5.39 4.47
CA SER A 64 16.46 -4.02 4.67
C SER A 64 15.12 -3.99 5.38
N ASP A 65 14.89 -2.94 6.17
CA ASP A 65 13.65 -2.80 6.91
C ASP A 65 12.47 -2.63 5.97
N ASP A 66 11.35 -3.26 6.29
CA ASP A 66 10.15 -3.18 5.47
C ASP A 66 9.68 -1.73 5.32
N LEU A 67 9.13 -1.40 4.16
CA LEU A 67 8.65 -0.06 3.90
C LEU A 67 7.15 0.03 4.08
N TRP A 68 6.71 1.02 4.87
CA TRP A 68 5.29 1.21 5.14
C TRP A 68 4.75 2.41 4.37
N TRP A 69 4.01 2.15 3.31
CA TRP A 69 3.43 3.22 2.49
C TRP A 69 1.92 3.09 2.40
N ALA A 70 1.24 4.23 2.36
CA ALA A 70 -0.22 4.25 2.27
C ALA A 70 -0.67 4.42 0.83
N ILE A 71 -1.82 3.84 0.49
CA ILE A 71 -2.35 3.92 -0.86
C ILE A 71 -3.81 4.41 -0.86
N ASP A 72 -4.13 5.26 -1.83
CA ASP A 72 -5.49 5.80 -1.95
C ASP A 72 -6.22 5.18 -3.13
N GLY A 73 -7.04 4.17 -2.86
CA GLY A 73 -7.78 3.51 -3.91
C GLY A 73 -6.87 2.92 -4.97
N GLY A 74 -5.92 2.09 -4.54
CA GLY A 74 -5.00 1.47 -5.48
C GLY A 74 -5.43 0.09 -5.90
N PHE A 75 -4.84 -0.41 -6.97
CA PHE A 75 -5.16 -1.75 -7.48
C PHE A 75 -3.92 -2.63 -7.51
N LEU A 76 -4.06 -3.85 -7.02
CA LEU A 76 -2.93 -4.79 -6.99
C LEU A 76 -3.02 -5.77 -8.16
N SER A 77 -1.94 -5.82 -8.93
CA SER A 77 -1.87 -6.72 -10.08
C SER A 77 -0.60 -7.54 -10.04
N ILE A 78 -0.72 -8.81 -9.65
CA ILE A 78 0.42 -9.71 -9.57
C ILE A 78 0.54 -10.55 -10.84
N THR A 79 1.68 -10.43 -11.52
CA THR A 79 1.92 -11.18 -12.74
C THR A 79 3.05 -12.18 -12.56
N ASP A 80 3.26 -13.01 -13.57
CA ASP A 80 4.31 -14.04 -13.52
C ASP A 80 5.70 -13.42 -13.72
N THR A 81 5.74 -12.11 -14.01
CA THR A 81 7.02 -11.43 -14.22
C THR A 81 7.29 -10.42 -13.11
N LYS A 82 6.27 -9.65 -12.73
CA LYS A 82 6.42 -8.65 -11.68
C LYS A 82 5.06 -8.19 -11.16
N VAL A 83 5.07 -7.61 -9.96
CA VAL A 83 3.84 -7.12 -9.35
C VAL A 83 3.79 -5.60 -9.38
N SER A 84 2.83 -5.05 -10.13
CA SER A 84 2.69 -3.60 -10.24
C SER A 84 1.44 -3.12 -9.51
N ILE A 85 1.55 -1.95 -8.88
CA ILE A 85 0.44 -1.38 -8.13
C ILE A 85 0.12 0.03 -8.63
N LEU A 86 -1.12 0.22 -9.09
CA LEU A 86 -1.55 1.52 -9.59
C LEU A 86 -2.63 2.12 -8.70
N ALA A 87 -2.36 3.31 -8.17
CA ALA A 87 -3.31 3.98 -7.28
C ALA A 87 -3.32 5.48 -7.51
N GLU A 88 -4.24 6.17 -6.84
CA GLU A 88 -4.34 7.62 -6.96
C GLU A 88 -3.07 8.30 -6.47
N SER A 89 -2.64 7.91 -5.27
CA SER A 89 -1.43 8.48 -4.69
C SER A 89 -0.94 7.62 -3.51
N ALA A 90 0.23 7.96 -3.00
CA ALA A 90 0.81 7.23 -1.88
C ALA A 90 1.54 8.15 -0.92
N GLN A 91 1.78 7.67 0.30
CA GLN A 91 2.47 8.46 1.31
C GLN A 91 3.34 7.57 2.20
N ALA A 92 4.61 7.93 2.32
CA ALA A 92 5.54 7.17 3.13
C ALA A 92 5.22 7.29 4.62
N ARG A 93 5.48 6.22 5.37
CA ARG A 93 5.21 6.22 6.80
C ARG A 93 5.98 7.33 7.50
N ALA A 94 7.14 7.69 6.95
CA ALA A 94 7.96 8.74 7.53
C ALA A 94 7.39 10.13 7.22
N ASP A 95 6.61 10.21 6.15
CA ASP A 95 6.00 11.48 5.75
C ASP A 95 4.67 11.71 6.47
N ILE A 96 4.05 10.62 6.93
CA ILE A 96 2.78 10.72 7.62
C ILE A 96 2.94 11.39 8.98
N ASP A 97 1.97 12.21 9.35
CA ASP A 97 1.98 12.91 10.62
C ASP A 97 0.86 12.43 11.52
N GLU A 98 1.20 11.99 12.72
CA GLU A 98 0.22 11.50 13.68
C GLU A 98 -0.94 12.47 13.82
N ALA A 99 -0.66 13.75 13.64
CA ALA A 99 -1.68 14.79 13.74
C ALA A 99 -2.58 14.80 12.51
N LYS A 100 -1.97 14.99 11.34
CA LYS A 100 -2.71 15.03 10.09
C LYS A 100 -3.47 13.74 9.86
N ALA A 101 -2.91 12.63 10.37
CA ALA A 101 -3.54 11.33 10.22
C ALA A 101 -4.80 11.23 11.05
N LYS A 102 -4.72 11.64 12.31
CA LYS A 102 -5.87 11.61 13.21
C LYS A 102 -6.98 12.51 12.70
N THR A 103 -6.61 13.70 12.24
CA THR A 103 -7.57 14.66 11.73
C THR A 103 -8.21 14.15 10.44
N ASP A 104 -7.39 13.62 9.54
CA ASP A 104 -7.88 13.09 8.27
C ASP A 104 -8.89 11.97 8.52
N SER A 105 -8.64 11.18 9.54
CA SER A 105 -9.54 10.08 9.89
C SER A 105 -10.76 10.61 10.64
N GLY A 106 -10.58 11.74 11.32
CA GLY A 106 -11.67 12.34 12.07
C GLY A 106 -12.68 13.04 11.18
N SER A 107 -12.23 13.44 9.99
CA SER A 107 -13.09 14.13 9.04
C SER A 107 -14.30 13.27 8.67
N GLU A 108 -15.42 13.91 8.39
CA GLU A 108 -16.64 13.20 8.02
C GLU A 108 -16.64 12.83 6.54
N ASP A 109 -15.92 13.61 5.74
CA ASP A 109 -15.83 13.36 4.30
C ASP A 109 -15.31 11.95 4.02
N PRO A 110 -15.77 11.34 2.92
CA PRO A 110 -15.35 9.98 2.54
C PRO A 110 -13.92 9.95 2.03
N ARG A 111 -13.56 10.93 1.21
CA ARG A 111 -12.21 11.02 0.66
C ARG A 111 -11.18 11.25 1.76
N VAL A 112 -11.46 12.22 2.62
CA VAL A 112 -10.56 12.55 3.73
C VAL A 112 -10.43 11.37 4.68
N ALA A 113 -11.55 10.73 4.99
CA ALA A 113 -11.56 9.59 5.90
C ALA A 113 -10.68 8.46 5.37
N ALA A 114 -10.62 8.35 4.05
CA ALA A 114 -9.82 7.30 3.41
C ALA A 114 -8.33 7.60 3.55
N GLN A 115 -7.93 8.80 3.18
CA GLN A 115 -6.53 9.20 3.28
C GLN A 115 -6.04 9.12 4.72
N GLY A 116 -6.86 9.62 5.64
CA GLY A 116 -6.49 9.60 7.04
C GLY A 116 -6.36 8.18 7.57
N ARG A 117 -7.27 7.31 7.17
CA ARG A 117 -7.25 5.93 7.62
C ARG A 117 -6.08 5.18 6.99
N ALA A 118 -5.77 5.51 5.74
CA ALA A 118 -4.66 4.87 5.04
C ALA A 118 -3.33 5.28 5.66
N ARG A 119 -3.19 6.56 5.98
CA ARG A 119 -1.97 7.07 6.58
C ARG A 119 -1.81 6.52 7.99
N LEU A 120 -2.90 6.46 8.73
CA LEU A 120 -2.88 5.95 10.10
C LEU A 120 -2.45 4.49 10.11
N ARG A 121 -2.96 3.71 9.16
CA ARG A 121 -2.63 2.29 9.05
C ARG A 121 -1.12 2.10 8.90
N ALA A 122 -0.53 2.83 7.95
CA ALA A 122 0.90 2.74 7.70
C ALA A 122 1.69 3.16 8.93
N LEU A 123 1.09 4.03 9.75
CA LEU A 123 1.73 4.52 10.96
C LEU A 123 1.75 3.45 12.05
N GLY A 124 0.77 2.55 12.00
CA GLY A 124 0.69 1.49 12.99
C GLY A 124 -0.73 1.02 13.25
N GLN A 125 -1.71 1.84 12.87
CA GLN A 125 -3.11 1.50 13.08
C GLN A 125 -3.50 0.30 12.22
N THR A 126 -4.59 -0.37 12.62
CA THR A 126 -5.07 -1.54 11.89
C THR A 126 -6.60 -1.61 11.94
N VAL A 127 -7.21 -1.94 10.81
CA VAL A 127 -8.67 -2.06 10.73
C VAL A 127 -9.33 -0.71 10.97
N SER A 8 14.83 -15.85 -5.20
CA SER A 8 13.78 -15.07 -5.91
C SER A 8 13.25 -13.94 -5.06
N GLU A 9 12.62 -12.96 -5.70
CA GLU A 9 12.06 -11.81 -4.99
C GLU A 9 10.78 -11.33 -5.66
N ILE A 10 10.12 -10.36 -5.03
CA ILE A 10 8.87 -9.81 -5.55
C ILE A 10 9.06 -8.39 -6.05
N ASP A 11 8.80 -8.18 -7.35
CA ASP A 11 8.94 -6.86 -7.93
C ASP A 11 7.74 -6.00 -7.56
N VAL A 12 7.95 -5.06 -6.65
CA VAL A 12 6.88 -4.18 -6.20
C VAL A 12 7.14 -2.73 -6.64
N GLU A 13 6.25 -2.21 -7.47
CA GLU A 13 6.38 -0.84 -7.95
C GLU A 13 5.09 -0.06 -7.71
N ILE A 14 5.16 0.93 -6.82
CA ILE A 14 4.00 1.75 -6.51
C ILE A 14 3.93 2.95 -7.45
N VAL A 15 3.00 2.88 -8.39
CA VAL A 15 2.81 3.95 -9.36
C VAL A 15 1.53 4.73 -9.11
N ALA A 16 1.62 6.05 -9.15
CA ALA A 16 0.48 6.91 -8.93
C ALA A 16 -0.03 7.48 -10.26
N VAL A 17 -1.29 7.91 -10.26
CA VAL A 17 -1.88 8.48 -11.46
C VAL A 17 -1.09 9.67 -11.98
N GLU A 18 -0.32 10.31 -11.08
CA GLU A 18 0.47 11.47 -11.46
C GLU A 18 1.95 11.11 -11.62
N ARG A 19 2.42 10.16 -10.81
CA ARG A 19 3.82 9.75 -10.88
C ARG A 19 4.08 8.50 -10.02
N GLU A 20 5.26 7.93 -10.19
CA GLU A 20 5.66 6.74 -9.44
C GLU A 20 6.38 7.15 -8.15
N ILE A 21 6.20 6.34 -7.10
CA ILE A 21 6.83 6.63 -5.82
C ILE A 21 7.81 5.53 -5.40
N TRP A 22 7.52 4.29 -5.78
CA TRP A 22 8.38 3.17 -5.42
C TRP A 22 8.55 2.19 -6.58
N SER A 23 9.66 1.45 -6.56
CA SER A 23 9.95 0.47 -7.60
C SER A 23 11.17 -0.37 -7.23
N GLY A 24 10.97 -1.67 -7.06
CA GLY A 24 12.07 -2.55 -6.70
C GLY A 24 11.60 -3.96 -6.37
N LYS A 25 12.48 -4.72 -5.72
CA LYS A 25 12.16 -6.10 -5.33
C LYS A 25 11.93 -6.21 -3.82
N ALA A 26 11.19 -7.23 -3.41
CA ALA A 26 10.89 -7.43 -2.00
C ALA A 26 10.90 -8.93 -1.64
N THR A 27 10.81 -9.22 -0.35
CA THR A 27 10.79 -10.60 0.11
C THR A 27 9.35 -11.04 0.36
N PHE A 28 8.56 -10.13 0.94
CA PHE A 28 7.16 -10.39 1.23
C PHE A 28 6.37 -9.09 1.21
N VAL A 29 5.17 -9.12 0.65
CA VAL A 29 4.34 -7.93 0.57
C VAL A 29 2.90 -8.23 0.99
N PHE A 30 2.32 -7.31 1.76
CA PHE A 30 0.95 -7.46 2.23
C PHE A 30 0.08 -6.30 1.77
N THR A 31 -1.14 -6.59 1.36
CA THR A 31 -2.05 -5.57 0.89
C THR A 31 -3.48 -5.83 1.36
N ARG A 32 -4.31 -4.80 1.34
CA ARG A 32 -5.70 -4.93 1.77
C ARG A 32 -6.66 -4.60 0.62
N THR A 33 -7.59 -5.49 0.36
CA THR A 33 -8.57 -5.30 -0.70
C THR A 33 -9.99 -5.51 -0.18
N THR A 34 -10.96 -5.26 -1.05
CA THR A 34 -12.37 -5.42 -0.70
C THR A 34 -12.64 -6.79 -0.09
N SER A 35 -11.80 -7.76 -0.43
CA SER A 35 -11.95 -9.12 0.08
C SER A 35 -11.05 -9.36 1.30
N GLY A 36 -10.71 -8.28 1.99
CA GLY A 36 -9.86 -8.40 3.16
C GLY A 36 -8.39 -8.28 2.83
N GLU A 37 -7.53 -8.57 3.80
CA GLU A 37 -6.09 -8.49 3.61
C GLU A 37 -5.55 -9.79 3.02
N ILE A 38 -4.45 -9.70 2.29
CA ILE A 38 -3.84 -10.87 1.68
C ILE A 38 -2.33 -10.68 1.52
N GLY A 39 -1.58 -11.78 1.67
CA GLY A 39 -0.13 -11.72 1.53
C GLY A 39 0.35 -12.32 0.23
N ILE A 40 1.39 -11.74 -0.35
CA ILE A 40 1.94 -12.22 -1.61
C ILE A 40 3.41 -12.61 -1.45
N LEU A 41 3.79 -13.72 -2.07
CA LEU A 41 5.16 -14.20 -2.01
C LEU A 41 5.78 -14.24 -3.40
N PRO A 42 7.12 -14.34 -3.48
CA PRO A 42 7.83 -14.38 -4.77
C PRO A 42 7.84 -15.78 -5.38
N HIS A 43 6.65 -16.36 -5.53
CA HIS A 43 6.51 -17.69 -6.11
C HIS A 43 5.04 -18.10 -6.18
N HIS A 44 4.30 -17.47 -7.10
CA HIS A 44 2.89 -17.77 -7.27
C HIS A 44 2.41 -17.34 -8.66
N ILE A 45 1.15 -17.64 -8.96
CA ILE A 45 0.55 -17.28 -10.25
C ILE A 45 0.03 -15.86 -10.22
N PRO A 46 -0.16 -15.25 -11.42
CA PRO A 46 -0.67 -13.88 -11.53
C PRO A 46 -1.93 -13.65 -10.71
N LEU A 47 -2.23 -12.39 -10.42
CA LEU A 47 -3.40 -12.04 -9.65
C LEU A 47 -3.77 -10.57 -9.82
N VAL A 48 -5.05 -10.26 -9.68
CA VAL A 48 -5.52 -8.89 -9.81
C VAL A 48 -6.63 -8.59 -8.81
N ALA A 49 -6.34 -7.74 -7.84
CA ALA A 49 -7.31 -7.38 -6.81
C ALA A 49 -7.38 -5.87 -6.61
N GLN A 50 -8.51 -5.40 -6.10
CA GLN A 50 -8.71 -3.97 -5.86
C GLN A 50 -8.52 -3.64 -4.38
N LEU A 51 -7.55 -2.77 -4.11
CA LEU A 51 -7.27 -2.37 -2.73
C LEU A 51 -8.37 -1.47 -2.19
N VAL A 52 -8.50 -1.43 -0.87
CA VAL A 52 -9.50 -0.60 -0.23
C VAL A 52 -9.09 0.87 -0.21
N ASP A 53 -10.00 1.73 0.23
CA ASP A 53 -9.71 3.16 0.29
C ASP A 53 -8.58 3.46 1.28
N ASP A 54 -8.65 2.83 2.46
CA ASP A 54 -7.64 3.03 3.48
C ASP A 54 -6.67 1.85 3.52
N ALA A 55 -6.37 1.30 2.35
CA ALA A 55 -5.46 0.16 2.25
C ALA A 55 -4.04 0.56 2.61
N ALA A 56 -3.31 -0.37 3.22
CA ALA A 56 -1.92 -0.14 3.62
C ALA A 56 -1.03 -1.27 3.14
N VAL A 57 -0.03 -0.94 2.33
CA VAL A 57 0.89 -1.94 1.80
C VAL A 57 2.20 -1.97 2.60
N LYS A 58 2.59 -3.18 3.00
CA LYS A 58 3.82 -3.37 3.76
C LYS A 58 4.80 -4.24 2.98
N ILE A 59 5.82 -3.60 2.39
CA ILE A 59 6.82 -4.32 1.61
C ILE A 59 8.04 -4.65 2.45
N GLU A 60 8.31 -5.94 2.60
CA GLU A 60 9.46 -6.41 3.37
C GLU A 60 10.68 -6.64 2.47
N ARG A 61 11.87 -6.40 3.02
CA ARG A 61 13.10 -6.60 2.27
C ARG A 61 14.06 -7.50 3.02
N GLU A 62 14.65 -8.46 2.33
CA GLU A 62 15.60 -9.38 2.94
C GLU A 62 16.79 -8.61 3.48
N GLY A 63 16.87 -8.50 4.80
CA GLY A 63 17.97 -7.79 5.43
C GLY A 63 17.64 -6.33 5.68
N SER A 64 16.61 -5.82 5.01
CA SER A 64 16.21 -4.43 5.18
C SER A 64 14.87 -4.33 5.90
N ASP A 65 14.57 -3.15 6.43
CA ASP A 65 13.32 -2.92 7.14
C ASP A 65 12.16 -2.76 6.17
N ASP A 66 11.00 -3.28 6.54
CA ASP A 66 9.81 -3.19 5.70
C ASP A 66 9.49 -1.74 5.35
N LEU A 67 8.63 -1.55 4.35
CA LEU A 67 8.25 -0.22 3.91
C LEU A 67 6.76 0.03 4.19
N TRP A 68 6.49 0.95 5.11
CA TRP A 68 5.12 1.29 5.48
C TRP A 68 4.58 2.42 4.60
N TRP A 69 3.87 2.06 3.54
CA TRP A 69 3.31 3.05 2.63
C TRP A 69 1.79 2.89 2.53
N ALA A 70 1.11 4.01 2.35
CA ALA A 70 -0.35 4.01 2.23
C ALA A 70 -0.78 4.10 0.78
N ILE A 71 -1.91 3.48 0.46
CA ILE A 71 -2.44 3.50 -0.90
C ILE A 71 -3.87 4.04 -0.93
N ASP A 72 -4.09 5.08 -1.74
CA ASP A 72 -5.41 5.67 -1.85
C ASP A 72 -6.18 5.08 -3.03
N GLY A 73 -7.02 4.09 -2.74
CA GLY A 73 -7.79 3.44 -3.78
C GLY A 73 -6.93 2.89 -4.90
N GLY A 74 -5.95 2.08 -4.53
CA GLY A 74 -5.06 1.49 -5.52
C GLY A 74 -5.46 0.08 -5.91
N PHE A 75 -4.82 -0.44 -6.96
CA PHE A 75 -5.11 -1.78 -7.44
C PHE A 75 -3.83 -2.61 -7.50
N LEU A 76 -3.91 -3.86 -7.06
CA LEU A 76 -2.75 -4.75 -7.08
C LEU A 76 -2.81 -5.68 -8.28
N SER A 77 -1.74 -5.69 -9.06
CA SER A 77 -1.64 -6.54 -10.24
C SER A 77 -0.34 -7.34 -10.22
N ILE A 78 -0.44 -8.61 -9.86
CA ILE A 78 0.72 -9.49 -9.81
C ILE A 78 0.86 -10.29 -11.10
N THR A 79 2.03 -10.21 -11.73
CA THR A 79 2.29 -10.94 -12.97
C THR A 79 3.48 -11.86 -12.81
N ASP A 80 3.71 -12.71 -13.81
CA ASP A 80 4.83 -13.65 -13.78
C ASP A 80 6.17 -12.94 -13.97
N THR A 81 6.12 -11.65 -14.31
CA THR A 81 7.33 -10.87 -14.51
C THR A 81 7.59 -9.91 -13.35
N LYS A 82 6.55 -9.20 -12.93
CA LYS A 82 6.67 -8.25 -11.83
C LYS A 82 5.30 -7.85 -11.28
N VAL A 83 5.29 -7.34 -10.06
CA VAL A 83 4.05 -6.92 -9.41
C VAL A 83 3.96 -5.39 -9.35
N SER A 84 3.07 -4.83 -10.15
CA SER A 84 2.89 -3.38 -10.20
C SER A 84 1.58 -2.97 -9.55
N ILE A 85 1.61 -1.84 -8.83
CA ILE A 85 0.42 -1.34 -8.15
C ILE A 85 0.09 0.08 -8.62
N LEU A 86 -1.14 0.27 -9.10
CA LEU A 86 -1.58 1.57 -9.57
C LEU A 86 -2.65 2.15 -8.64
N ALA A 87 -2.39 3.34 -8.12
CA ALA A 87 -3.33 4.00 -7.22
C ALA A 87 -3.32 5.51 -7.41
N GLU A 88 -4.23 6.20 -6.73
CA GLU A 88 -4.32 7.64 -6.81
C GLU A 88 -3.02 8.30 -6.34
N SER A 89 -2.58 7.91 -5.16
CA SER A 89 -1.35 8.45 -4.58
C SER A 89 -0.87 7.59 -3.42
N ALA A 90 0.44 7.62 -3.18
CA ALA A 90 1.04 6.84 -2.10
C ALA A 90 1.72 7.75 -1.08
N GLN A 91 1.46 7.51 0.19
CA GLN A 91 2.04 8.30 1.26
C GLN A 91 3.00 7.45 2.10
N ALA A 92 4.26 7.90 2.19
CA ALA A 92 5.26 7.18 2.96
C ALA A 92 5.07 7.39 4.46
N ARG A 93 5.43 6.39 5.25
CA ARG A 93 5.28 6.46 6.70
C ARG A 93 6.08 7.64 7.26
N ALA A 94 7.18 7.97 6.60
CA ALA A 94 8.02 9.08 7.03
C ALA A 94 7.48 10.41 6.52
N ASP A 95 6.63 10.36 5.50
CA ASP A 95 6.06 11.56 4.91
C ASP A 95 4.73 11.92 5.58
N ILE A 96 4.09 10.93 6.21
CA ILE A 96 2.82 11.14 6.88
C ILE A 96 3.03 11.87 8.21
N ASP A 97 2.04 12.66 8.60
CA ASP A 97 2.10 13.41 9.85
C ASP A 97 1.09 12.86 10.85
N GLU A 98 1.58 12.48 12.04
CA GLU A 98 0.71 11.94 13.08
C GLU A 98 -0.53 12.80 13.29
N ALA A 99 -0.36 14.11 13.12
CA ALA A 99 -1.48 15.04 13.28
C ALA A 99 -2.41 15.00 12.09
N LYS A 100 -1.84 15.17 10.90
CA LYS A 100 -2.63 15.16 9.66
C LYS A 100 -3.35 13.83 9.49
N ALA A 101 -2.75 12.76 10.01
CA ALA A 101 -3.34 11.43 9.91
C ALA A 101 -4.56 11.30 10.81
N LYS A 102 -4.41 11.70 12.07
CA LYS A 102 -5.50 11.63 13.03
C LYS A 102 -6.64 12.56 12.62
N THR A 103 -6.29 13.73 12.08
CA THR A 103 -7.28 14.71 11.65
C THR A 103 -8.02 14.20 10.42
N ASP A 104 -7.28 13.65 9.46
CA ASP A 104 -7.88 13.13 8.24
C ASP A 104 -8.89 12.04 8.55
N SER A 105 -8.57 11.22 9.56
CA SER A 105 -9.47 10.14 9.97
C SER A 105 -10.64 10.70 10.77
N GLY A 106 -10.42 11.85 11.42
CA GLY A 106 -11.47 12.47 12.20
C GLY A 106 -12.55 13.08 11.34
N SER A 107 -12.20 13.46 10.11
CA SER A 107 -13.15 14.06 9.19
C SER A 107 -14.35 13.13 8.96
N GLU A 108 -15.50 13.73 8.70
CA GLU A 108 -16.73 12.95 8.47
C GLU A 108 -16.80 12.49 7.01
N ASP A 109 -16.19 13.25 6.12
CA ASP A 109 -16.19 12.92 4.70
C ASP A 109 -15.60 11.52 4.47
N PRO A 110 -16.13 10.79 3.46
CA PRO A 110 -15.66 9.44 3.15
C PRO A 110 -14.27 9.45 2.52
N ARG A 111 -14.03 10.40 1.62
CA ARG A 111 -12.74 10.51 0.95
C ARG A 111 -11.64 10.86 1.96
N VAL A 112 -11.91 11.86 2.80
CA VAL A 112 -10.94 12.29 3.80
C VAL A 112 -10.70 11.20 4.84
N ALA A 113 -11.77 10.53 5.23
CA ALA A 113 -11.68 9.45 6.23
C ALA A 113 -10.82 8.31 5.70
N ALA A 114 -10.84 8.11 4.38
CA ALA A 114 -10.07 7.06 3.75
C ALA A 114 -8.57 7.37 3.79
N GLN A 115 -8.22 8.58 3.36
CA GLN A 115 -6.84 9.00 3.33
C GLN A 115 -6.24 8.98 4.74
N GLY A 116 -6.98 9.54 5.70
CA GLY A 116 -6.51 9.57 7.07
C GLY A 116 -6.32 8.18 7.64
N ARG A 117 -7.25 7.28 7.31
CA ARG A 117 -7.18 5.91 7.80
C ARG A 117 -6.01 5.17 7.15
N ALA A 118 -5.81 5.42 5.86
CA ALA A 118 -4.73 4.78 5.13
C ALA A 118 -3.37 5.26 5.62
N ARG A 119 -3.26 6.58 5.84
CA ARG A 119 -2.02 7.17 6.31
C ARG A 119 -1.75 6.76 7.75
N LEU A 120 -2.81 6.65 8.54
CA LEU A 120 -2.69 6.25 9.94
C LEU A 120 -2.16 4.82 10.05
N ARG A 121 -2.68 3.94 9.20
CA ARG A 121 -2.27 2.55 9.21
C ARG A 121 -0.77 2.43 8.93
N ALA A 122 -0.31 3.10 7.89
CA ALA A 122 1.11 3.08 7.52
C ALA A 122 1.96 3.68 8.63
N LEU A 123 1.36 4.59 9.40
CA LEU A 123 2.07 5.24 10.50
C LEU A 123 2.23 4.29 11.68
N GLY A 124 1.30 3.35 11.82
CA GLY A 124 1.38 2.40 12.91
C GLY A 124 0.03 1.79 13.26
N GLN A 125 -1.05 2.49 12.91
CA GLN A 125 -2.39 2.02 13.19
C GLN A 125 -2.71 0.76 12.39
N THR A 126 -3.82 0.11 12.72
CA THR A 126 -4.23 -1.11 12.03
C THR A 126 -5.75 -1.26 12.07
N VAL A 127 -6.26 -2.21 11.29
CA VAL A 127 -7.69 -2.46 11.23
C VAL A 127 -8.22 -2.96 12.58
N SER A 8 15.41 -15.12 -5.56
CA SER A 8 14.20 -14.57 -6.21
C SER A 8 13.57 -13.46 -5.37
N GLU A 9 13.05 -12.43 -6.03
CA GLU A 9 12.43 -11.31 -5.34
C GLU A 9 11.13 -10.91 -6.02
N ILE A 10 10.40 -9.99 -5.40
CA ILE A 10 9.13 -9.52 -5.94
C ILE A 10 9.23 -8.09 -6.46
N ASP A 11 8.98 -7.91 -7.75
CA ASP A 11 9.03 -6.59 -8.35
C ASP A 11 7.77 -5.81 -8.02
N VAL A 12 7.88 -4.84 -7.12
CA VAL A 12 6.74 -4.03 -6.72
C VAL A 12 6.92 -2.58 -7.13
N GLU A 13 5.97 -2.06 -7.90
CA GLU A 13 6.03 -0.68 -8.36
C GLU A 13 4.80 0.10 -7.92
N ILE A 14 5.00 1.05 -7.02
CA ILE A 14 3.91 1.88 -6.52
C ILE A 14 3.75 3.13 -7.37
N VAL A 15 2.71 3.15 -8.21
CA VAL A 15 2.46 4.28 -9.08
C VAL A 15 1.18 5.01 -8.70
N ALA A 16 1.19 6.32 -8.86
CA ALA A 16 0.02 7.14 -8.54
C ALA A 16 -0.55 7.77 -9.81
N VAL A 17 -1.84 8.05 -9.80
CA VAL A 17 -2.50 8.65 -10.96
C VAL A 17 -1.81 9.94 -11.38
N GLU A 18 -1.11 10.58 -10.45
CA GLU A 18 -0.41 11.83 -10.73
C GLU A 18 1.09 11.60 -10.94
N ARG A 19 1.65 10.61 -10.25
CA ARG A 19 3.08 10.34 -10.38
C ARG A 19 3.46 9.02 -9.69
N GLU A 20 4.64 8.51 -10.02
CA GLU A 20 5.14 7.27 -9.43
C GLU A 20 5.84 7.57 -8.10
N ILE A 21 5.70 6.65 -7.15
CA ILE A 21 6.32 6.82 -5.83
C ILE A 21 7.53 5.93 -5.65
N TRP A 22 7.34 4.62 -5.77
CA TRP A 22 8.44 3.68 -5.58
C TRP A 22 8.38 2.55 -6.61
N SER A 23 9.50 1.84 -6.77
CA SER A 23 9.59 0.73 -7.72
C SER A 23 10.87 -0.06 -7.50
N GLY A 24 10.74 -1.32 -7.15
CA GLY A 24 11.90 -2.16 -6.92
C GLY A 24 11.54 -3.57 -6.49
N LYS A 25 12.54 -4.40 -6.23
CA LYS A 25 12.32 -5.78 -5.82
C LYS A 25 12.14 -5.87 -4.30
N ALA A 26 11.31 -6.81 -3.86
CA ALA A 26 11.05 -6.98 -2.44
C ALA A 26 11.13 -8.46 -2.04
N THR A 27 11.09 -8.72 -0.74
CA THR A 27 11.16 -10.08 -0.24
C THR A 27 9.76 -10.59 0.11
N PHE A 28 8.89 -9.66 0.52
CA PHE A 28 7.52 -10.00 0.88
C PHE A 28 6.63 -8.77 0.78
N VAL A 29 5.41 -8.95 0.29
CA VAL A 29 4.48 -7.85 0.14
C VAL A 29 3.08 -8.22 0.65
N PHE A 30 2.48 -7.31 1.42
CA PHE A 30 1.16 -7.52 1.96
C PHE A 30 0.25 -6.33 1.68
N THR A 31 -0.98 -6.60 1.28
CA THR A 31 -1.93 -5.54 0.97
C THR A 31 -3.33 -5.92 1.42
N ARG A 32 -4.21 -4.92 1.51
CA ARG A 32 -5.59 -5.14 1.93
C ARG A 32 -6.56 -4.85 0.80
N THR A 33 -7.49 -5.78 0.57
CA THR A 33 -8.48 -5.61 -0.49
C THR A 33 -9.88 -5.90 0.04
N THR A 34 -10.88 -5.68 -0.81
CA THR A 34 -12.27 -5.92 -0.44
C THR A 34 -12.46 -7.32 0.14
N SER A 35 -11.58 -8.25 -0.25
CA SER A 35 -11.65 -9.62 0.23
C SER A 35 -10.69 -9.84 1.40
N GLY A 36 -10.37 -8.76 2.12
CA GLY A 36 -9.47 -8.87 3.25
C GLY A 36 -8.02 -8.68 2.86
N GLU A 37 -7.12 -8.92 3.81
CA GLU A 37 -5.70 -8.76 3.56
C GLU A 37 -5.08 -10.08 3.08
N ILE A 38 -4.02 -9.97 2.27
CA ILE A 38 -3.35 -11.15 1.75
C ILE A 38 -1.88 -10.87 1.47
N GLY A 39 -1.04 -11.88 1.67
CA GLY A 39 0.38 -11.72 1.44
C GLY A 39 0.85 -12.42 0.17
N ILE A 40 1.78 -11.80 -0.53
CA ILE A 40 2.32 -12.38 -1.76
C ILE A 40 3.81 -12.60 -1.67
N LEU A 41 4.27 -13.73 -2.19
CA LEU A 41 5.70 -14.07 -2.18
C LEU A 41 6.25 -14.15 -3.60
N PRO A 42 7.58 -14.07 -3.75
CA PRO A 42 8.23 -14.12 -5.06
C PRO A 42 8.25 -15.54 -5.64
N HIS A 43 7.06 -16.11 -5.82
CA HIS A 43 6.93 -17.46 -6.36
C HIS A 43 5.47 -17.90 -6.36
N HIS A 44 4.57 -16.98 -6.70
CA HIS A 44 3.15 -17.28 -6.74
C HIS A 44 2.56 -17.04 -8.13
N ILE A 45 1.25 -17.22 -8.25
CA ILE A 45 0.57 -17.03 -9.53
C ILE A 45 -0.01 -15.62 -9.63
N PRO A 46 -0.23 -15.13 -10.87
CA PRO A 46 -0.79 -13.80 -11.10
C PRO A 46 -2.15 -13.61 -10.42
N LEU A 47 -2.55 -12.36 -10.24
CA LEU A 47 -3.82 -12.04 -9.60
C LEU A 47 -4.11 -10.55 -9.66
N VAL A 48 -5.39 -10.20 -9.69
CA VAL A 48 -5.81 -8.80 -9.74
C VAL A 48 -6.92 -8.52 -8.73
N ALA A 49 -6.59 -7.74 -7.70
CA ALA A 49 -7.56 -7.40 -6.67
C ALA A 49 -7.60 -5.89 -6.42
N GLN A 50 -8.71 -5.43 -5.86
CA GLN A 50 -8.88 -4.00 -5.58
C GLN A 50 -8.64 -3.71 -4.10
N LEU A 51 -7.72 -2.80 -3.82
CA LEU A 51 -7.40 -2.43 -2.45
C LEU A 51 -8.48 -1.52 -1.86
N VAL A 52 -8.67 -1.62 -0.54
CA VAL A 52 -9.67 -0.79 0.14
C VAL A 52 -9.30 0.69 0.07
N ASP A 53 -10.22 1.54 0.52
CA ASP A 53 -10.00 2.97 0.51
C ASP A 53 -8.79 3.35 1.36
N ASP A 54 -8.69 2.76 2.54
CA ASP A 54 -7.57 3.04 3.45
C ASP A 54 -6.60 1.86 3.47
N ALA A 55 -6.42 1.23 2.32
CA ALA A 55 -5.52 0.08 2.21
C ALA A 55 -4.08 0.46 2.59
N ALA A 56 -3.36 -0.50 3.14
CA ALA A 56 -1.98 -0.28 3.55
C ALA A 56 -1.08 -1.38 3.02
N VAL A 57 -0.12 -1.02 2.18
CA VAL A 57 0.79 -1.99 1.60
C VAL A 57 2.14 -1.99 2.33
N LYS A 58 2.50 -3.16 2.86
CA LYS A 58 3.75 -3.30 3.59
C LYS A 58 4.76 -4.12 2.79
N ILE A 59 5.74 -3.44 2.21
CA ILE A 59 6.76 -4.10 1.41
C ILE A 59 8.02 -4.36 2.23
N GLU A 60 8.51 -5.58 2.19
CA GLU A 60 9.72 -5.96 2.92
C GLU A 60 10.92 -5.99 1.99
N ARG A 61 12.08 -5.64 2.54
CA ARG A 61 13.32 -5.63 1.75
C ARG A 61 14.38 -6.53 2.39
N GLU A 62 14.93 -7.44 1.58
CA GLU A 62 15.94 -8.36 2.07
C GLU A 62 17.16 -7.58 2.58
N GLY A 63 17.33 -7.57 3.90
CA GLY A 63 18.45 -6.86 4.49
C GLY A 63 18.10 -5.44 4.87
N SER A 64 17.00 -4.92 4.32
CA SER A 64 16.58 -3.56 4.61
C SER A 64 15.21 -3.55 5.29
N ASP A 65 14.93 -2.49 6.04
CA ASP A 65 13.66 -2.37 6.75
C ASP A 65 12.51 -2.29 5.77
N ASP A 66 11.41 -2.95 6.11
CA ASP A 66 10.22 -2.96 5.25
C ASP A 66 9.65 -1.56 5.09
N LEU A 67 9.33 -1.19 3.85
CA LEU A 67 8.79 0.13 3.55
C LEU A 67 7.27 0.11 3.67
N TRP A 68 6.76 0.64 4.78
CA TRP A 68 5.33 0.70 5.01
C TRP A 68 4.71 1.91 4.31
N TRP A 69 3.88 1.64 3.31
CA TRP A 69 3.22 2.70 2.56
C TRP A 69 1.70 2.59 2.66
N ALA A 70 1.03 3.73 2.56
CA ALA A 70 -0.43 3.76 2.64
C ALA A 70 -1.04 4.04 1.27
N ILE A 71 -1.71 3.05 0.71
CA ILE A 71 -2.34 3.19 -0.60
C ILE A 71 -3.76 3.72 -0.47
N ASP A 72 -4.14 4.61 -1.39
CA ASP A 72 -5.47 5.20 -1.38
C ASP A 72 -6.29 4.73 -2.58
N GLY A 73 -7.15 3.75 -2.37
CA GLY A 73 -7.97 3.23 -3.45
C GLY A 73 -7.14 2.73 -4.61
N GLY A 74 -6.21 1.82 -4.32
CA GLY A 74 -5.35 1.27 -5.36
C GLY A 74 -5.72 -0.15 -5.73
N PHE A 75 -5.07 -0.67 -6.76
CA PHE A 75 -5.32 -2.02 -7.23
C PHE A 75 -4.02 -2.82 -7.27
N LEU A 76 -4.07 -4.06 -6.78
CA LEU A 76 -2.90 -4.92 -6.76
C LEU A 76 -2.93 -5.90 -7.92
N SER A 77 -1.83 -5.96 -8.66
CA SER A 77 -1.71 -6.85 -9.81
C SER A 77 -0.43 -7.67 -9.72
N ILE A 78 -0.57 -9.00 -9.83
CA ILE A 78 0.59 -9.88 -9.77
C ILE A 78 0.78 -10.64 -11.08
N THR A 79 2.03 -10.85 -11.45
CA THR A 79 2.35 -11.56 -12.69
C THR A 79 3.30 -12.72 -12.42
N ASP A 80 3.62 -13.46 -13.46
CA ASP A 80 4.51 -14.62 -13.35
C ASP A 80 5.78 -14.25 -12.60
N THR A 81 6.18 -12.99 -12.68
CA THR A 81 7.39 -12.52 -12.01
C THR A 81 7.43 -10.99 -11.96
N LYS A 82 6.29 -10.38 -11.66
CA LYS A 82 6.20 -8.93 -11.59
C LYS A 82 4.94 -8.50 -10.84
N VAL A 83 5.06 -7.42 -10.07
CA VAL A 83 3.94 -6.90 -9.30
C VAL A 83 3.82 -5.38 -9.45
N SER A 84 2.67 -4.92 -9.91
CA SER A 84 2.43 -3.49 -10.10
C SER A 84 1.24 -3.02 -9.27
N ILE A 85 1.40 -1.86 -8.64
CA ILE A 85 0.33 -1.30 -7.81
C ILE A 85 -0.07 0.09 -8.29
N LEU A 86 -1.31 0.21 -8.77
CA LEU A 86 -1.81 1.49 -9.26
C LEU A 86 -2.90 2.04 -8.32
N ALA A 87 -2.67 3.23 -7.81
CA ALA A 87 -3.63 3.86 -6.90
C ALA A 87 -3.63 5.38 -7.05
N GLU A 88 -4.53 6.03 -6.33
CA GLU A 88 -4.65 7.49 -6.37
C GLU A 88 -3.37 8.14 -5.86
N SER A 89 -2.93 7.70 -4.68
CA SER A 89 -1.71 8.24 -4.07
C SER A 89 -1.14 7.27 -3.05
N ALA A 90 0.06 7.57 -2.57
CA ALA A 90 0.72 6.73 -1.57
C ALA A 90 1.52 7.56 -0.59
N GLN A 91 1.57 7.11 0.66
CA GLN A 91 2.32 7.82 1.70
C GLN A 91 3.17 6.85 2.51
N ALA A 92 4.45 7.16 2.64
CA ALA A 92 5.37 6.32 3.39
C ALA A 92 5.16 6.48 4.89
N ARG A 93 5.49 5.43 5.65
CA ARG A 93 5.32 5.44 7.10
C ARG A 93 6.14 6.57 7.71
N ALA A 94 7.25 6.91 7.09
CA ALA A 94 8.12 7.97 7.58
C ALA A 94 7.61 9.34 7.16
N ASP A 95 6.76 9.37 6.14
CA ASP A 95 6.19 10.62 5.66
C ASP A 95 4.86 10.94 6.34
N ILE A 96 4.21 9.92 6.86
CA ILE A 96 2.94 10.08 7.54
C ILE A 96 3.12 10.81 8.88
N ASP A 97 2.07 11.51 9.31
CA ASP A 97 2.11 12.24 10.56
C ASP A 97 1.00 11.76 11.50
N GLU A 98 1.39 11.35 12.70
CA GLU A 98 0.45 10.85 13.69
C GLU A 98 -0.75 11.79 13.83
N ALA A 99 -0.47 13.08 13.99
CA ALA A 99 -1.52 14.08 14.13
C ALA A 99 -2.31 14.23 12.84
N LYS A 100 -1.61 14.40 11.73
CA LYS A 100 -2.26 14.55 10.43
C LYS A 100 -3.10 13.33 10.09
N ALA A 101 -2.71 12.17 10.63
CA ALA A 101 -3.43 10.94 10.38
C ALA A 101 -4.80 10.95 11.05
N LYS A 102 -4.82 11.26 12.35
CA LYS A 102 -6.07 11.31 13.11
C LYS A 102 -7.00 12.37 12.53
N THR A 103 -6.43 13.52 12.16
CA THR A 103 -7.21 14.61 11.62
C THR A 103 -7.79 14.23 10.25
N ASP A 104 -6.96 13.60 9.42
CA ASP A 104 -7.39 13.18 8.09
C ASP A 104 -8.59 12.25 8.18
N SER A 105 -8.56 11.36 9.17
CA SER A 105 -9.65 10.41 9.38
C SER A 105 -10.85 11.10 10.01
N GLY A 106 -10.59 12.18 10.73
CA GLY A 106 -11.66 12.92 11.38
C GLY A 106 -12.47 13.74 10.39
N SER A 107 -11.87 14.09 9.27
CA SER A 107 -12.54 14.87 8.23
C SER A 107 -13.81 14.16 7.76
N GLU A 108 -14.74 14.94 7.19
CA GLU A 108 -15.99 14.38 6.70
C GLU A 108 -15.86 13.97 5.24
N ASP A 109 -14.95 14.61 4.52
CA ASP A 109 -14.74 14.30 3.11
C ASP A 109 -14.42 12.82 2.90
N PRO A 110 -14.83 12.26 1.76
CA PRO A 110 -14.59 10.84 1.44
C PRO A 110 -13.12 10.55 1.17
N ARG A 111 -12.48 11.44 0.40
CA ARG A 111 -11.07 11.27 0.06
C ARG A 111 -10.19 11.42 1.29
N VAL A 112 -10.38 12.53 2.01
CA VAL A 112 -9.60 12.79 3.22
C VAL A 112 -9.80 11.69 4.26
N ALA A 113 -11.02 11.15 4.30
CA ALA A 113 -11.35 10.09 5.25
C ALA A 113 -10.54 8.83 4.96
N ALA A 114 -10.49 8.44 3.69
CA ALA A 114 -9.74 7.25 3.29
C ALA A 114 -8.24 7.47 3.47
N GLN A 115 -7.77 8.65 3.10
CA GLN A 115 -6.36 8.98 3.23
C GLN A 115 -5.91 8.89 4.68
N GLY A 116 -6.65 9.54 5.57
CA GLY A 116 -6.32 9.53 6.98
C GLY A 116 -6.25 8.11 7.53
N ARG A 117 -7.24 7.29 7.18
CA ARG A 117 -7.29 5.91 7.64
C ARG A 117 -6.11 5.12 7.07
N ALA A 118 -5.80 5.37 5.81
CA ALA A 118 -4.69 4.69 5.15
C ALA A 118 -3.37 5.06 5.80
N ARG A 119 -3.16 6.35 6.03
CA ARG A 119 -1.94 6.83 6.66
C ARG A 119 -1.79 6.25 8.05
N LEU A 120 -2.92 6.14 8.77
CA LEU A 120 -2.92 5.59 10.12
C LEU A 120 -2.51 4.12 10.09
N ARG A 121 -2.98 3.38 9.09
CA ARG A 121 -2.67 1.98 8.95
C ARG A 121 -1.16 1.77 8.88
N ALA A 122 -0.51 2.56 8.04
CA ALA A 122 0.94 2.47 7.87
C ALA A 122 1.66 2.83 9.18
N LEU A 123 1.06 3.74 9.94
CA LEU A 123 1.63 4.17 11.20
C LEU A 123 1.51 3.07 12.26
N GLY A 124 0.52 2.20 12.09
CA GLY A 124 0.33 1.11 13.04
C GLY A 124 -1.07 1.09 13.62
N GLN A 125 -2.05 1.58 12.85
CA GLN A 125 -3.43 1.61 13.30
C GLN A 125 -4.28 0.65 12.48
N THR A 126 -5.53 0.46 12.90
CA THR A 126 -6.44 -0.45 12.20
C THR A 126 -7.83 0.19 12.06
N VAL A 127 -8.32 0.24 10.82
CA VAL A 127 -9.64 0.81 10.53
C VAL A 127 -9.87 2.11 11.30
N SER A 8 14.61 -16.05 -5.43
CA SER A 8 13.79 -15.11 -6.25
C SER A 8 13.29 -13.94 -5.41
N GLU A 9 12.68 -12.96 -6.08
CA GLU A 9 12.16 -11.79 -5.39
C GLU A 9 10.86 -11.33 -6.03
N ILE A 10 10.21 -10.34 -5.41
CA ILE A 10 8.96 -9.80 -5.91
C ILE A 10 9.13 -8.39 -6.47
N ASP A 11 8.82 -8.22 -7.75
CA ASP A 11 8.95 -6.92 -8.38
C ASP A 11 7.73 -6.05 -8.05
N VAL A 12 7.94 -5.07 -7.17
CA VAL A 12 6.86 -4.18 -6.76
C VAL A 12 7.11 -2.76 -7.26
N GLU A 13 6.11 -2.19 -7.92
CA GLU A 13 6.22 -0.83 -8.44
C GLU A 13 5.01 0.00 -8.04
N ILE A 14 5.24 0.99 -7.19
CA ILE A 14 4.18 1.88 -6.73
C ILE A 14 4.04 3.07 -7.66
N VAL A 15 2.99 3.06 -8.48
CA VAL A 15 2.74 4.14 -9.42
C VAL A 15 1.46 4.89 -9.09
N ALA A 16 1.47 6.19 -9.35
CA ALA A 16 0.31 7.03 -9.09
C ALA A 16 -0.24 7.61 -10.40
N VAL A 17 -1.53 7.89 -10.42
CA VAL A 17 -2.18 8.44 -11.60
C VAL A 17 -1.48 9.71 -12.07
N GLU A 18 -0.78 10.38 -11.16
CA GLU A 18 -0.08 11.62 -11.48
C GLU A 18 1.42 11.39 -11.67
N ARG A 19 1.97 10.41 -10.95
CA ARG A 19 3.40 10.13 -11.04
C ARG A 19 3.77 8.85 -10.30
N GLU A 20 4.94 8.32 -10.61
CA GLU A 20 5.42 7.09 -9.97
C GLU A 20 6.13 7.43 -8.65
N ILE A 21 5.98 6.57 -7.67
CA ILE A 21 6.59 6.79 -6.37
C ILE A 21 7.82 5.91 -6.15
N TRP A 22 7.62 4.60 -6.15
CA TRP A 22 8.72 3.67 -5.94
C TRP A 22 8.62 2.45 -6.86
N SER A 23 9.74 1.74 -7.01
CA SER A 23 9.78 0.55 -7.86
C SER A 23 11.05 -0.26 -7.59
N GLY A 24 10.87 -1.51 -7.19
CA GLY A 24 12.00 -2.37 -6.90
C GLY A 24 11.57 -3.78 -6.50
N LYS A 25 12.56 -4.62 -6.19
CA LYS A 25 12.29 -6.00 -5.80
C LYS A 25 12.07 -6.11 -4.29
N ALA A 26 11.28 -7.09 -3.87
CA ALA A 26 11.00 -7.29 -2.46
C ALA A 26 11.06 -8.76 -2.08
N THR A 27 10.99 -9.05 -0.79
CA THR A 27 11.02 -10.42 -0.29
C THR A 27 9.62 -10.89 0.06
N PHE A 28 8.80 -9.96 0.55
CA PHE A 28 7.43 -10.25 0.94
C PHE A 28 6.58 -9.00 0.86
N VAL A 29 5.35 -9.14 0.38
CA VAL A 29 4.46 -7.98 0.25
C VAL A 29 3.08 -8.29 0.82
N PHE A 30 2.50 -7.31 1.51
CA PHE A 30 1.19 -7.47 2.12
C PHE A 30 0.33 -6.23 1.88
N THR A 31 -0.87 -6.43 1.36
CA THR A 31 -1.78 -5.31 1.10
C THR A 31 -3.20 -5.64 1.55
N ARG A 32 -4.05 -4.62 1.65
CA ARG A 32 -5.43 -4.81 2.07
C ARG A 32 -6.39 -4.51 0.93
N THR A 33 -7.34 -5.40 0.70
CA THR A 33 -8.33 -5.22 -0.36
C THR A 33 -9.74 -5.43 0.17
N THR A 34 -10.72 -5.17 -0.68
CA THR A 34 -12.13 -5.32 -0.30
C THR A 34 -12.39 -6.72 0.27
N SER A 35 -11.57 -7.68 -0.11
CA SER A 35 -11.72 -9.05 0.35
C SER A 35 -10.76 -9.35 1.50
N GLY A 36 -10.36 -8.32 2.22
CA GLY A 36 -9.44 -8.50 3.34
C GLY A 36 -7.99 -8.31 2.93
N GLU A 37 -7.08 -8.63 3.85
CA GLU A 37 -5.65 -8.49 3.59
C GLU A 37 -5.08 -9.78 3.00
N ILE A 38 -4.04 -9.64 2.19
CA ILE A 38 -3.39 -10.78 1.56
C ILE A 38 -1.92 -10.51 1.29
N GLY A 39 -1.11 -11.56 1.40
CA GLY A 39 0.32 -11.42 1.17
C GLY A 39 0.77 -12.15 -0.08
N ILE A 40 1.83 -11.65 -0.71
CA ILE A 40 2.35 -12.27 -1.92
C ILE A 40 3.81 -12.69 -1.75
N LEU A 41 4.16 -13.83 -2.33
CA LEU A 41 5.52 -14.36 -2.25
C LEU A 41 6.19 -14.32 -3.62
N PRO A 42 7.54 -14.38 -3.66
CA PRO A 42 8.29 -14.35 -4.90
C PRO A 42 8.34 -15.71 -5.59
N HIS A 43 7.17 -16.30 -5.81
CA HIS A 43 7.08 -17.61 -6.45
C HIS A 43 5.64 -18.11 -6.46
N HIS A 44 4.70 -17.20 -6.74
CA HIS A 44 3.28 -17.53 -6.78
C HIS A 44 2.69 -17.24 -8.15
N ILE A 45 1.38 -17.41 -8.27
CA ILE A 45 0.68 -17.16 -9.53
C ILE A 45 0.09 -15.76 -9.56
N PRO A 46 -0.21 -15.24 -10.76
CA PRO A 46 -0.78 -13.90 -10.93
C PRO A 46 -2.06 -13.70 -10.12
N LEU A 47 -2.46 -12.45 -9.97
CA LEU A 47 -3.67 -12.12 -9.20
C LEU A 47 -4.05 -10.66 -9.40
N VAL A 48 -5.34 -10.36 -9.30
CA VAL A 48 -5.82 -9.01 -9.46
C VAL A 48 -6.85 -8.65 -8.38
N ALA A 49 -6.47 -7.76 -7.49
CA ALA A 49 -7.36 -7.34 -6.40
C ALA A 49 -7.35 -5.82 -6.23
N GLN A 50 -8.46 -5.28 -5.74
CA GLN A 50 -8.58 -3.85 -5.53
C GLN A 50 -8.39 -3.49 -4.06
N LEU A 51 -7.46 -2.59 -3.79
CA LEU A 51 -7.17 -2.16 -2.43
C LEU A 51 -8.29 -1.28 -1.88
N VAL A 52 -8.46 -1.29 -0.57
CA VAL A 52 -9.49 -0.49 0.07
C VAL A 52 -9.09 0.98 0.13
N ASP A 53 -10.02 1.82 0.57
CA ASP A 53 -9.77 3.25 0.66
C ASP A 53 -8.60 3.55 1.59
N ASP A 54 -8.57 2.89 2.74
CA ASP A 54 -7.49 3.09 3.70
C ASP A 54 -6.53 1.91 3.70
N ALA A 55 -6.30 1.34 2.52
CA ALA A 55 -5.41 0.19 2.39
C ALA A 55 -3.96 0.58 2.68
N ALA A 56 -3.23 -0.33 3.31
CA ALA A 56 -1.83 -0.09 3.64
C ALA A 56 -0.95 -1.23 3.13
N VAL A 57 0.01 -0.90 2.29
CA VAL A 57 0.91 -1.89 1.72
C VAL A 57 2.25 -1.92 2.46
N LYS A 58 2.69 -3.13 2.81
CA LYS A 58 3.96 -3.31 3.51
C LYS A 58 4.91 -4.17 2.70
N ILE A 59 5.91 -3.54 2.09
CA ILE A 59 6.88 -4.25 1.27
C ILE A 59 8.16 -4.52 2.05
N GLU A 60 8.53 -5.79 2.14
CA GLU A 60 9.74 -6.19 2.86
C GLU A 60 10.93 -6.31 1.90
N ARG A 61 12.11 -5.97 2.39
CA ARG A 61 13.32 -6.05 1.56
C ARG A 61 14.39 -6.89 2.24
N GLU A 62 14.95 -7.85 1.50
CA GLU A 62 15.97 -8.72 2.03
C GLU A 62 17.15 -7.91 2.55
N GLY A 63 17.29 -7.86 3.88
CA GLY A 63 18.37 -7.11 4.48
C GLY A 63 17.97 -5.68 4.81
N SER A 64 16.87 -5.21 4.22
CA SER A 64 16.39 -3.86 4.46
C SER A 64 15.04 -3.88 5.17
N ASP A 65 14.78 -2.85 5.97
CA ASP A 65 13.52 -2.76 6.70
C ASP A 65 12.34 -2.59 5.75
N ASP A 66 11.21 -3.16 6.12
CA ASP A 66 10.00 -3.07 5.30
C ASP A 66 9.63 -1.61 5.03
N LEU A 67 8.74 -1.42 4.06
CA LEU A 67 8.31 -0.07 3.70
C LEU A 67 6.81 0.10 3.97
N TRP A 68 6.49 1.02 4.88
CA TRP A 68 5.09 1.27 5.23
C TRP A 68 4.54 2.46 4.43
N TRP A 69 3.78 2.17 3.39
CA TRP A 69 3.19 3.21 2.56
C TRP A 69 1.67 3.07 2.50
N ALA A 70 0.97 4.19 2.57
CA ALA A 70 -0.49 4.19 2.52
C ALA A 70 -0.98 4.46 1.10
N ILE A 71 -1.72 3.49 0.55
CA ILE A 71 -2.25 3.63 -0.81
C ILE A 71 -3.66 4.23 -0.79
N ASP A 72 -3.93 5.11 -1.75
CA ASP A 72 -5.24 5.75 -1.83
C ASP A 72 -6.07 5.14 -2.96
N GLY A 73 -6.86 4.13 -2.63
CA GLY A 73 -7.69 3.48 -3.63
C GLY A 73 -6.88 2.91 -4.77
N GLY A 74 -5.89 2.10 -4.45
CA GLY A 74 -5.05 1.50 -5.48
C GLY A 74 -5.45 0.08 -5.81
N PHE A 75 -4.86 -0.47 -6.87
CA PHE A 75 -5.16 -1.83 -7.30
C PHE A 75 -3.89 -2.65 -7.41
N LEU A 76 -3.93 -3.87 -6.88
CA LEU A 76 -2.78 -4.76 -6.94
C LEU A 76 -2.90 -5.77 -8.07
N SER A 77 -1.87 -5.85 -8.89
CA SER A 77 -1.86 -6.77 -10.01
C SER A 77 -0.57 -7.60 -10.02
N ILE A 78 -0.69 -8.85 -9.58
CA ILE A 78 0.46 -9.76 -9.52
C ILE A 78 0.52 -10.61 -10.78
N THR A 79 1.74 -10.89 -11.23
CA THR A 79 1.94 -11.71 -12.42
C THR A 79 2.94 -12.84 -12.14
N ASP A 80 3.18 -13.66 -13.16
CA ASP A 80 4.10 -14.78 -13.04
C ASP A 80 5.42 -14.38 -12.39
N THR A 81 5.81 -13.11 -12.56
CA THR A 81 7.05 -12.61 -11.99
C THR A 81 7.11 -11.08 -12.00
N LYS A 82 5.99 -10.45 -11.66
CA LYS A 82 5.91 -9.00 -11.62
C LYS A 82 4.70 -8.52 -10.83
N VAL A 83 4.87 -7.45 -10.07
CA VAL A 83 3.78 -6.90 -9.27
C VAL A 83 3.71 -5.39 -9.41
N SER A 84 2.64 -4.90 -10.01
CA SER A 84 2.45 -3.47 -10.21
C SER A 84 1.24 -2.95 -9.41
N ILE A 85 1.45 -1.86 -8.70
CA ILE A 85 0.39 -1.27 -7.89
C ILE A 85 0.04 0.13 -8.39
N LEU A 86 -1.16 0.28 -8.94
CA LEU A 86 -1.61 1.57 -9.45
C LEU A 86 -2.68 2.16 -8.55
N ALA A 87 -2.45 3.38 -8.06
CA ALA A 87 -3.40 4.05 -7.19
C ALA A 87 -3.40 5.55 -7.42
N GLU A 88 -4.32 6.24 -6.76
CA GLU A 88 -4.43 7.69 -6.89
C GLU A 88 -3.19 8.38 -6.34
N SER A 89 -2.64 7.85 -5.25
CA SER A 89 -1.46 8.42 -4.63
C SER A 89 -0.97 7.54 -3.48
N ALA A 90 0.19 7.87 -2.94
CA ALA A 90 0.76 7.12 -1.83
C ALA A 90 1.55 8.02 -0.88
N GLN A 91 1.63 7.62 0.38
CA GLN A 91 2.35 8.41 1.38
C GLN A 91 3.29 7.53 2.19
N ALA A 92 4.45 8.08 2.54
CA ALA A 92 5.44 7.34 3.32
C ALA A 92 5.18 7.48 4.81
N ARG A 93 5.40 6.40 5.55
CA ARG A 93 5.19 6.40 6.99
C ARG A 93 6.08 7.43 7.67
N ALA A 94 7.25 7.67 7.09
CA ALA A 94 8.20 8.63 7.64
C ALA A 94 7.69 10.06 7.46
N ASP A 95 6.87 10.27 6.43
CA ASP A 95 6.33 11.59 6.15
C ASP A 95 4.99 11.80 6.84
N ILE A 96 4.32 10.70 7.18
CA ILE A 96 3.02 10.76 7.85
C ILE A 96 3.18 11.25 9.29
N ASP A 97 2.12 11.86 9.81
CA ASP A 97 2.13 12.37 11.18
C ASP A 97 0.88 11.92 11.93
N GLU A 98 1.08 11.28 13.07
CA GLU A 98 -0.03 10.79 13.89
C GLU A 98 -1.10 11.85 14.05
N ALA A 99 -0.70 13.11 14.03
CA ALA A 99 -1.63 14.22 14.17
C ALA A 99 -2.46 14.41 12.90
N LYS A 100 -1.78 14.62 11.78
CA LYS A 100 -2.44 14.83 10.51
C LYS A 100 -3.31 13.61 10.15
N ALA A 101 -2.76 12.43 10.36
CA ALA A 101 -3.48 11.20 10.06
C ALA A 101 -4.74 11.08 10.91
N LYS A 102 -4.65 11.51 12.17
CA LYS A 102 -5.79 11.45 13.07
C LYS A 102 -6.90 12.38 12.60
N THR A 103 -6.54 13.63 12.33
CA THR A 103 -7.51 14.62 11.87
C THR A 103 -8.11 14.21 10.53
N ASP A 104 -7.26 13.69 9.65
CA ASP A 104 -7.71 13.26 8.33
C ASP A 104 -8.77 12.19 8.46
N SER A 105 -8.59 11.29 9.42
CA SER A 105 -9.55 10.21 9.65
C SER A 105 -10.82 10.75 10.28
N GLY A 106 -10.68 11.87 11.01
CA GLY A 106 -11.83 12.47 11.66
C GLY A 106 -12.80 13.08 10.67
N SER A 107 -12.28 13.50 9.52
CA SER A 107 -13.12 14.11 8.48
C SER A 107 -14.23 13.17 8.05
N GLU A 108 -15.33 13.74 7.58
CA GLU A 108 -16.47 12.95 7.14
C GLU A 108 -16.36 12.60 5.66
N ASP A 109 -15.66 13.44 4.90
CA ASP A 109 -15.47 13.21 3.48
C ASP A 109 -14.86 11.83 3.22
N PRO A 110 -15.18 11.22 2.06
CA PRO A 110 -14.66 9.90 1.70
C PRO A 110 -13.16 9.94 1.39
N ARG A 111 -12.75 10.96 0.65
CA ARG A 111 -11.34 11.10 0.28
C ARG A 111 -10.48 11.38 1.50
N VAL A 112 -10.87 12.40 2.28
CA VAL A 112 -10.15 12.77 3.48
C VAL A 112 -10.14 11.63 4.49
N ALA A 113 -11.32 11.04 4.71
CA ALA A 113 -11.45 9.94 5.65
C ALA A 113 -10.62 8.74 5.23
N ALA A 114 -10.44 8.59 3.92
CA ALA A 114 -9.67 7.48 3.38
C ALA A 114 -8.18 7.72 3.57
N GLN A 115 -7.72 8.92 3.22
CA GLN A 115 -6.31 9.27 3.35
C GLN A 115 -5.87 9.17 4.81
N GLY A 116 -6.66 9.77 5.70
CA GLY A 116 -6.34 9.73 7.11
C GLY A 116 -6.31 8.32 7.67
N ARG A 117 -7.27 7.51 7.25
CA ARG A 117 -7.36 6.13 7.71
C ARG A 117 -6.21 5.31 7.15
N ALA A 118 -5.82 5.62 5.91
CA ALA A 118 -4.73 4.91 5.25
C ALA A 118 -3.40 5.23 5.93
N ARG A 119 -3.18 6.51 6.19
CA ARG A 119 -1.95 6.97 6.84
C ARG A 119 -1.88 6.44 8.26
N LEU A 120 -3.02 6.42 8.94
CA LEU A 120 -3.09 5.93 10.31
C LEU A 120 -2.74 4.45 10.36
N ARG A 121 -3.19 3.69 9.37
CA ARG A 121 -2.93 2.27 9.30
C ARG A 121 -1.43 2.01 9.25
N ALA A 122 -0.74 2.67 8.32
CA ALA A 122 0.70 2.50 8.19
C ALA A 122 1.42 2.91 9.47
N LEU A 123 0.82 3.84 10.20
CA LEU A 123 1.40 4.31 11.45
C LEU A 123 1.30 3.26 12.55
N GLY A 124 0.29 2.40 12.45
CA GLY A 124 0.11 1.36 13.43
C GLY A 124 -1.34 0.95 13.61
N GLN A 125 -2.26 1.80 13.14
CA GLN A 125 -3.69 1.53 13.26
C GLN A 125 -4.08 0.33 12.40
N THR A 126 -5.20 -0.31 12.74
CA THR A 126 -5.68 -1.47 12.01
C THR A 126 -7.18 -1.36 11.76
N VAL A 127 -7.60 -1.74 10.56
CA VAL A 127 -9.01 -1.69 10.20
C VAL A 127 -9.56 -0.27 10.29
N SER A 8 14.87 -15.85 -5.46
CA SER A 8 13.93 -15.01 -6.23
C SER A 8 13.36 -13.88 -5.38
N GLU A 9 12.87 -12.84 -6.04
CA GLU A 9 12.30 -11.69 -5.33
C GLU A 9 11.00 -11.24 -6.00
N ILE A 10 10.33 -10.29 -5.37
CA ILE A 10 9.06 -9.77 -5.88
C ILE A 10 9.22 -8.35 -6.41
N ASP A 11 8.83 -8.14 -7.66
CA ASP A 11 8.92 -6.82 -8.26
C ASP A 11 7.70 -5.97 -7.87
N VAL A 12 7.93 -5.02 -6.97
CA VAL A 12 6.86 -4.14 -6.50
C VAL A 12 7.08 -2.70 -6.94
N GLU A 13 6.08 -2.12 -7.58
CA GLU A 13 6.17 -0.74 -8.05
C GLU A 13 4.90 0.02 -7.73
N ILE A 14 5.02 0.99 -6.82
CA ILE A 14 3.88 1.81 -6.42
C ILE A 14 3.77 3.04 -7.33
N VAL A 15 2.78 3.01 -8.22
CA VAL A 15 2.56 4.10 -9.15
C VAL A 15 1.27 4.85 -8.85
N ALA A 16 1.31 6.17 -8.94
CA ALA A 16 0.14 7.00 -8.69
C ALA A 16 -0.35 7.65 -9.98
N VAL A 17 -1.64 7.97 -10.03
CA VAL A 17 -2.23 8.59 -11.21
C VAL A 17 -1.49 9.86 -11.59
N GLU A 18 -0.81 10.48 -10.63
CA GLU A 18 -0.09 11.71 -10.86
C GLU A 18 1.42 11.48 -10.98
N ARG A 19 1.93 10.48 -10.27
CA ARG A 19 3.36 10.18 -10.30
C ARG A 19 3.69 8.87 -9.59
N GLU A 20 4.88 8.33 -9.87
CA GLU A 20 5.32 7.09 -9.25
C GLU A 20 5.95 7.37 -7.90
N ILE A 21 5.75 6.47 -6.96
CA ILE A 21 6.30 6.64 -5.61
C ILE A 21 7.49 5.73 -5.35
N TRP A 22 7.30 4.43 -5.56
CA TRP A 22 8.38 3.46 -5.34
C TRP A 22 8.41 2.40 -6.43
N SER A 23 9.55 1.70 -6.53
CA SER A 23 9.73 0.65 -7.52
C SER A 23 11.00 -0.15 -7.25
N GLY A 24 10.84 -1.43 -6.97
CA GLY A 24 12.00 -2.28 -6.70
C GLY A 24 11.61 -3.71 -6.36
N LYS A 25 12.57 -4.50 -5.92
CA LYS A 25 12.33 -5.89 -5.57
C LYS A 25 12.06 -6.04 -4.07
N ALA A 26 11.30 -7.07 -3.71
CA ALA A 26 10.96 -7.31 -2.31
C ALA A 26 11.03 -8.79 -1.98
N THR A 27 10.91 -9.11 -0.70
CA THR A 27 10.96 -10.49 -0.24
C THR A 27 9.56 -10.99 0.10
N PHE A 28 8.76 -10.09 0.68
CA PHE A 28 7.39 -10.40 1.06
C PHE A 28 6.58 -9.12 1.20
N VAL A 29 5.32 -9.17 0.73
CA VAL A 29 4.46 -8.01 0.80
C VAL A 29 3.06 -8.38 1.29
N PHE A 30 2.40 -7.43 1.96
CA PHE A 30 1.06 -7.65 2.48
C PHE A 30 0.18 -6.43 2.20
N THR A 31 -0.96 -6.67 1.54
CA THR A 31 -1.88 -5.60 1.21
C THR A 31 -3.29 -5.94 1.64
N ARG A 32 -4.16 -4.93 1.69
CA ARG A 32 -5.55 -5.13 2.08
C ARG A 32 -6.50 -4.78 0.94
N THR A 33 -7.43 -5.68 0.65
CA THR A 33 -8.40 -5.47 -0.42
C THR A 33 -9.81 -5.71 0.08
N THR A 34 -10.79 -5.44 -0.77
CA THR A 34 -12.19 -5.62 -0.42
C THR A 34 -12.45 -7.04 0.10
N SER A 35 -11.60 -7.98 -0.31
CA SER A 35 -11.74 -9.37 0.12
C SER A 35 -10.81 -9.68 1.28
N GLY A 36 -10.44 -8.66 2.05
CA GLY A 36 -9.56 -8.86 3.18
C GLY A 36 -8.09 -8.66 2.83
N GLU A 37 -7.21 -9.00 3.76
CA GLU A 37 -5.78 -8.85 3.54
C GLU A 37 -5.19 -10.08 2.87
N ILE A 38 -4.09 -9.89 2.15
CA ILE A 38 -3.43 -10.99 1.45
C ILE A 38 -1.93 -10.73 1.31
N GLY A 39 -1.15 -11.80 1.37
CA GLY A 39 0.30 -11.68 1.26
C GLY A 39 0.81 -12.23 -0.05
N ILE A 40 1.84 -11.61 -0.60
CA ILE A 40 2.43 -12.04 -1.86
C ILE A 40 3.87 -12.52 -1.66
N LEU A 41 4.21 -13.63 -2.30
CA LEU A 41 5.56 -14.19 -2.20
C LEU A 41 6.21 -14.28 -3.58
N PRO A 42 7.55 -14.31 -3.63
CA PRO A 42 8.30 -14.38 -4.88
C PRO A 42 8.36 -15.81 -5.44
N HIS A 43 7.19 -16.42 -5.61
CA HIS A 43 7.11 -17.78 -6.14
C HIS A 43 5.66 -18.26 -6.19
N HIS A 44 4.76 -17.36 -6.56
CA HIS A 44 3.34 -17.69 -6.65
C HIS A 44 2.77 -17.30 -8.01
N ILE A 45 1.52 -17.68 -8.25
CA ILE A 45 0.85 -17.38 -9.50
C ILE A 45 0.31 -15.96 -9.51
N PRO A 46 0.05 -15.39 -10.70
CA PRO A 46 -0.47 -14.02 -10.83
C PRO A 46 -1.71 -13.79 -9.97
N LEU A 47 -2.11 -12.53 -9.84
CA LEU A 47 -3.27 -12.18 -9.04
C LEU A 47 -3.73 -10.75 -9.33
N VAL A 48 -5.03 -10.50 -9.18
CA VAL A 48 -5.58 -9.18 -9.41
C VAL A 48 -6.66 -8.86 -8.39
N ALA A 49 -6.38 -7.90 -7.51
CA ALA A 49 -7.32 -7.50 -6.47
C ALA A 49 -7.33 -5.98 -6.29
N GLN A 50 -8.45 -5.46 -5.80
CA GLN A 50 -8.60 -4.03 -5.57
C GLN A 50 -8.42 -3.69 -4.09
N LEU A 51 -7.50 -2.78 -3.80
CA LEU A 51 -7.22 -2.38 -2.43
C LEU A 51 -8.35 -1.49 -1.89
N VAL A 52 -8.52 -1.51 -0.57
CA VAL A 52 -9.56 -0.72 0.07
C VAL A 52 -9.18 0.76 0.10
N ASP A 53 -10.11 1.59 0.55
CA ASP A 53 -9.88 3.03 0.62
C ASP A 53 -8.70 3.35 1.54
N ASP A 54 -8.67 2.71 2.70
CA ASP A 54 -7.60 2.93 3.67
C ASP A 54 -6.63 1.76 3.68
N ALA A 55 -6.38 1.19 2.50
CA ALA A 55 -5.46 0.06 2.38
C ALA A 55 -4.03 0.46 2.69
N ALA A 56 -3.28 -0.47 3.27
CA ALA A 56 -1.89 -0.22 3.62
C ALA A 56 -1.01 -1.40 3.20
N VAL A 57 -0.05 -1.14 2.32
CA VAL A 57 0.85 -2.17 1.84
C VAL A 57 2.18 -2.16 2.57
N LYS A 58 2.63 -3.33 3.01
CA LYS A 58 3.90 -3.46 3.71
C LYS A 58 4.86 -4.32 2.92
N ILE A 59 5.82 -3.67 2.26
CA ILE A 59 6.81 -4.38 1.45
C ILE A 59 8.07 -4.68 2.25
N GLU A 60 8.51 -5.94 2.19
CA GLU A 60 9.71 -6.37 2.90
C GLU A 60 10.90 -6.42 1.94
N ARG A 61 12.10 -6.29 2.50
CA ARG A 61 13.32 -6.32 1.70
C ARG A 61 14.36 -7.24 2.32
N GLU A 62 14.89 -8.15 1.51
CA GLU A 62 15.90 -9.09 1.98
C GLU A 62 17.11 -8.35 2.53
N GLY A 63 17.25 -8.39 3.85
CA GLY A 63 18.37 -7.71 4.49
C GLY A 63 18.03 -6.30 4.91
N SER A 64 16.95 -5.76 4.36
CA SER A 64 16.52 -4.40 4.68
C SER A 64 15.23 -4.42 5.50
N ASP A 65 14.82 -3.26 5.98
CA ASP A 65 13.61 -3.13 6.79
C ASP A 65 12.38 -2.90 5.89
N ASP A 66 11.26 -3.50 6.27
CA ASP A 66 10.03 -3.34 5.51
C ASP A 66 9.68 -1.87 5.30
N LEU A 67 8.76 -1.62 4.37
CA LEU A 67 8.35 -0.25 4.06
C LEU A 67 6.83 -0.11 4.20
N TRP A 68 6.40 0.65 5.21
CA TRP A 68 4.99 0.87 5.45
C TRP A 68 4.47 2.05 4.62
N TRP A 69 3.83 1.74 3.50
CA TRP A 69 3.29 2.76 2.61
C TRP A 69 1.77 2.69 2.56
N ALA A 70 1.13 3.85 2.52
CA ALA A 70 -0.32 3.92 2.46
C ALA A 70 -0.80 4.10 1.02
N ILE A 71 -1.97 3.53 0.72
CA ILE A 71 -2.54 3.62 -0.62
C ILE A 71 -3.97 4.12 -0.58
N ASP A 72 -4.33 4.97 -1.53
CA ASP A 72 -5.68 5.53 -1.60
C ASP A 72 -6.45 4.94 -2.77
N GLY A 73 -7.24 3.91 -2.50
CA GLY A 73 -8.02 3.29 -3.56
C GLY A 73 -7.16 2.76 -4.69
N GLY A 74 -6.17 1.95 -4.34
CA GLY A 74 -5.28 1.40 -5.35
C GLY A 74 -5.63 -0.02 -5.72
N PHE A 75 -5.08 -0.50 -6.83
CA PHE A 75 -5.33 -1.86 -7.29
C PHE A 75 -4.04 -2.66 -7.37
N LEU A 76 -4.08 -3.89 -6.89
CA LEU A 76 -2.90 -4.75 -6.89
C LEU A 76 -2.95 -5.73 -8.06
N SER A 77 -1.91 -5.72 -8.88
CA SER A 77 -1.83 -6.61 -10.03
C SER A 77 -0.50 -7.36 -10.04
N ILE A 78 -0.54 -8.62 -9.64
CA ILE A 78 0.66 -9.45 -9.60
C ILE A 78 0.75 -10.34 -10.84
N THR A 79 1.82 -10.15 -11.62
CA THR A 79 2.01 -10.94 -12.83
C THR A 79 3.33 -11.71 -12.76
N ASP A 80 3.48 -12.70 -13.62
CA ASP A 80 4.69 -13.51 -13.65
C ASP A 80 5.92 -12.65 -13.95
N THR A 81 5.69 -11.49 -14.56
CA THR A 81 6.78 -10.58 -14.89
C THR A 81 7.13 -9.67 -13.72
N LYS A 82 6.13 -8.96 -13.21
CA LYS A 82 6.34 -8.07 -12.08
C LYS A 82 5.01 -7.68 -11.42
N VAL A 83 5.09 -7.21 -10.18
CA VAL A 83 3.91 -6.80 -9.44
C VAL A 83 3.80 -5.29 -9.38
N SER A 84 2.84 -4.74 -10.12
CA SER A 84 2.64 -3.29 -10.16
C SER A 84 1.36 -2.89 -9.45
N ILE A 85 1.40 -1.77 -8.74
CA ILE A 85 0.24 -1.27 -8.01
C ILE A 85 -0.10 0.15 -8.44
N LEU A 86 -1.34 0.34 -8.89
CA LEU A 86 -1.79 1.66 -9.33
C LEU A 86 -2.88 2.20 -8.41
N ALA A 87 -2.65 3.38 -7.85
CA ALA A 87 -3.60 3.99 -6.95
C ALA A 87 -3.63 5.51 -7.12
N GLU A 88 -4.58 6.17 -6.46
CA GLU A 88 -4.71 7.61 -6.54
C GLU A 88 -3.44 8.29 -6.04
N SER A 89 -2.96 7.85 -4.88
CA SER A 89 -1.75 8.41 -4.29
C SER A 89 -1.24 7.54 -3.16
N ALA A 90 0.03 7.68 -2.82
CA ALA A 90 0.64 6.90 -1.76
C ALA A 90 1.49 7.77 -0.85
N GLN A 91 1.78 7.26 0.35
CA GLN A 91 2.58 7.99 1.32
C GLN A 91 3.42 7.03 2.16
N ALA A 92 4.56 7.52 2.65
CA ALA A 92 5.46 6.72 3.47
C ALA A 92 5.17 6.91 4.95
N ARG A 93 5.38 5.85 5.73
CA ARG A 93 5.14 5.91 7.17
C ARG A 93 5.99 7.00 7.82
N ALA A 94 7.16 7.26 7.23
CA ALA A 94 8.06 8.27 7.75
C ALA A 94 7.61 9.67 7.35
N ASP A 95 6.81 9.75 6.28
CA ASP A 95 6.32 11.03 5.79
C ASP A 95 4.97 11.38 6.41
N ILE A 96 4.25 10.35 6.88
CA ILE A 96 2.95 10.56 7.50
C ILE A 96 3.09 11.23 8.86
N ASP A 97 2.24 12.22 9.11
CA ASP A 97 2.25 12.95 10.37
C ASP A 97 1.08 12.54 11.24
N GLU A 98 1.38 12.10 12.47
CA GLU A 98 0.35 11.67 13.41
C GLU A 98 -0.81 12.68 13.47
N ALA A 99 -0.47 13.95 13.33
CA ALA A 99 -1.47 15.01 13.35
C ALA A 99 -2.28 15.05 12.05
N LYS A 100 -1.58 14.97 10.93
CA LYS A 100 -2.21 14.98 9.62
C LYS A 100 -3.15 13.79 9.46
N ALA A 101 -2.65 12.61 9.81
CA ALA A 101 -3.44 11.38 9.70
C ALA A 101 -4.69 11.46 10.57
N LYS A 102 -4.54 11.99 11.78
CA LYS A 102 -5.65 12.12 12.70
C LYS A 102 -6.71 13.07 12.16
N THR A 103 -6.26 14.22 11.67
CA THR A 103 -7.18 15.21 11.10
C THR A 103 -7.87 14.66 9.87
N ASP A 104 -7.11 14.00 9.00
CA ASP A 104 -7.65 13.42 7.78
C ASP A 104 -8.76 12.42 8.12
N SER A 105 -8.55 11.64 9.17
CA SER A 105 -9.54 10.66 9.59
C SER A 105 -10.72 11.35 10.29
N GLY A 106 -10.45 12.51 10.87
CA GLY A 106 -11.49 13.26 11.56
C GLY A 106 -12.47 13.90 10.59
N SER A 107 -12.01 14.17 9.38
CA SER A 107 -12.86 14.79 8.36
C SER A 107 -14.09 13.93 8.08
N GLU A 108 -15.18 14.57 7.67
CA GLU A 108 -16.41 13.87 7.36
C GLU A 108 -16.55 13.63 5.86
N ASP A 109 -15.41 13.51 5.18
CA ASP A 109 -15.41 13.29 3.74
C ASP A 109 -14.99 11.85 3.42
N PRO A 110 -15.46 11.32 2.27
CA PRO A 110 -15.14 9.95 1.86
C PRO A 110 -13.67 9.80 1.46
N ARG A 111 -13.18 10.74 0.66
CA ARG A 111 -11.80 10.71 0.22
C ARG A 111 -10.85 11.05 1.35
N VAL A 112 -11.14 12.13 2.07
CA VAL A 112 -10.31 12.56 3.19
C VAL A 112 -10.25 11.47 4.27
N ALA A 113 -11.41 10.91 4.59
CA ALA A 113 -11.50 9.87 5.61
C ALA A 113 -10.63 8.68 5.23
N ALA A 114 -10.66 8.31 3.95
CA ALA A 114 -9.89 7.18 3.46
C ALA A 114 -8.38 7.46 3.59
N GLN A 115 -7.97 8.65 3.18
CA GLN A 115 -6.57 9.04 3.24
C GLN A 115 -6.07 8.98 4.68
N GLY A 116 -6.80 9.62 5.59
CA GLY A 116 -6.40 9.63 6.99
C GLY A 116 -6.31 8.23 7.56
N ARG A 117 -7.26 7.37 7.22
CA ARG A 117 -7.26 6.00 7.70
C ARG A 117 -6.11 5.21 7.10
N ALA A 118 -5.82 5.47 5.83
CA ALA A 118 -4.73 4.79 5.14
C ALA A 118 -3.39 5.18 5.74
N ARG A 119 -3.21 6.47 5.99
CA ARG A 119 -1.97 6.97 6.57
C ARG A 119 -1.80 6.48 8.00
N LEU A 120 -2.91 6.47 8.75
CA LEU A 120 -2.88 6.02 10.13
C LEU A 120 -2.50 4.55 10.21
N ARG A 121 -3.03 3.76 9.29
CA ARG A 121 -2.74 2.32 9.26
C ARG A 121 -1.24 2.08 9.10
N ALA A 122 -0.65 2.76 8.13
CA ALA A 122 0.78 2.62 7.87
C ALA A 122 1.60 3.03 9.09
N LEU A 123 1.05 3.98 9.86
CA LEU A 123 1.72 4.47 11.05
C LEU A 123 1.70 3.42 12.16
N GLY A 124 0.68 2.57 12.15
CA GLY A 124 0.55 1.53 13.16
C GLY A 124 -0.89 1.16 13.45
N GLN A 125 -1.82 2.02 13.07
CA GLN A 125 -3.24 1.76 13.30
C GLN A 125 -3.71 0.57 12.47
N THR A 126 -4.89 0.05 12.80
CA THR A 126 -5.46 -1.08 12.09
C THR A 126 -6.97 -0.92 11.92
N VAL A 127 -7.56 -1.75 11.06
CA VAL A 127 -8.99 -1.71 10.82
C VAL A 127 -9.41 -0.35 10.28
N SER A 8 14.45 -16.03 -4.92
CA SER A 8 13.84 -15.02 -5.82
C SER A 8 13.28 -13.84 -5.04
N GLU A 9 12.85 -12.80 -5.76
CA GLU A 9 12.31 -11.61 -5.12
C GLU A 9 10.99 -11.19 -5.79
N ILE A 10 10.34 -10.19 -5.22
CA ILE A 10 9.07 -9.70 -5.75
C ILE A 10 9.23 -8.32 -6.37
N ASP A 11 8.94 -8.22 -7.67
CA ASP A 11 9.03 -6.95 -8.37
C ASP A 11 7.83 -6.07 -8.03
N VAL A 12 8.07 -5.05 -7.21
CA VAL A 12 7.01 -4.14 -6.80
C VAL A 12 7.25 -2.74 -7.35
N GLU A 13 6.25 -2.21 -8.04
CA GLU A 13 6.34 -0.87 -8.60
C GLU A 13 5.14 -0.02 -8.22
N ILE A 14 5.38 1.00 -7.40
CA ILE A 14 4.32 1.89 -6.96
C ILE A 14 4.14 3.04 -7.94
N VAL A 15 3.06 2.98 -8.71
CA VAL A 15 2.78 4.01 -9.71
C VAL A 15 1.50 4.77 -9.37
N ALA A 16 1.56 6.09 -9.51
CA ALA A 16 0.41 6.94 -9.24
C ALA A 16 -0.17 7.50 -10.53
N VAL A 17 -1.44 7.92 -10.47
CA VAL A 17 -2.10 8.48 -11.64
C VAL A 17 -1.36 9.69 -12.19
N GLU A 18 -0.57 10.34 -11.33
CA GLU A 18 0.19 11.52 -11.73
C GLU A 18 1.66 11.20 -11.96
N ARG A 19 2.19 10.26 -11.17
CA ARG A 19 3.60 9.89 -11.29
C ARG A 19 3.93 8.64 -10.47
N GLU A 20 5.10 8.06 -10.75
CA GLU A 20 5.54 6.87 -10.03
C GLU A 20 6.29 7.28 -8.76
N ILE A 21 6.15 6.48 -7.71
CA ILE A 21 6.80 6.76 -6.44
C ILE A 21 7.96 5.81 -6.16
N TRP A 22 7.71 4.51 -6.34
CA TRP A 22 8.75 3.51 -6.09
C TRP A 22 8.75 2.41 -7.16
N SER A 23 9.84 1.65 -7.20
CA SER A 23 9.98 0.56 -8.17
C SER A 23 11.23 -0.26 -7.87
N GLY A 24 11.04 -1.54 -7.56
CA GLY A 24 12.17 -2.40 -7.26
C GLY A 24 11.72 -3.81 -6.86
N LYS A 25 12.62 -4.53 -6.19
CA LYS A 25 12.32 -5.89 -5.75
C LYS A 25 12.15 -5.95 -4.23
N ALA A 26 11.42 -6.95 -3.76
CA ALA A 26 11.19 -7.12 -2.33
C ALA A 26 11.24 -8.58 -1.92
N THR A 27 11.21 -8.82 -0.61
CA THR A 27 11.23 -10.19 -0.09
C THR A 27 9.82 -10.66 0.24
N PHE A 28 8.99 -9.72 0.65
CA PHE A 28 7.60 -10.00 1.00
C PHE A 28 6.75 -8.75 0.83
N VAL A 29 5.48 -8.93 0.47
CA VAL A 29 4.58 -7.80 0.28
C VAL A 29 3.14 -8.16 0.66
N PHE A 30 2.53 -7.31 1.47
CA PHE A 30 1.15 -7.53 1.92
C PHE A 30 0.27 -6.35 1.52
N THR A 31 -0.95 -6.64 1.11
CA THR A 31 -1.89 -5.59 0.70
C THR A 31 -3.27 -5.82 1.29
N ARG A 32 -4.08 -4.76 1.32
CA ARG A 32 -5.43 -4.86 1.87
C ARG A 32 -6.47 -4.51 0.80
N THR A 33 -7.28 -5.49 0.44
CA THR A 33 -8.32 -5.29 -0.57
C THR A 33 -9.71 -5.45 0.04
N THR A 34 -10.73 -5.20 -0.76
CA THR A 34 -12.11 -5.31 -0.32
C THR A 34 -12.37 -6.66 0.35
N SER A 35 -11.58 -7.66 -0.02
CA SER A 35 -11.73 -9.00 0.55
C SER A 35 -10.80 -9.22 1.73
N GLY A 36 -10.40 -8.12 2.39
CA GLY A 36 -9.51 -8.23 3.53
C GLY A 36 -8.05 -8.11 3.14
N GLU A 37 -7.17 -8.40 4.09
CA GLU A 37 -5.73 -8.33 3.85
C GLU A 37 -5.20 -9.66 3.33
N ILE A 38 -4.12 -9.60 2.56
CA ILE A 38 -3.50 -10.81 2.01
C ILE A 38 -2.01 -10.63 1.80
N GLY A 39 -1.25 -11.71 1.98
CA GLY A 39 0.19 -11.64 1.81
C GLY A 39 0.64 -12.29 0.51
N ILE A 40 1.64 -11.69 -0.12
CA ILE A 40 2.18 -12.21 -1.37
C ILE A 40 3.66 -12.53 -1.25
N LEU A 41 4.06 -13.65 -1.87
CA LEU A 41 5.46 -14.07 -1.84
C LEU A 41 6.02 -14.17 -3.26
N PRO A 42 7.36 -14.13 -3.39
CA PRO A 42 8.01 -14.21 -4.70
C PRO A 42 8.01 -15.63 -5.26
N HIS A 43 6.81 -16.18 -5.45
CA HIS A 43 6.66 -17.53 -5.98
C HIS A 43 5.19 -17.96 -5.96
N HIS A 44 4.44 -17.54 -6.98
CA HIS A 44 3.03 -17.87 -7.08
C HIS A 44 2.47 -17.48 -8.44
N ILE A 45 1.15 -17.61 -8.59
CA ILE A 45 0.49 -17.28 -9.84
C ILE A 45 -0.03 -15.84 -9.82
N PRO A 46 -0.29 -15.26 -11.01
CA PRO A 46 -0.79 -13.88 -11.13
C PRO A 46 -2.01 -13.63 -10.25
N LEU A 47 -2.40 -12.37 -10.13
CA LEU A 47 -3.55 -11.99 -9.32
C LEU A 47 -3.86 -10.50 -9.47
N VAL A 48 -5.15 -10.16 -9.42
CA VAL A 48 -5.58 -8.78 -9.55
C VAL A 48 -6.74 -8.47 -8.60
N ALA A 49 -6.48 -7.58 -7.65
CA ALA A 49 -7.50 -7.19 -6.68
C ALA A 49 -7.52 -5.69 -6.46
N GLN A 50 -8.63 -5.18 -5.92
CA GLN A 50 -8.78 -3.75 -5.67
C GLN A 50 -8.55 -3.44 -4.19
N LEU A 51 -7.66 -2.49 -3.93
CA LEU A 51 -7.34 -2.09 -2.56
C LEU A 51 -8.47 -1.24 -1.97
N VAL A 52 -8.63 -1.34 -0.66
CA VAL A 52 -9.68 -0.57 0.03
C VAL A 52 -9.32 0.90 0.12
N ASP A 53 -10.25 1.71 0.58
CA ASP A 53 -10.04 3.15 0.71
C ASP A 53 -8.87 3.44 1.64
N ASP A 54 -8.81 2.72 2.75
CA ASP A 54 -7.75 2.91 3.73
C ASP A 54 -6.76 1.74 3.70
N ALA A 55 -6.52 1.21 2.49
CA ALA A 55 -5.61 0.09 2.32
C ALA A 55 -4.18 0.47 2.72
N ALA A 56 -3.43 -0.51 3.20
CA ALA A 56 -2.06 -0.29 3.61
C ALA A 56 -1.15 -1.42 3.11
N VAL A 57 -0.10 -1.05 2.38
CA VAL A 57 0.84 -2.02 1.84
C VAL A 57 2.14 -2.03 2.62
N LYS A 58 2.71 -3.22 2.80
CA LYS A 58 3.96 -3.37 3.53
C LYS A 58 4.96 -4.18 2.71
N ILE A 59 5.94 -3.50 2.12
CA ILE A 59 6.95 -4.15 1.31
C ILE A 59 8.24 -4.37 2.08
N GLU A 60 8.55 -5.64 2.35
CA GLU A 60 9.75 -6.00 3.08
C GLU A 60 10.97 -6.03 2.16
N ARG A 61 12.13 -5.66 2.69
CA ARG A 61 13.36 -5.65 1.90
C ARG A 61 14.41 -6.55 2.51
N GLU A 62 14.92 -7.49 1.72
CA GLU A 62 15.94 -8.41 2.19
C GLU A 62 17.18 -7.65 2.65
N GLY A 63 17.38 -7.62 3.96
CA GLY A 63 18.54 -6.93 4.51
C GLY A 63 18.21 -5.50 4.92
N SER A 64 17.09 -4.97 4.43
CA SER A 64 16.68 -3.62 4.75
C SER A 64 15.32 -3.61 5.44
N ASP A 65 15.02 -2.51 6.13
CA ASP A 65 13.75 -2.38 6.84
C ASP A 65 12.59 -2.28 5.86
N ASP A 66 11.47 -2.91 6.21
CA ASP A 66 10.29 -2.89 5.36
C ASP A 66 9.83 -1.46 5.10
N LEU A 67 8.95 -1.30 4.11
CA LEU A 67 8.43 0.02 3.75
C LEU A 67 6.92 0.08 3.96
N TRP A 68 6.49 0.76 5.01
CA TRP A 68 5.07 0.89 5.31
C TRP A 68 4.50 2.15 4.66
N TRP A 69 3.81 1.96 3.54
CA TRP A 69 3.21 3.06 2.81
C TRP A 69 1.70 2.86 2.63
N ALA A 70 0.97 3.96 2.58
CA ALA A 70 -0.48 3.90 2.42
C ALA A 70 -0.87 4.10 0.96
N ILE A 71 -1.97 3.48 0.56
CA ILE A 71 -2.46 3.57 -0.82
C ILE A 71 -3.81 4.26 -0.88
N ASP A 72 -4.00 5.11 -1.88
CA ASP A 72 -5.27 5.83 -2.04
C ASP A 72 -6.09 5.21 -3.17
N GLY A 73 -6.94 4.26 -2.82
CA GLY A 73 -7.78 3.61 -3.82
C GLY A 73 -6.97 3.03 -4.96
N GLY A 74 -5.98 2.21 -4.62
CA GLY A 74 -5.14 1.60 -5.63
C GLY A 74 -5.52 0.17 -5.95
N PHE A 75 -4.92 -0.38 -6.99
CA PHE A 75 -5.20 -1.75 -7.41
C PHE A 75 -3.92 -2.58 -7.41
N LEU A 76 -4.01 -3.81 -6.93
CA LEU A 76 -2.85 -4.70 -6.88
C LEU A 76 -2.85 -5.67 -8.05
N SER A 77 -1.72 -5.78 -8.73
CA SER A 77 -1.58 -6.67 -9.86
C SER A 77 -0.35 -7.55 -9.71
N ILE A 78 -0.50 -8.84 -10.00
CA ILE A 78 0.59 -9.79 -9.89
C ILE A 78 0.78 -10.57 -11.19
N THR A 79 2.04 -10.76 -11.58
CA THR A 79 2.35 -11.50 -12.80
C THR A 79 3.30 -12.65 -12.50
N ASP A 80 3.59 -13.44 -13.54
CA ASP A 80 4.49 -14.59 -13.40
C ASP A 80 5.77 -14.20 -12.66
N THR A 81 6.17 -12.94 -12.78
CA THR A 81 7.38 -12.45 -12.12
C THR A 81 7.42 -10.93 -12.12
N LYS A 82 6.28 -10.31 -11.84
CA LYS A 82 6.19 -8.86 -11.80
C LYS A 82 4.92 -8.40 -11.09
N VAL A 83 5.06 -7.41 -10.21
CA VAL A 83 3.92 -6.88 -9.47
C VAL A 83 3.89 -5.36 -9.53
N SER A 84 2.76 -4.81 -9.96
CA SER A 84 2.62 -3.36 -10.07
C SER A 84 1.39 -2.87 -9.31
N ILE A 85 1.51 -1.71 -8.68
CA ILE A 85 0.41 -1.13 -7.91
C ILE A 85 0.02 0.23 -8.47
N LEU A 86 -1.18 0.33 -9.00
CA LEU A 86 -1.68 1.58 -9.57
C LEU A 86 -2.73 2.20 -8.65
N ALA A 87 -2.42 3.39 -8.13
CA ALA A 87 -3.34 4.09 -7.23
C ALA A 87 -3.31 5.60 -7.47
N GLU A 88 -4.19 6.31 -6.78
CA GLU A 88 -4.26 7.76 -6.91
C GLU A 88 -2.98 8.41 -6.37
N SER A 89 -2.43 7.82 -5.31
CA SER A 89 -1.21 8.34 -4.71
C SER A 89 -0.74 7.44 -3.57
N ALA A 90 0.44 7.72 -3.04
CA ALA A 90 1.01 6.94 -1.95
C ALA A 90 1.63 7.83 -0.88
N GLN A 91 1.77 7.29 0.32
CA GLN A 91 2.35 8.04 1.43
C GLN A 91 3.10 7.12 2.38
N ALA A 92 4.42 7.24 2.40
CA ALA A 92 5.26 6.41 3.26
C ALA A 92 5.02 6.72 4.73
N ARG A 93 5.26 5.74 5.58
CA ARG A 93 5.06 5.91 7.02
C ARG A 93 5.95 7.03 7.56
N ALA A 94 7.09 7.23 6.93
CA ALA A 94 8.03 8.27 7.35
C ALA A 94 7.47 9.66 7.05
N ASP A 95 6.61 9.75 6.03
CA ASP A 95 6.01 11.02 5.65
C ASP A 95 4.69 11.24 6.38
N ILE A 96 4.08 10.16 6.84
CA ILE A 96 2.81 10.25 7.55
C ILE A 96 3.00 10.86 8.93
N ASP A 97 2.09 11.76 9.31
CA ASP A 97 2.16 12.42 10.61
C ASP A 97 1.04 11.92 11.51
N GLU A 98 1.41 11.42 12.70
CA GLU A 98 0.44 10.91 13.66
C GLU A 98 -0.69 11.91 13.89
N ALA A 99 -0.35 13.19 13.94
CA ALA A 99 -1.34 14.24 14.16
C ALA A 99 -2.16 14.49 12.91
N LYS A 100 -1.53 14.36 11.75
CA LYS A 100 -2.20 14.58 10.47
C LYS A 100 -3.08 13.37 10.11
N ALA A 101 -2.71 12.21 10.63
CA ALA A 101 -3.47 10.99 10.35
C ALA A 101 -4.75 10.94 11.18
N LYS A 102 -4.65 11.37 12.43
CA LYS A 102 -5.81 11.38 13.33
C LYS A 102 -6.82 12.43 12.88
N THR A 103 -6.33 13.61 12.51
CA THR A 103 -7.19 14.69 12.06
C THR A 103 -7.85 14.35 10.73
N ASP A 104 -7.07 13.75 9.83
CA ASP A 104 -7.59 13.36 8.52
C ASP A 104 -8.74 12.38 8.67
N SER A 105 -8.60 11.46 9.62
CA SER A 105 -9.64 10.46 9.87
C SER A 105 -10.84 11.10 10.56
N GLY A 106 -10.59 12.21 11.27
CA GLY A 106 -11.65 12.91 11.96
C GLY A 106 -12.60 13.62 11.02
N SER A 107 -12.09 13.97 9.83
CA SER A 107 -12.90 14.65 8.82
C SER A 107 -14.16 13.86 8.50
N GLU A 108 -15.20 14.57 8.07
CA GLU A 108 -16.47 13.93 7.72
C GLU A 108 -16.47 13.48 6.26
N ASP A 109 -15.70 14.17 5.43
CA ASP A 109 -15.62 13.84 4.01
C ASP A 109 -15.17 12.39 3.81
N PRO A 110 -15.65 11.73 2.75
CA PRO A 110 -15.30 10.35 2.45
C PRO A 110 -13.86 10.21 1.95
N ARG A 111 -13.46 11.10 1.05
CA ARG A 111 -12.11 11.08 0.50
C ARG A 111 -11.07 11.36 1.59
N VAL A 112 -11.37 12.31 2.47
CA VAL A 112 -10.47 12.66 3.55
C VAL A 112 -10.39 11.54 4.58
N ALA A 113 -11.53 10.90 4.85
CA ALA A 113 -11.60 9.81 5.81
C ALA A 113 -10.75 8.63 5.34
N ALA A 114 -10.75 8.39 4.03
CA ALA A 114 -9.99 7.28 3.46
C ALA A 114 -8.49 7.53 3.59
N GLN A 115 -8.07 8.74 3.26
CA GLN A 115 -6.66 9.11 3.33
C GLN A 115 -6.15 9.01 4.77
N GLY A 116 -6.91 9.60 5.69
CA GLY A 116 -6.53 9.57 7.10
C GLY A 116 -6.48 8.16 7.64
N ARG A 117 -7.44 7.34 7.25
CA ARG A 117 -7.51 5.95 7.70
C ARG A 117 -6.37 5.13 7.10
N ALA A 118 -6.03 5.43 5.85
CA ALA A 118 -4.96 4.73 5.16
C ALA A 118 -3.61 5.06 5.79
N ARG A 119 -3.40 6.34 6.06
CA ARG A 119 -2.14 6.78 6.68
C ARG A 119 -2.02 6.24 8.09
N LEU A 120 -3.13 6.23 8.82
CA LEU A 120 -3.14 5.74 10.19
C LEU A 120 -2.75 4.27 10.24
N ARG A 121 -3.22 3.51 9.27
CA ARG A 121 -2.92 2.08 9.19
C ARG A 121 -1.41 1.86 9.03
N ALA A 122 -0.82 2.55 8.06
CA ALA A 122 0.60 2.44 7.81
C ALA A 122 1.41 2.81 9.04
N LEU A 123 0.86 3.69 9.87
CA LEU A 123 1.52 4.13 11.09
C LEU A 123 1.46 3.06 12.17
N GLY A 124 0.42 2.23 12.12
CA GLY A 124 0.26 1.18 13.10
C GLY A 124 -1.19 0.81 13.35
N GLN A 125 -2.10 1.71 12.99
CA GLN A 125 -3.53 1.47 13.18
C GLN A 125 -4.02 0.33 12.29
N THR A 126 -5.27 -0.08 12.49
CA THR A 126 -5.85 -1.16 11.70
C THR A 126 -7.37 -1.02 11.64
N VAL A 127 -7.98 -1.69 10.67
CA VAL A 127 -9.41 -1.65 10.48
C VAL A 127 -10.13 -2.39 11.60
#